data_6MN5
#
_entry.id   6MN5
#
_cell.length_a   77.609
_cell.length_b   131.881
_cell.length_c   266.872
_cell.angle_alpha   90.00
_cell.angle_beta   90.00
_cell.angle_gamma   90.00
#
_symmetry.space_group_name_H-M   'P 21 21 21'
#
loop_
_entity.id
_entity.type
_entity.pdbx_description
1 polymer 'Aminoglycoside N(3)-acetyltransferase, AAC(3)-IVa'
2 non-polymer '(2R,3R,4R,5R)-2-((1S,2S,3R,4S,6R)-4,6-DIAMINO-3-((2R,3R,6S)-3-AMINO-6-(AMINOMETHYL)-TETRAHYDRO-2H-PYRAN-2-YLOXY)-2-HYDR OXYCYCLOHEXYLOXY)-5-METHYL-4-(METHYLAMINO)-TETRAHYDRO-2H-PYRAN-3,5-DIOL'
3 non-polymer 'ZINC ION'
4 non-polymer '4-(2-HYDROXYETHYL)-1-PIPERAZINE ETHANESULFONIC ACID'
5 non-polymer GLYCEROL
6 non-polymer 1,2-ETHANEDIOL
7 non-polymer 3,6,9,12,15,18,21,24,27,30,33,36,39-TRIDECAOXAHENTETRACONTANE-1,41-DIOL
8 water water
#
_entity_poly.entity_id   1
_entity_poly.type   'polypeptide(L)'
_entity_poly.pdbx_seq_one_letter_code
;GQQMMQYEWRKAELIGQLLNLGVTPGGVLLVHSSFRSVRPLEDGPLGLIEALRAALGPGGTLVMPSWSGLDDEPFDPATS
PVTPDLGVVSDTFWRLPNVKRSAHPFAFAAAGPQAEQIISDPLPLPPHSPASPVARVHELDGQVLLLGVGHDANTTLALA
ELMAKVPYGVPRHCTILQDGKLVRVDYLENDHCCERFALADRWLKEKSLQKEGPVGHAFARLIRSRDIVATALGQLGRDP
LIFLHPPEAGCEECDAARQSIG
;
_entity_poly.pdbx_strand_id   A,B,C,D,E,F
#
loop_
_chem_comp.id
_chem_comp.type
_chem_comp.name
_chem_comp.formula
EDO non-polymer 1,2-ETHANEDIOL 'C2 H6 O2'
EPE non-polymer '4-(2-HYDROXYETHYL)-1-PIPERAZINE ETHANESULFONIC ACID' 'C8 H18 N2 O4 S'
GOL non-polymer GLYCEROL 'C3 H8 O3'
LLL non-polymer '(2R,3R,4R,5R)-2-((1S,2S,3R,4S,6R)-4,6-DIAMINO-3-((2R,3R,6S)-3-AMINO-6-(AMINOMETHYL)-TETRAHYDRO-2H-PYRAN-2-YLOXY)-2-HYDR OXYCYCLOHEXYLOXY)-5-METHYL-4-(METHYLAMINO)-TETRAHYDRO-2H-PYRAN-3,5-DIOL' 'C19 H39 N5 O7'
PE3 non-polymer 3,6,9,12,15,18,21,24,27,30,33,36,39-TRIDECAOXAHENTETRACONTANE-1,41-DIOL 'C28 H58 O15'
ZN non-polymer 'ZINC ION' 'Zn 2'
#
# COMPACT_ATOMS: atom_id res chain seq x y z
N GLN A 3 19.66 -2.89 -18.68
CA GLN A 3 18.49 -3.69 -19.01
C GLN A 3 17.67 -3.02 -20.11
N MET A 4 17.13 -3.81 -21.03
CA MET A 4 16.40 -3.26 -22.15
C MET A 4 15.51 -4.23 -22.87
N MET A 5 16.06 -5.36 -23.33
CA MET A 5 15.31 -6.37 -24.08
C MET A 5 15.56 -7.74 -23.47
N GLN A 6 15.16 -7.90 -22.21
CA GLN A 6 15.44 -9.11 -21.47
C GLN A 6 14.32 -10.13 -21.62
N TYR A 7 14.67 -11.39 -21.39
CA TYR A 7 13.74 -12.49 -21.61
C TYR A 7 12.66 -12.50 -20.54
N GLU A 8 11.39 -12.57 -20.98
CA GLU A 8 10.24 -12.57 -20.08
C GLU A 8 9.79 -14.00 -19.88
N TRP A 9 10.27 -14.61 -18.79
CA TRP A 9 10.06 -16.04 -18.55
C TRP A 9 8.58 -16.38 -18.46
N ARG A 10 8.20 -17.47 -19.13
CA ARG A 10 6.84 -17.96 -19.09
C ARG A 10 6.64 -18.92 -17.91
N LYS A 11 5.38 -19.29 -17.68
CA LYS A 11 5.04 -20.13 -16.53
C LYS A 11 5.76 -21.48 -16.61
N ALA A 12 5.71 -22.14 -17.77
CA ALA A 12 6.32 -23.45 -17.89
C ALA A 12 7.83 -23.40 -17.65
N GLU A 13 8.48 -22.32 -18.10
CA GLU A 13 9.92 -22.18 -17.85
C GLU A 13 10.19 -21.99 -16.37
N LEU A 14 9.42 -21.13 -15.70
CA LEU A 14 9.62 -20.90 -14.27
C LEU A 14 9.42 -22.19 -13.48
N ILE A 15 8.44 -23.00 -13.87
CA ILE A 15 8.27 -24.31 -13.23
C ILE A 15 9.54 -25.14 -13.38
N GLY A 16 10.09 -25.17 -14.60
CA GLY A 16 11.30 -25.93 -14.82
C GLY A 16 12.47 -25.44 -13.99
N GLN A 17 12.62 -24.11 -13.86
CA GLN A 17 13.68 -23.56 -13.03
C GLN A 17 13.50 -23.96 -11.58
N LEU A 18 12.26 -23.98 -11.11
CA LEU A 18 11.99 -24.34 -9.72
C LEU A 18 12.26 -25.81 -9.45
N LEU A 19 11.85 -26.69 -10.37
CA LEU A 19 12.17 -28.11 -10.22
C LEU A 19 13.67 -28.35 -10.30
N ASN A 20 14.33 -27.74 -11.30
CA ASN A 20 15.77 -27.89 -11.46
C ASN A 20 16.53 -27.39 -10.24
N LEU A 21 15.92 -26.50 -9.46
CA LEU A 21 16.55 -25.99 -8.26
C LEU A 21 16.37 -26.91 -7.06
N GLY A 22 15.34 -27.75 -7.08
CA GLY A 22 15.15 -28.73 -6.03
C GLY A 22 13.81 -28.68 -5.32
N VAL A 23 12.89 -27.82 -5.81
CA VAL A 23 11.56 -27.75 -5.23
C VAL A 23 10.84 -29.08 -5.47
N THR A 24 10.34 -29.68 -4.39
CA THR A 24 9.73 -30.99 -4.57
C THR A 24 8.21 -30.92 -4.39
N PRO A 25 7.45 -31.62 -5.24
CA PRO A 25 5.99 -31.50 -5.19
C PRO A 25 5.42 -32.01 -3.88
N GLY A 26 4.41 -31.31 -3.38
CA GLY A 26 3.70 -31.73 -2.19
C GLY A 26 4.32 -31.31 -0.88
N GLY A 27 5.35 -30.47 -0.90
CA GLY A 27 6.01 -30.03 0.31
C GLY A 27 5.58 -28.63 0.73
N VAL A 28 6.13 -28.20 1.86
CA VAL A 28 5.92 -26.86 2.38
C VAL A 28 7.08 -25.99 1.94
N LEU A 29 6.78 -24.83 1.36
CA LEU A 29 7.79 -23.98 0.75
C LEU A 29 7.60 -22.56 1.26
N LEU A 30 8.56 -22.07 2.05
CA LEU A 30 8.57 -20.69 2.54
C LEU A 30 9.43 -19.86 1.59
N VAL A 31 8.85 -18.81 1.03
CA VAL A 31 9.48 -18.02 -0.03
C VAL A 31 9.64 -16.59 0.43
N HIS A 32 10.89 -16.12 0.46
CA HIS A 32 11.23 -14.71 0.55
C HIS A 32 11.73 -14.26 -0.80
N SER A 33 11.21 -13.13 -1.31
CA SER A 33 11.46 -12.77 -2.69
C SER A 33 11.66 -11.28 -2.84
N SER A 34 12.50 -10.91 -3.80
CA SER A 34 12.62 -9.54 -4.30
C SER A 34 12.28 -9.59 -5.78
N PHE A 35 11.08 -9.12 -6.13
CA PHE A 35 10.65 -9.20 -7.52
C PHE A 35 11.54 -8.37 -8.44
N ARG A 36 12.19 -7.34 -7.89
CA ARG A 36 13.08 -6.51 -8.70
C ARG A 36 14.21 -7.33 -9.30
N SER A 37 14.66 -8.37 -8.60
CA SER A 37 15.65 -9.30 -9.15
C SER A 37 15.03 -10.38 -10.01
N VAL A 38 13.78 -10.77 -9.73
CA VAL A 38 13.13 -11.84 -10.50
C VAL A 38 12.69 -11.33 -11.86
N ARG A 39 12.13 -10.12 -11.92
CA ARG A 39 11.52 -9.60 -13.14
C ARG A 39 12.58 -9.42 -14.23
N PRO A 40 12.16 -9.37 -15.51
CA PRO A 40 10.78 -9.47 -16.00
C PRO A 40 10.26 -10.90 -16.20
N LEU A 41 9.02 -11.12 -15.81
CA LEU A 41 8.29 -12.35 -16.12
C LEU A 41 7.17 -12.02 -17.09
N GLU A 42 6.71 -13.05 -17.81
CA GLU A 42 5.63 -12.83 -18.78
C GLU A 42 4.34 -12.40 -18.09
N ASP A 43 4.08 -12.92 -16.88
CA ASP A 43 2.83 -12.64 -16.18
C ASP A 43 3.05 -11.84 -14.91
N GLY A 44 4.18 -11.15 -14.78
CA GLY A 44 4.42 -10.27 -13.67
C GLY A 44 4.58 -11.01 -12.34
N PRO A 45 4.41 -10.28 -11.24
CA PRO A 45 4.50 -10.95 -9.92
C PRO A 45 3.52 -12.10 -9.77
N LEU A 46 2.32 -11.96 -10.34
CA LEU A 46 1.34 -13.04 -10.28
C LEU A 46 1.85 -14.31 -10.95
N GLY A 47 2.60 -14.15 -12.05
CA GLY A 47 3.15 -15.30 -12.73
C GLY A 47 4.14 -16.07 -11.88
N LEU A 48 4.86 -15.40 -10.99
CA LEU A 48 5.77 -16.08 -10.09
C LEU A 48 5.01 -16.95 -9.09
N ILE A 49 3.97 -16.38 -8.48
CA ILE A 49 3.15 -17.13 -7.53
C ILE A 49 2.52 -18.34 -8.22
N GLU A 50 1.96 -18.14 -9.41
CA GLU A 50 1.34 -19.25 -10.12
C GLU A 50 2.36 -20.35 -10.43
N ALA A 51 3.59 -19.98 -10.76
CA ALA A 51 4.62 -20.97 -11.02
C ALA A 51 5.00 -21.71 -9.75
N LEU A 52 5.17 -20.98 -8.64
CA LEU A 52 5.47 -21.62 -7.37
C LEU A 52 4.41 -22.65 -7.00
N ARG A 53 3.13 -22.33 -7.23
CA ARG A 53 2.08 -23.25 -6.85
C ARG A 53 1.97 -24.41 -7.83
N ALA A 54 2.22 -24.16 -9.11
CA ALA A 54 2.22 -25.26 -10.07
C ALA A 54 3.38 -26.22 -9.81
N ALA A 55 4.52 -25.70 -9.35
CA ALA A 55 5.65 -26.58 -9.01
C ALA A 55 5.33 -27.43 -7.78
N LEU A 56 4.74 -26.83 -6.75
CA LEU A 56 4.39 -27.58 -5.56
C LEU A 56 3.23 -28.53 -5.79
N GLY A 57 2.39 -28.27 -6.79
CA GLY A 57 1.23 -29.09 -7.05
C GLY A 57 0.10 -28.78 -6.09
N PRO A 58 -1.04 -29.45 -6.28
CA PRO A 58 -2.19 -29.20 -5.39
C PRO A 58 -1.97 -29.67 -3.97
N GLY A 59 -0.96 -30.50 -3.70
CA GLY A 59 -0.74 -31.03 -2.37
C GLY A 59 0.23 -30.22 -1.55
N GLY A 60 1.00 -29.35 -2.20
CA GLY A 60 1.97 -28.53 -1.49
C GLY A 60 1.35 -27.29 -0.89
N THR A 61 2.14 -26.62 -0.05
CA THR A 61 1.69 -25.40 0.63
C THR A 61 2.72 -24.31 0.42
N LEU A 62 2.30 -23.23 -0.24
CA LEU A 62 3.14 -22.05 -0.42
C LEU A 62 2.98 -21.13 0.79
N VAL A 63 4.10 -20.68 1.33
CA VAL A 63 4.12 -19.83 2.51
C VAL A 63 5.00 -18.62 2.23
N MET A 64 4.59 -17.46 2.74
CA MET A 64 5.34 -16.22 2.58
C MET A 64 5.17 -15.38 3.84
N PRO A 65 6.14 -14.51 4.14
CA PRO A 65 5.94 -13.54 5.22
C PRO A 65 4.85 -12.54 4.87
N SER A 66 4.17 -12.04 5.91
CA SER A 66 3.04 -11.14 5.70
C SER A 66 2.89 -10.08 6.79
N TRP A 67 3.94 -9.78 7.54
CA TRP A 67 3.80 -8.86 8.67
C TRP A 67 3.72 -7.42 8.20
N SER A 68 3.06 -6.59 9.00
CA SER A 68 2.76 -5.22 8.62
C SER A 68 3.91 -4.26 8.89
N GLY A 69 4.81 -4.60 9.80
CA GLY A 69 5.90 -3.70 10.14
C GLY A 69 5.51 -2.50 10.95
N LEU A 70 4.30 -2.45 11.51
CA LEU A 70 3.80 -1.30 12.23
C LEU A 70 3.64 -1.65 13.71
N ASP A 71 4.33 -0.90 14.57
CA ASP A 71 4.29 -1.18 16.00
C ASP A 71 3.10 -0.52 16.70
N ASP A 72 2.51 0.52 16.10
CA ASP A 72 1.51 1.33 16.78
C ASP A 72 0.12 1.20 16.19
N GLU A 73 -0.07 0.29 15.22
CA GLU A 73 -1.39 0.09 14.64
C GLU A 73 -1.80 -1.38 14.77
N PRO A 74 -3.07 -1.65 15.04
CA PRO A 74 -3.54 -3.04 15.10
C PRO A 74 -3.57 -3.65 13.71
N PHE A 75 -3.52 -4.99 13.68
CA PHE A 75 -3.40 -5.76 12.45
C PHE A 75 -4.75 -6.35 12.06
N ASP A 76 -5.07 -6.24 10.78
CA ASP A 76 -6.29 -6.82 10.21
C ASP A 76 -5.89 -7.76 9.09
N PRO A 77 -6.10 -9.08 9.22
CA PRO A 77 -5.65 -10.00 8.17
C PRO A 77 -6.30 -9.77 6.82
N ALA A 78 -7.45 -9.10 6.78
CA ALA A 78 -8.14 -8.88 5.52
C ALA A 78 -7.73 -7.60 4.83
N THR A 79 -7.15 -6.64 5.55
CA THR A 79 -6.85 -5.33 4.98
C THR A 79 -5.42 -4.83 5.20
N SER A 80 -4.72 -5.31 6.23
CA SER A 80 -3.40 -4.78 6.56
C SER A 80 -2.39 -5.10 5.46
N PRO A 81 -1.80 -4.11 4.81
CA PRO A 81 -0.74 -4.37 3.84
C PRO A 81 0.53 -4.87 4.54
N VAL A 82 1.30 -5.69 3.82
CA VAL A 82 2.58 -6.10 4.35
C VAL A 82 3.55 -4.93 4.30
N THR A 83 4.57 -4.98 5.15
CA THR A 83 5.59 -3.94 5.15
C THR A 83 6.27 -3.90 3.78
N PRO A 84 6.54 -2.72 3.24
CA PRO A 84 7.13 -2.64 1.88
C PRO A 84 8.44 -3.39 1.74
N ASP A 85 9.17 -3.63 2.84
CA ASP A 85 10.44 -4.34 2.75
C ASP A 85 10.28 -5.79 2.37
N LEU A 86 9.08 -6.36 2.50
CA LEU A 86 8.88 -7.76 2.16
C LEU A 86 8.65 -7.98 0.66
N GLY A 87 8.30 -6.94 -0.08
CA GLY A 87 8.19 -7.04 -1.52
C GLY A 87 6.73 -7.10 -1.99
N VAL A 88 6.58 -6.91 -3.31
CA VAL A 88 5.25 -6.88 -3.91
C VAL A 88 4.65 -8.28 -3.95
N VAL A 89 5.48 -9.32 -4.07
CA VAL A 89 4.94 -10.68 -4.16
C VAL A 89 4.27 -11.08 -2.86
N SER A 90 4.88 -10.74 -1.72
CA SER A 90 4.26 -11.05 -0.44
C SER A 90 3.00 -10.21 -0.22
N ASP A 91 3.00 -8.96 -0.69
CA ASP A 91 1.81 -8.12 -0.54
C ASP A 91 0.67 -8.61 -1.42
N THR A 92 0.97 -9.19 -2.58
CA THR A 92 -0.06 -9.68 -3.47
C THR A 92 -0.54 -11.08 -3.08
N PHE A 93 0.36 -11.90 -2.54
CA PHE A 93 0.05 -13.31 -2.29
C PHE A 93 -1.13 -13.46 -1.32
N TRP A 94 -1.12 -12.70 -0.22
CA TRP A 94 -2.11 -12.91 0.81
C TRP A 94 -3.51 -12.45 0.38
N ARG A 95 -3.61 -11.61 -0.63
CA ARG A 95 -4.92 -11.16 -1.11
C ARG A 95 -5.57 -12.12 -2.08
N LEU A 96 -4.84 -13.12 -2.57
CA LEU A 96 -5.37 -14.04 -3.56
C LEU A 96 -6.39 -14.99 -2.95
N PRO A 97 -7.26 -15.58 -3.78
CA PRO A 97 -8.29 -16.49 -3.26
C PRO A 97 -7.71 -17.67 -2.51
N ASN A 98 -8.43 -18.09 -1.47
CA ASN A 98 -8.13 -19.26 -0.66
C ASN A 98 -6.79 -19.18 0.06
N VAL A 99 -6.17 -18.01 0.11
CA VAL A 99 -4.91 -17.83 0.82
C VAL A 99 -5.23 -17.48 2.27
N LYS A 100 -4.73 -18.29 3.20
CA LYS A 100 -4.94 -18.04 4.61
C LYS A 100 -3.82 -17.15 5.15
N ARG A 101 -4.17 -16.37 6.18
CA ARG A 101 -3.25 -15.41 6.77
C ARG A 101 -3.40 -15.44 8.27
N SER A 102 -2.31 -15.27 9.00
CA SER A 102 -2.38 -15.29 10.44
C SER A 102 -2.92 -13.95 10.96
N ALA A 103 -3.52 -14.00 12.14
CA ALA A 103 -4.26 -12.86 12.69
C ALA A 103 -3.46 -12.22 13.83
N HIS A 104 -2.32 -11.65 13.47
CA HIS A 104 -1.50 -10.88 14.39
C HIS A 104 -0.48 -10.09 13.58
N PRO A 105 0.09 -9.02 14.16
CA PRO A 105 0.98 -8.15 13.35
C PRO A 105 2.22 -8.84 12.81
N PHE A 106 2.59 -10.01 13.31
CA PHE A 106 3.74 -10.75 12.78
C PHE A 106 3.29 -11.84 11.82
N ALA A 107 2.43 -11.47 10.88
CA ALA A 107 1.70 -12.45 10.10
C ALA A 107 2.57 -13.12 9.04
N PHE A 108 2.26 -14.38 8.77
CA PHE A 108 2.63 -15.08 7.55
C PHE A 108 1.36 -15.40 6.76
N ALA A 109 1.53 -15.80 5.52
CA ALA A 109 0.43 -16.23 4.68
C ALA A 109 0.75 -17.59 4.08
N ALA A 110 -0.29 -18.39 3.85
CA ALA A 110 -0.09 -19.74 3.35
C ALA A 110 -1.30 -20.21 2.56
N ALA A 111 -1.06 -21.09 1.61
CA ALA A 111 -2.11 -21.68 0.79
C ALA A 111 -1.73 -23.12 0.47
N GLY A 112 -2.66 -24.05 0.72
CA GLY A 112 -2.40 -25.45 0.52
C GLY A 112 -3.02 -26.31 1.61
N PRO A 113 -2.88 -27.63 1.49
CA PRO A 113 -3.51 -28.53 2.46
C PRO A 113 -2.98 -28.37 3.87
N GLN A 114 -1.78 -27.81 4.04
CA GLN A 114 -1.18 -27.63 5.36
C GLN A 114 -1.12 -26.17 5.78
N ALA A 115 -1.88 -25.30 5.12
CA ALA A 115 -1.79 -23.88 5.39
C ALA A 115 -2.17 -23.55 6.83
N GLU A 116 -3.31 -24.07 7.29
CA GLU A 116 -3.79 -23.70 8.62
C GLU A 116 -2.95 -24.30 9.74
N GLN A 117 -2.23 -25.39 9.49
CA GLN A 117 -1.24 -25.85 10.47
C GLN A 117 -0.09 -24.87 10.63
N ILE A 118 0.05 -23.93 9.71
CA ILE A 118 1.18 -23.01 9.70
C ILE A 118 0.82 -21.62 10.22
N ILE A 119 -0.40 -21.14 10.00
CA ILE A 119 -0.75 -19.75 10.25
C ILE A 119 -1.80 -19.56 11.33
N SER A 120 -2.35 -20.64 11.89
CA SER A 120 -3.46 -20.50 12.83
C SER A 120 -3.01 -20.39 14.29
N ASP A 121 -1.83 -19.76 14.54
CA ASP A 121 -1.39 -19.49 15.90
C ASP A 121 -1.69 -18.05 16.28
N PRO A 122 -1.98 -17.77 17.54
CA PRO A 122 -2.19 -16.40 17.99
C PRO A 122 -0.85 -15.66 18.09
N LEU A 123 -0.93 -14.41 18.53
CA LEU A 123 0.20 -13.48 18.64
C LEU A 123 1.42 -14.13 19.31
N PRO A 124 2.48 -14.41 18.56
CA PRO A 124 3.68 -15.00 19.16
C PRO A 124 4.61 -13.95 19.74
N LEU A 125 5.16 -14.29 20.91
CA LEU A 125 6.12 -13.43 21.61
C LEU A 125 7.34 -14.27 21.98
N PRO A 126 8.52 -14.00 21.41
CA PRO A 126 8.82 -13.03 20.35
C PRO A 126 8.20 -13.43 19.02
N PRO A 127 8.25 -12.56 18.01
CA PRO A 127 7.59 -12.89 16.72
C PRO A 127 7.98 -14.24 16.15
N HIS A 128 9.25 -14.64 16.26
CA HIS A 128 9.74 -15.87 15.64
C HIS A 128 9.98 -16.97 16.66
N SER A 129 9.17 -17.01 17.72
CA SER A 129 9.28 -18.05 18.73
C SER A 129 8.69 -19.35 18.20
N PRO A 130 8.79 -20.44 18.96
CA PRO A 130 7.94 -21.60 18.67
C PRO A 130 6.48 -21.20 18.72
N ALA A 131 5.64 -22.03 18.09
CA ALA A 131 4.21 -21.72 17.92
C ALA A 131 4.02 -20.42 17.15
N SER A 132 4.89 -20.18 16.18
CA SER A 132 4.80 -19.11 15.20
C SER A 132 4.98 -19.72 13.82
N PRO A 133 4.55 -19.03 12.77
CA PRO A 133 4.61 -19.64 11.42
C PRO A 133 5.99 -20.15 11.01
N VAL A 134 7.05 -19.38 11.29
CA VAL A 134 8.38 -19.83 10.87
C VAL A 134 8.78 -21.09 11.61
N ALA A 135 8.30 -21.28 12.84
CA ALA A 135 8.61 -22.52 13.55
C ALA A 135 7.73 -23.66 13.08
N ARG A 136 6.49 -23.38 12.66
CA ARG A 136 5.64 -24.43 12.12
C ARG A 136 6.22 -24.96 10.81
N VAL A 137 6.78 -24.09 9.97
CA VAL A 137 7.46 -24.54 8.77
C VAL A 137 8.62 -25.46 9.13
N HIS A 138 9.39 -25.09 10.17
CA HIS A 138 10.46 -25.95 10.64
C HIS A 138 9.91 -27.28 11.15
N GLU A 139 8.81 -27.22 11.90
CA GLU A 139 8.21 -28.44 12.43
C GLU A 139 7.68 -29.32 11.31
N LEU A 140 7.17 -28.72 10.23
CA LEU A 140 6.66 -29.47 9.09
C LEU A 140 7.74 -29.83 8.08
N ASP A 141 9.02 -29.61 8.42
CA ASP A 141 10.15 -30.07 7.61
C ASP A 141 10.12 -29.47 6.20
N GLY A 142 9.77 -28.19 6.10
CA GLY A 142 9.62 -27.54 4.82
C GLY A 142 10.93 -27.04 4.25
N GLN A 143 10.83 -26.47 3.05
CA GLN A 143 11.97 -25.88 2.36
C GLN A 143 11.85 -24.37 2.36
N VAL A 144 13.00 -23.70 2.46
CA VAL A 144 13.08 -22.24 2.41
C VAL A 144 13.74 -21.85 1.10
N LEU A 145 13.13 -20.91 0.38
CA LEU A 145 13.65 -20.46 -0.90
C LEU A 145 13.84 -18.95 -0.87
N LEU A 146 15.09 -18.51 -0.99
CA LEU A 146 15.41 -17.10 -1.08
C LEU A 146 15.51 -16.71 -2.55
N LEU A 147 14.75 -15.70 -2.96
CA LEU A 147 14.52 -15.38 -4.36
C LEU A 147 14.97 -13.94 -4.62
N GLY A 148 16.26 -13.76 -4.91
CA GLY A 148 16.79 -12.42 -5.10
C GLY A 148 17.14 -11.71 -3.82
N VAL A 149 17.14 -12.41 -2.68
CA VAL A 149 17.57 -11.85 -1.41
C VAL A 149 18.51 -12.86 -0.77
N GLY A 150 19.33 -12.35 0.15
CA GLY A 150 20.29 -13.17 0.87
C GLY A 150 19.74 -13.67 2.18
N HIS A 151 20.64 -14.29 2.97
CA HIS A 151 20.26 -14.81 4.27
C HIS A 151 19.89 -13.71 5.26
N ASP A 152 20.18 -12.44 4.94
CA ASP A 152 19.69 -11.34 5.76
C ASP A 152 18.17 -11.28 5.77
N ALA A 153 17.50 -11.96 4.83
CA ALA A 153 16.06 -12.08 4.81
C ALA A 153 15.59 -13.47 5.24
N ASN A 154 16.50 -14.35 5.65
CA ASN A 154 16.16 -15.71 6.07
C ASN A 154 15.66 -15.65 7.50
N THR A 155 14.33 -15.56 7.64
CA THR A 155 13.72 -15.43 8.96
C THR A 155 13.98 -16.65 9.83
N THR A 156 14.12 -17.83 9.22
CA THR A 156 14.41 -19.03 9.97
C THR A 156 15.67 -18.89 10.82
N LEU A 157 16.61 -18.04 10.40
CA LEU A 157 17.80 -17.81 11.21
C LEU A 157 17.48 -17.10 12.51
N ALA A 158 16.49 -16.20 12.50
CA ALA A 158 16.05 -15.57 13.74
C ALA A 158 15.39 -16.58 14.66
N LEU A 159 14.66 -17.55 14.10
CA LEU A 159 14.13 -18.64 14.90
C LEU A 159 15.26 -19.45 15.54
N ALA A 160 16.32 -19.70 14.78
CA ALA A 160 17.48 -20.39 15.33
C ALA A 160 18.12 -19.61 16.47
N GLU A 161 18.15 -18.28 16.34
CA GLU A 161 18.65 -17.45 17.43
C GLU A 161 17.86 -17.69 18.72
N LEU A 162 16.53 -17.76 18.61
CA LEU A 162 15.71 -17.99 19.80
C LEU A 162 15.91 -19.39 20.35
N MET A 163 15.93 -20.40 19.46
CA MET A 163 16.09 -21.78 19.92
C MET A 163 17.44 -22.01 20.58
N ALA A 164 18.45 -21.20 20.25
CA ALA A 164 19.73 -21.24 20.95
C ALA A 164 19.68 -20.49 22.27
N LYS A 165 18.55 -19.85 22.59
CA LYS A 165 18.41 -19.02 23.79
C LYS A 165 19.55 -18.00 23.89
N VAL A 166 19.85 -17.42 22.73
CA VAL A 166 20.77 -16.30 22.54
C VAL A 166 20.61 -15.25 23.64
N PRO A 167 21.69 -14.67 24.15
CA PRO A 167 21.59 -13.81 25.34
C PRO A 167 21.27 -12.34 25.09
N TYR A 168 20.96 -11.92 23.86
CA TYR A 168 20.60 -10.53 23.61
C TYR A 168 19.12 -10.40 23.27
N GLY A 169 18.52 -9.32 23.74
CA GLY A 169 17.11 -9.05 23.51
C GLY A 169 16.77 -7.62 23.83
N VAL A 170 16.32 -6.86 22.83
CA VAL A 170 16.05 -5.44 22.98
C VAL A 170 14.54 -5.22 23.10
N PRO A 171 14.09 -4.17 23.81
CA PRO A 171 12.65 -3.95 23.94
C PRO A 171 12.01 -3.50 22.64
N ARG A 172 10.96 -4.21 22.23
CA ARG A 172 10.12 -3.84 21.11
C ARG A 172 8.67 -3.93 21.55
N HIS A 173 7.76 -3.50 20.69
CA HIS A 173 6.35 -3.53 21.03
C HIS A 173 5.51 -3.54 19.78
N CYS A 174 4.26 -4.00 19.94
CA CYS A 174 3.25 -3.94 18.89
C CYS A 174 1.93 -3.52 19.53
N THR A 175 0.89 -3.43 18.71
CA THR A 175 -0.41 -2.96 19.16
C THR A 175 -1.48 -3.95 18.72
N ILE A 176 -2.35 -4.34 19.65
CA ILE A 176 -3.46 -5.23 19.36
C ILE A 176 -4.76 -4.55 19.81
N LEU A 177 -5.88 -5.12 19.38
CA LEU A 177 -7.21 -4.66 19.77
C LEU A 177 -7.84 -5.72 20.66
N GLN A 178 -7.90 -5.42 21.95
CA GLN A 178 -8.51 -6.30 22.94
C GLN A 178 -9.76 -5.63 23.49
N ASP A 179 -10.91 -6.24 23.25
CA ASP A 179 -12.19 -5.74 23.75
C ASP A 179 -12.48 -4.32 23.25
N GLY A 180 -11.99 -3.98 22.07
CA GLY A 180 -12.28 -2.71 21.45
C GLY A 180 -11.33 -1.58 21.77
N LYS A 181 -10.37 -1.79 22.66
CA LYS A 181 -9.40 -0.76 23.01
C LYS A 181 -8.01 -1.14 22.49
N LEU A 182 -7.25 -0.14 22.07
CA LEU A 182 -5.90 -0.37 21.58
C LEU A 182 -4.97 -0.67 22.74
N VAL A 183 -4.37 -1.86 22.72
CA VAL A 183 -3.45 -2.29 23.77
C VAL A 183 -2.07 -2.50 23.15
N ARG A 184 -1.06 -1.85 23.72
CA ARG A 184 0.31 -2.06 23.27
C ARG A 184 0.92 -3.21 24.07
N VAL A 185 1.72 -4.01 23.38
CA VAL A 185 2.27 -5.24 23.95
C VAL A 185 3.79 -5.15 23.86
N ASP A 186 4.45 -5.02 25.01
CA ASP A 186 5.91 -4.90 25.05
C ASP A 186 6.54 -6.28 25.18
N TYR A 187 7.64 -6.47 24.45
CA TYR A 187 8.36 -7.74 24.46
C TYR A 187 9.83 -7.49 24.17
N LEU A 188 10.63 -8.55 24.25
CA LEU A 188 12.05 -8.51 23.94
C LEU A 188 12.30 -9.28 22.65
N GLU A 189 12.99 -8.66 21.71
CA GLU A 189 13.28 -9.26 20.42
C GLU A 189 14.78 -9.39 20.22
N ASN A 190 15.18 -10.47 19.56
CA ASN A 190 16.58 -10.73 19.25
C ASN A 190 16.93 -10.08 17.91
N ASP A 191 16.96 -8.75 17.91
CA ASP A 191 17.08 -7.98 16.69
C ASP A 191 18.41 -7.25 16.63
N HIS A 192 19.00 -7.24 15.42
CA HIS A 192 20.19 -6.47 15.13
C HIS A 192 20.14 -6.02 13.68
N CYS A 193 21.30 -5.83 13.04
CA CYS A 193 21.33 -5.34 11.68
C CYS A 193 21.12 -6.45 10.64
N CYS A 194 21.28 -7.71 11.04
CA CYS A 194 21.07 -8.91 10.21
C CYS A 194 22.09 -9.05 9.08
N GLU A 195 23.08 -8.16 8.98
CA GLU A 195 24.05 -8.26 7.90
C GLU A 195 24.86 -9.55 7.98
N ARG A 196 25.26 -9.94 9.19
CA ARG A 196 26.10 -11.13 9.35
C ARG A 196 25.31 -12.42 9.23
N PHE A 197 24.01 -12.37 8.93
CA PHE A 197 23.29 -13.57 8.54
C PHE A 197 23.91 -14.21 7.30
N ALA A 198 24.63 -13.42 6.49
CA ALA A 198 25.22 -13.93 5.25
C ALA A 198 26.28 -15.00 5.51
N LEU A 199 26.78 -15.10 6.75
CA LEU A 199 27.72 -16.16 7.07
C LEU A 199 27.12 -17.54 6.85
N ALA A 200 25.78 -17.65 6.84
CA ALA A 200 25.14 -18.93 6.58
C ALA A 200 25.45 -19.48 5.19
N ASP A 201 25.81 -18.61 4.24
CA ASP A 201 26.17 -19.07 2.90
CA ASP A 201 26.17 -19.07 2.90
C ASP A 201 27.32 -20.07 2.95
N ARG A 202 28.43 -19.68 3.59
CA ARG A 202 29.58 -20.58 3.69
C ARG A 202 29.24 -21.80 4.55
N TRP A 203 28.48 -21.60 5.64
CA TRP A 203 28.14 -22.71 6.52
C TRP A 203 27.35 -23.78 5.77
N LEU A 204 26.27 -23.37 5.11
CA LEU A 204 25.40 -24.34 4.44
C LEU A 204 26.07 -24.94 3.21
N LYS A 205 26.88 -24.15 2.49
CA LYS A 205 27.52 -24.67 1.29
C LYS A 205 28.62 -25.66 1.63
N GLU A 206 29.32 -25.47 2.75
CA GLU A 206 30.38 -26.40 3.14
C GLU A 206 29.80 -27.79 3.42
N LYS A 207 28.58 -27.86 3.92
CA LYS A 207 27.90 -29.13 4.13
C LYS A 207 27.02 -29.53 2.95
N SER A 208 27.09 -28.78 1.85
CA SER A 208 26.29 -29.03 0.65
C SER A 208 24.81 -29.17 1.00
N LEU A 209 24.30 -28.14 1.67
CA LEU A 209 22.90 -28.08 2.07
C LEU A 209 22.12 -26.97 1.37
N GLN A 210 22.76 -26.21 0.47
CA GLN A 210 22.14 -25.08 -0.19
C GLN A 210 22.21 -25.28 -1.70
N LYS A 211 21.05 -25.50 -2.33
CA LYS A 211 20.98 -25.56 -3.78
C LYS A 211 20.84 -24.15 -4.35
N GLU A 212 21.58 -23.88 -5.42
CA GLU A 212 21.60 -22.57 -6.05
C GLU A 212 21.30 -22.71 -7.53
N GLY A 213 20.62 -21.69 -8.07
CA GLY A 213 20.24 -21.68 -9.46
C GLY A 213 19.35 -20.50 -9.79
N PRO A 214 19.03 -20.32 -11.07
CA PRO A 214 18.18 -19.19 -11.47
C PRO A 214 16.71 -19.51 -11.33
N VAL A 215 15.96 -18.52 -10.85
CA VAL A 215 14.50 -18.55 -10.87
C VAL A 215 14.07 -17.23 -11.50
N GLY A 216 13.56 -17.29 -12.72
CA GLY A 216 13.44 -16.07 -13.49
C GLY A 216 14.82 -15.51 -13.77
N HIS A 217 15.02 -14.24 -13.44
CA HIS A 217 16.32 -13.60 -13.55
C HIS A 217 17.09 -13.55 -12.25
N ALA A 218 16.54 -14.09 -11.17
CA ALA A 218 17.11 -13.94 -9.84
C ALA A 218 17.99 -15.12 -9.45
N PHE A 219 19.04 -14.82 -8.69
CA PHE A 219 19.81 -15.86 -8.03
C PHE A 219 19.00 -16.44 -6.89
N ALA A 220 18.73 -17.74 -6.95
CA ALA A 220 17.88 -18.40 -5.97
C ALA A 220 18.68 -19.33 -5.08
N ARG A 221 18.35 -19.33 -3.79
CA ARG A 221 18.93 -20.24 -2.81
C ARG A 221 17.80 -21.08 -2.21
N LEU A 222 17.97 -22.39 -2.22
CA LEU A 222 16.98 -23.32 -1.67
C LEU A 222 17.63 -24.15 -0.58
N ILE A 223 17.09 -24.05 0.65
CA ILE A 223 17.63 -24.76 1.81
C ILE A 223 16.47 -25.32 2.63
N ARG A 224 16.69 -26.48 3.23
CA ARG A 224 15.70 -27.04 4.14
C ARG A 224 15.66 -26.25 5.45
N SER A 225 14.45 -26.12 6.01
CA SER A 225 14.31 -25.39 7.27
C SER A 225 15.09 -26.07 8.39
N ARG A 226 15.03 -27.41 8.44
CA ARG A 226 15.80 -28.14 9.44
C ARG A 226 17.30 -27.93 9.27
N ASP A 227 17.75 -27.86 8.01
CA ASP A 227 19.18 -27.66 7.75
C ASP A 227 19.63 -26.25 8.11
N ILE A 228 18.77 -25.26 7.92
CA ILE A 228 19.10 -23.90 8.35
C ILE A 228 19.22 -23.84 9.87
N VAL A 229 18.24 -24.40 10.58
CA VAL A 229 18.25 -24.34 12.03
C VAL A 229 19.41 -25.12 12.61
N ALA A 230 19.59 -26.37 12.16
CA ALA A 230 20.65 -27.20 12.71
C ALA A 230 22.02 -26.58 12.47
N THR A 231 22.25 -26.05 11.27
CA THR A 231 23.54 -25.44 10.96
C THR A 231 23.77 -24.17 11.78
N ALA A 232 22.73 -23.33 11.89
CA ALA A 232 22.87 -22.11 12.68
C ALA A 232 23.07 -22.42 14.16
N LEU A 233 22.36 -23.43 14.67
CA LEU A 233 22.53 -23.83 16.07
C LEU A 233 23.94 -24.31 16.34
N GLY A 234 24.56 -25.01 15.37
CA GLY A 234 25.93 -25.44 15.55
C GLY A 234 26.91 -24.29 15.70
N GLN A 235 26.66 -23.19 14.99
CA GLN A 235 27.55 -22.04 15.10
C GLN A 235 27.25 -21.21 16.34
N LEU A 236 25.98 -21.01 16.65
CA LEU A 236 25.63 -20.31 17.89
C LEU A 236 26.06 -21.11 19.12
N GLY A 237 26.16 -22.43 18.99
CA GLY A 237 26.71 -23.24 20.06
C GLY A 237 28.19 -23.03 20.28
N ARG A 238 28.91 -22.51 19.28
CA ARG A 238 30.30 -22.13 19.44
C ARG A 238 30.45 -20.69 19.88
N ASP A 239 29.57 -19.81 19.42
CA ASP A 239 29.61 -18.38 19.72
C ASP A 239 28.20 -17.81 19.57
N PRO A 240 27.54 -17.46 20.69
CA PRO A 240 26.18 -16.93 20.60
C PRO A 240 26.10 -15.53 20.02
N LEU A 241 27.23 -14.82 19.94
CA LEU A 241 27.28 -13.47 19.38
C LEU A 241 27.86 -13.45 17.98
N ILE A 242 27.77 -14.57 17.26
CA ILE A 242 28.39 -14.68 15.94
C ILE A 242 27.71 -13.75 14.93
N PHE A 243 26.43 -13.44 15.14
CA PHE A 243 25.69 -12.61 14.19
C PHE A 243 25.81 -11.12 14.45
N LEU A 244 26.39 -10.72 15.58
CA LEU A 244 26.54 -9.31 15.92
C LEU A 244 27.88 -8.79 15.45
N HIS A 245 27.87 -7.57 14.91
CA HIS A 245 29.11 -6.92 14.51
C HIS A 245 30.01 -6.73 15.74
N PRO A 246 31.33 -6.75 15.55
CA PRO A 246 32.22 -6.38 16.64
C PRO A 246 32.06 -4.91 16.99
N PRO A 247 32.38 -4.52 18.23
CA PRO A 247 32.26 -3.10 18.59
C PRO A 247 33.07 -2.17 17.71
N GLU A 248 34.17 -2.66 17.12
CA GLU A 248 34.97 -1.82 16.23
C GLU A 248 34.20 -1.47 14.95
N ALA A 249 33.25 -2.34 14.55
CA ALA A 249 32.47 -2.06 13.35
C ALA A 249 31.59 -0.82 13.50
N GLY A 250 31.25 -0.44 14.73
CA GLY A 250 30.42 0.73 14.94
C GLY A 250 28.98 0.58 14.50
N CYS A 251 28.48 -0.65 14.36
CA CYS A 251 27.09 -0.85 14.00
C CYS A 251 26.20 -0.51 15.20
N GLU A 252 25.31 0.46 15.01
CA GLU A 252 24.47 0.93 16.11
C GLU A 252 23.58 -0.18 16.64
N GLU A 253 22.93 -0.93 15.76
CA GLU A 253 21.95 -1.91 16.19
C GLU A 253 22.61 -3.09 16.89
N CYS A 254 23.71 -3.61 16.33
CA CYS A 254 24.43 -4.69 17.00
C CYS A 254 25.02 -4.21 18.32
N ASP A 255 25.46 -2.96 18.38
CA ASP A 255 25.93 -2.41 19.65
C ASP A 255 24.80 -2.40 20.68
N ALA A 256 23.58 -2.06 20.25
CA ALA A 256 22.45 -2.08 21.17
C ALA A 256 22.15 -3.49 21.66
N ALA A 257 22.26 -4.48 20.76
CA ALA A 257 22.06 -5.86 21.16
C ALA A 257 23.12 -6.32 22.15
N ARG A 258 24.36 -5.86 21.96
CA ARG A 258 25.43 -6.25 22.86
C ARG A 258 25.22 -5.72 24.28
N GLN A 259 24.73 -4.48 24.40
CA GLN A 259 24.47 -3.93 25.73
CA GLN A 259 24.47 -3.94 25.73
C GLN A 259 23.33 -4.65 26.42
N SER A 260 22.38 -5.20 25.66
CA SER A 260 21.23 -5.87 26.25
C SER A 260 21.61 -7.15 27.00
N ILE A 261 22.78 -7.70 26.73
CA ILE A 261 23.20 -8.96 27.36
C ILE A 261 23.32 -8.83 28.87
N GLN B 3 -22.08 -2.42 15.47
CA GLN B 3 -20.81 -2.72 16.10
C GLN B 3 -20.59 -4.23 16.23
N MET B 4 -21.61 -4.95 16.71
CA MET B 4 -21.45 -6.34 17.05
C MET B 4 -22.52 -7.20 16.39
N MET B 5 -22.23 -8.49 16.33
CA MET B 5 -23.06 -9.50 15.69
C MET B 5 -23.63 -9.01 14.36
N GLN B 6 -22.78 -8.40 13.55
CA GLN B 6 -23.24 -7.94 12.25
C GLN B 6 -23.41 -9.12 11.30
N TYR B 7 -24.31 -8.95 10.33
CA TYR B 7 -24.60 -10.00 9.38
C TYR B 7 -23.54 -10.05 8.30
N GLU B 8 -22.96 -11.23 8.07
CA GLU B 8 -21.90 -11.41 7.09
C GLU B 8 -22.52 -11.81 5.75
N TRP B 9 -22.59 -10.87 4.83
CA TRP B 9 -23.34 -11.04 3.60
C TRP B 9 -22.68 -12.07 2.68
N ARG B 10 -23.50 -12.96 2.12
CA ARG B 10 -23.04 -13.95 1.16
C ARG B 10 -22.84 -13.32 -0.22
N LYS B 11 -22.23 -14.10 -1.11
CA LYS B 11 -21.96 -13.61 -2.46
C LYS B 11 -23.26 -13.35 -3.22
N ALA B 12 -24.14 -14.36 -3.30
CA ALA B 12 -25.38 -14.19 -4.04
C ALA B 12 -26.26 -13.10 -3.44
N GLU B 13 -26.17 -12.87 -2.13
CA GLU B 13 -26.90 -11.76 -1.53
C GLU B 13 -26.37 -10.43 -2.04
N LEU B 14 -25.06 -10.31 -2.16
CA LEU B 14 -24.48 -9.06 -2.66
C LEU B 14 -24.84 -8.83 -4.13
N ILE B 15 -24.80 -9.90 -4.94
CA ILE B 15 -25.20 -9.77 -6.34
C ILE B 15 -26.64 -9.30 -6.43
N GLY B 16 -27.51 -9.84 -5.56
CA GLY B 16 -28.90 -9.40 -5.56
C GLY B 16 -29.06 -7.95 -5.16
N GLN B 17 -28.26 -7.49 -4.19
CA GLN B 17 -28.32 -6.09 -3.79
C GLN B 17 -27.86 -5.18 -4.93
N LEU B 18 -26.76 -5.55 -5.59
CA LEU B 18 -26.24 -4.73 -6.68
C LEU B 18 -27.21 -4.68 -7.86
N LEU B 19 -27.79 -5.82 -8.19
CA LEU B 19 -28.75 -5.85 -9.30
C LEU B 19 -30.03 -5.10 -8.95
N ASN B 20 -30.49 -5.25 -7.70
CA ASN B 20 -31.66 -4.48 -7.28
C ASN B 20 -31.38 -2.99 -7.27
N LEU B 21 -30.14 -2.60 -6.94
CA LEU B 21 -29.76 -1.19 -6.98
C LEU B 21 -29.81 -0.67 -8.42
N GLY B 22 -29.45 -1.50 -9.38
CA GLY B 22 -29.63 -1.16 -10.78
C GLY B 22 -28.39 -1.30 -11.64
N VAL B 23 -27.38 -2.02 -11.16
CA VAL B 23 -26.18 -2.26 -11.95
C VAL B 23 -26.55 -3.10 -13.18
N THR B 24 -26.06 -2.69 -14.35
CA THR B 24 -26.47 -3.30 -15.60
C THR B 24 -25.51 -4.40 -16.01
N PRO B 25 -25.94 -5.65 -16.10
CA PRO B 25 -25.05 -6.70 -16.61
C PRO B 25 -24.59 -6.41 -18.03
N GLY B 26 -23.31 -6.64 -18.27
CA GLY B 26 -22.72 -6.40 -19.58
C GLY B 26 -22.17 -5.01 -19.80
N GLY B 27 -22.37 -4.10 -18.84
CA GLY B 27 -21.94 -2.73 -18.99
C GLY B 27 -20.59 -2.46 -18.34
N VAL B 28 -20.24 -1.18 -18.29
CA VAL B 28 -19.02 -0.72 -17.63
C VAL B 28 -19.41 -0.07 -16.31
N LEU B 29 -18.71 -0.43 -15.24
CA LEU B 29 -19.05 0.03 -13.90
C LEU B 29 -17.79 0.51 -13.19
N LEU B 30 -17.75 1.80 -12.86
CA LEU B 30 -16.66 2.39 -12.10
C LEU B 30 -17.06 2.47 -10.64
N VAL B 31 -16.22 1.93 -9.76
CA VAL B 31 -16.56 1.74 -8.36
C VAL B 31 -15.56 2.47 -7.48
N HIS B 32 -16.07 3.30 -6.58
CA HIS B 32 -15.29 3.88 -5.48
C HIS B 32 -15.83 3.29 -4.18
N SER B 33 -14.93 2.71 -3.39
CA SER B 33 -15.36 1.89 -2.25
C SER B 33 -14.61 2.28 -0.98
N SER B 34 -15.31 2.13 0.14
CA SER B 34 -14.72 2.20 1.48
C SER B 34 -15.15 0.94 2.21
N PHE B 35 -14.23 -0.03 2.34
CA PHE B 35 -14.59 -1.33 2.89
C PHE B 35 -15.01 -1.26 4.36
N ARG B 36 -14.57 -0.23 5.10
CA ARG B 36 -15.01 -0.07 6.48
C ARG B 36 -16.52 0.10 6.59
N SER B 37 -17.19 0.51 5.52
CA SER B 37 -18.64 0.62 5.50
C SER B 37 -19.33 -0.58 4.87
N VAL B 38 -18.65 -1.31 3.99
CA VAL B 38 -19.23 -2.50 3.39
C VAL B 38 -19.16 -3.68 4.36
N ARG B 39 -18.04 -3.83 5.06
CA ARG B 39 -17.78 -5.00 5.89
C ARG B 39 -18.74 -5.03 7.08
N PRO B 40 -18.96 -6.22 7.68
CA PRO B 40 -18.35 -7.51 7.34
C PRO B 40 -18.98 -8.23 6.15
N LEU B 41 -18.16 -8.96 5.40
CA LEU B 41 -18.61 -9.80 4.31
C LEU B 41 -18.06 -11.20 4.52
N GLU B 42 -18.85 -12.20 4.11
CA GLU B 42 -18.46 -13.60 4.33
C GLU B 42 -17.10 -13.92 3.72
N ASP B 43 -16.75 -13.27 2.60
CA ASP B 43 -15.51 -13.54 1.89
C ASP B 43 -14.54 -12.38 1.92
N GLY B 44 -14.84 -11.31 2.66
CA GLY B 44 -13.93 -10.21 2.83
C GLY B 44 -13.93 -9.27 1.64
N PRO B 45 -12.87 -8.47 1.51
CA PRO B 45 -12.77 -7.56 0.35
C PRO B 45 -12.84 -8.30 -0.98
N LEU B 46 -12.22 -9.47 -1.06
CA LEU B 46 -12.31 -10.28 -2.28
C LEU B 46 -13.76 -10.64 -2.59
N GLY B 47 -14.55 -10.93 -1.56
CA GLY B 47 -15.95 -11.25 -1.78
C GLY B 47 -16.73 -10.12 -2.42
N LEU B 48 -16.36 -8.87 -2.12
CA LEU B 48 -17.00 -7.73 -2.77
C LEU B 48 -16.61 -7.65 -4.25
N ILE B 49 -15.33 -7.85 -4.56
CA ILE B 49 -14.88 -7.83 -5.95
C ILE B 49 -15.57 -8.94 -6.74
N GLU B 50 -15.66 -10.13 -6.14
CA GLU B 50 -16.27 -11.25 -6.85
C GLU B 50 -17.75 -11.03 -7.10
N ALA B 51 -18.45 -10.37 -6.16
CA ALA B 51 -19.86 -10.09 -6.37
C ALA B 51 -20.06 -9.02 -7.43
N LEU B 52 -19.18 -8.01 -7.44
CA LEU B 52 -19.27 -6.96 -8.46
C LEU B 52 -19.12 -7.54 -9.86
N ARG B 53 -18.13 -8.43 -10.05
CA ARG B 53 -17.91 -9.02 -11.37
C ARG B 53 -19.06 -9.96 -11.74
N ALA B 54 -19.57 -10.72 -10.78
CA ALA B 54 -20.68 -11.62 -11.07
C ALA B 54 -21.95 -10.84 -11.43
N ALA B 55 -22.15 -9.68 -10.81
CA ALA B 55 -23.29 -8.84 -11.18
C ALA B 55 -23.12 -8.28 -12.58
N LEU B 56 -21.89 -7.92 -12.96
CA LEU B 56 -21.63 -7.44 -14.32
C LEU B 56 -21.75 -8.56 -15.34
N GLY B 57 -21.50 -9.81 -14.93
CA GLY B 57 -21.53 -10.93 -15.84
C GLY B 57 -20.27 -11.01 -16.67
N PRO B 58 -20.18 -12.04 -17.53
CA PRO B 58 -18.96 -12.23 -18.32
C PRO B 58 -18.68 -11.09 -19.30
N GLY B 59 -19.72 -10.37 -19.74
CA GLY B 59 -19.53 -9.30 -20.70
C GLY B 59 -19.27 -7.93 -20.14
N GLY B 60 -19.46 -7.74 -18.83
CA GLY B 60 -19.23 -6.44 -18.23
C GLY B 60 -17.78 -6.19 -17.89
N THR B 61 -17.48 -4.93 -17.55
CA THR B 61 -16.13 -4.53 -17.21
C THR B 61 -16.17 -3.74 -15.90
N LEU B 62 -15.45 -4.24 -14.90
CA LEU B 62 -15.32 -3.56 -13.62
C LEU B 62 -14.11 -2.63 -13.64
N VAL B 63 -14.31 -1.38 -13.22
CA VAL B 63 -13.26 -0.37 -13.25
C VAL B 63 -13.14 0.25 -11.86
N MET B 64 -11.90 0.48 -11.43
CA MET B 64 -11.62 1.08 -10.13
C MET B 64 -10.48 2.07 -10.28
N PRO B 65 -10.47 3.12 -9.45
CA PRO B 65 -9.28 3.97 -9.36
C PRO B 65 -8.09 3.17 -8.84
N SER B 66 -6.88 3.58 -9.25
CA SER B 66 -5.70 2.77 -8.96
C SER B 66 -4.42 3.61 -8.92
N TRP B 67 -4.53 4.90 -8.60
CA TRP B 67 -3.36 5.76 -8.64
C TRP B 67 -2.54 5.62 -7.35
N SER B 68 -1.31 6.13 -7.40
CA SER B 68 -0.34 5.91 -6.33
C SER B 68 -0.33 7.03 -5.30
N GLY B 69 -0.71 8.24 -5.68
CA GLY B 69 -0.66 9.35 -4.77
C GLY B 69 0.71 9.94 -4.51
N LEU B 70 1.75 9.45 -5.19
CA LEU B 70 3.12 9.90 -4.97
C LEU B 70 3.55 10.77 -6.15
N ASP B 71 3.80 12.05 -5.89
CA ASP B 71 4.21 12.97 -6.94
C ASP B 71 5.70 12.86 -7.26
N ASP B 72 6.50 12.31 -6.37
CA ASP B 72 7.95 12.28 -6.54
C ASP B 72 8.49 10.89 -6.85
N GLU B 73 7.63 9.87 -6.89
CA GLU B 73 8.09 8.53 -7.22
C GLU B 73 7.47 8.07 -8.54
N PRO B 74 8.21 7.35 -9.37
CA PRO B 74 7.66 6.87 -10.63
C PRO B 74 6.69 5.71 -10.40
N PHE B 75 5.77 5.56 -11.35
CA PHE B 75 4.73 4.55 -11.25
C PHE B 75 5.15 3.27 -11.96
N ASP B 76 4.77 2.14 -11.37
CA ASP B 76 4.99 0.82 -11.97
C ASP B 76 3.69 0.04 -11.83
N PRO B 77 2.99 -0.26 -12.94
CA PRO B 77 1.68 -0.93 -12.81
C PRO B 77 1.74 -2.30 -12.18
N ALA B 78 2.90 -2.96 -12.22
CA ALA B 78 3.01 -4.29 -11.64
C ALA B 78 3.28 -4.28 -10.15
N THR B 79 3.83 -3.20 -9.60
CA THR B 79 4.31 -3.23 -8.22
C THR B 79 3.79 -2.07 -7.36
N SER B 80 3.46 -0.94 -7.98
CA SER B 80 3.11 0.25 -7.21
C SER B 80 1.81 0.06 -6.45
N PRO B 81 1.80 0.20 -5.12
CA PRO B 81 0.54 0.11 -4.37
C PRO B 81 -0.34 1.32 -4.60
N VAL B 82 -1.65 1.10 -4.47
CA VAL B 82 -2.61 2.19 -4.54
C VAL B 82 -2.49 3.06 -3.30
N THR B 83 -2.70 4.36 -3.46
CA THR B 83 -2.67 5.26 -2.32
C THR B 83 -3.67 4.79 -1.27
N PRO B 84 -3.33 4.85 0.02
CA PRO B 84 -4.22 4.30 1.05
C PRO B 84 -5.60 4.93 1.09
N ASP B 85 -5.76 6.15 0.56
CA ASP B 85 -7.07 6.80 0.60
C ASP B 85 -8.10 6.11 -0.27
N LEU B 86 -7.68 5.30 -1.24
CA LEU B 86 -8.63 4.62 -2.12
C LEU B 86 -9.12 3.30 -1.54
N GLY B 87 -8.56 2.83 -0.44
CA GLY B 87 -9.08 1.69 0.27
C GLY B 87 -8.47 0.36 -0.16
N VAL B 88 -8.73 -0.66 0.66
CA VAL B 88 -8.14 -1.98 0.44
C VAL B 88 -8.69 -2.63 -0.83
N VAL B 89 -9.96 -2.40 -1.15
CA VAL B 89 -10.57 -3.06 -2.30
C VAL B 89 -9.86 -2.65 -3.59
N SER B 90 -9.61 -1.35 -3.76
CA SER B 90 -8.88 -0.90 -4.94
C SER B 90 -7.48 -1.48 -4.98
N ASP B 91 -6.80 -1.52 -3.84
CA ASP B 91 -5.43 -2.03 -3.78
C ASP B 91 -5.37 -3.52 -4.10
N THR B 92 -6.41 -4.27 -3.73
CA THR B 92 -6.43 -5.70 -4.02
C THR B 92 -6.86 -5.98 -5.46
N PHE B 93 -7.69 -5.12 -6.03
CA PHE B 93 -8.31 -5.39 -7.33
C PHE B 93 -7.26 -5.51 -8.44
N TRP B 94 -6.33 -4.55 -8.50
CA TRP B 94 -5.41 -4.51 -9.65
C TRP B 94 -4.43 -5.67 -9.65
N ARG B 95 -4.24 -6.36 -8.53
CA ARG B 95 -3.30 -7.47 -8.47
C ARG B 95 -3.93 -8.80 -8.87
N LEU B 96 -5.25 -8.87 -9.00
CA LEU B 96 -5.91 -10.13 -9.29
C LEU B 96 -5.68 -10.55 -10.74
N PRO B 97 -5.89 -11.82 -11.06
CA PRO B 97 -5.65 -12.29 -12.44
C PRO B 97 -6.47 -11.54 -13.47
N ASN B 98 -5.83 -11.27 -14.61
CA ASN B 98 -6.44 -10.69 -15.82
C ASN B 98 -6.91 -9.25 -15.63
N VAL B 99 -6.58 -8.61 -14.51
CA VAL B 99 -6.93 -7.22 -14.28
C VAL B 99 -5.87 -6.33 -14.89
N LYS B 100 -6.28 -5.44 -15.79
CA LYS B 100 -5.36 -4.54 -16.46
C LYS B 100 -5.23 -3.23 -15.69
N ARG B 101 -4.16 -2.49 -15.97
CA ARG B 101 -3.84 -1.29 -15.22
C ARG B 101 -3.10 -0.31 -16.10
N SER B 102 -3.37 0.98 -15.90
CA SER B 102 -2.71 2.02 -16.68
C SER B 102 -1.25 2.13 -16.30
N ALA B 103 -0.44 2.60 -17.25
CA ALA B 103 0.99 2.74 -17.02
C ALA B 103 1.37 4.20 -16.78
N HIS B 104 0.77 4.82 -15.77
CA HIS B 104 1.10 6.18 -15.38
C HIS B 104 0.61 6.41 -13.96
N PRO B 105 1.16 7.39 -13.24
CA PRO B 105 0.82 7.54 -11.82
C PRO B 105 -0.64 7.90 -11.55
N PHE B 106 -1.42 8.23 -12.56
CA PHE B 106 -2.86 8.49 -12.39
C PHE B 106 -3.69 7.29 -12.85
N ALA B 107 -3.25 6.09 -12.54
CA ALA B 107 -3.76 4.87 -13.16
C ALA B 107 -5.13 4.50 -12.61
N PHE B 108 -5.89 3.78 -13.45
CA PHE B 108 -7.07 3.04 -13.06
C PHE B 108 -6.81 1.56 -13.32
N ALA B 109 -7.72 0.71 -12.86
CA ALA B 109 -7.66 -0.72 -13.10
C ALA B 109 -9.01 -1.19 -13.63
N ALA B 110 -8.98 -2.18 -14.53
CA ALA B 110 -10.20 -2.63 -15.19
C ALA B 110 -10.07 -4.10 -15.53
N ALA B 111 -11.22 -4.78 -15.57
CA ALA B 111 -11.27 -6.21 -15.86
C ALA B 111 -12.53 -6.51 -16.63
N GLY B 112 -12.38 -7.07 -17.84
CA GLY B 112 -13.50 -7.39 -18.67
C GLY B 112 -13.20 -7.17 -20.14
N PRO B 113 -14.19 -7.40 -21.00
CA PRO B 113 -13.96 -7.27 -22.44
C PRO B 113 -13.55 -5.88 -22.89
N GLN B 114 -13.82 -4.84 -22.09
CA GLN B 114 -13.47 -3.48 -22.45
C GLN B 114 -12.37 -2.91 -21.58
N ALA B 115 -11.67 -3.75 -20.81
CA ALA B 115 -10.65 -3.26 -19.90
C ALA B 115 -9.53 -2.54 -20.65
N GLU B 116 -9.04 -3.16 -21.73
CA GLU B 116 -7.92 -2.56 -22.47
C GLU B 116 -8.28 -1.19 -23.02
N GLN B 117 -9.53 -0.99 -23.44
CA GLN B 117 -9.93 0.31 -23.97
C GLN B 117 -10.00 1.37 -22.88
N ILE B 118 -10.25 0.96 -21.63
CA ILE B 118 -10.46 1.93 -20.55
C ILE B 118 -9.13 2.50 -20.05
N ILE B 119 -8.08 1.69 -19.99
CA ILE B 119 -6.87 2.04 -19.26
C ILE B 119 -5.64 2.19 -20.14
N SER B 120 -5.76 2.04 -21.46
CA SER B 120 -4.59 2.05 -22.33
C SER B 120 -4.15 3.45 -22.76
N ASP B 121 -4.61 4.48 -22.07
CA ASP B 121 -4.09 5.77 -22.49
C ASP B 121 -2.77 6.08 -21.79
N PRO B 122 -1.88 6.84 -22.44
CA PRO B 122 -0.65 7.27 -21.75
C PRO B 122 -0.94 8.38 -20.75
N LEU B 123 0.10 8.86 -20.07
CA LEU B 123 0.00 9.88 -19.02
C LEU B 123 -0.89 11.05 -19.42
N PRO B 124 -2.08 11.16 -18.82
CA PRO B 124 -2.97 12.28 -19.15
C PRO B 124 -2.76 13.49 -18.26
N LEU B 125 -2.72 14.66 -18.89
CA LEU B 125 -2.52 15.92 -18.18
C LEU B 125 -3.66 16.87 -18.55
N PRO B 126 -4.53 17.25 -17.60
CA PRO B 126 -4.61 16.85 -16.19
C PRO B 126 -4.96 15.37 -16.01
N PRO B 127 -4.85 14.85 -14.78
CA PRO B 127 -5.08 13.41 -14.57
C PRO B 127 -6.42 12.91 -15.08
N HIS B 128 -7.49 13.69 -14.91
CA HIS B 128 -8.83 13.28 -15.29
C HIS B 128 -9.31 13.98 -16.56
N SER B 129 -8.38 14.24 -17.48
CA SER B 129 -8.70 14.87 -18.75
C SER B 129 -9.48 13.90 -19.63
N PRO B 130 -9.98 14.36 -20.78
CA PRO B 130 -10.35 13.42 -21.83
C PRO B 130 -9.15 12.56 -22.20
N ALA B 131 -9.43 11.42 -22.82
CA ALA B 131 -8.41 10.41 -23.11
C ALA B 131 -7.72 9.94 -21.81
N SER B 132 -8.52 9.77 -20.77
CA SER B 132 -8.11 9.18 -19.50
C SER B 132 -9.18 8.20 -19.09
N PRO B 133 -8.86 7.27 -18.18
CA PRO B 133 -9.83 6.21 -17.84
C PRO B 133 -11.21 6.72 -17.44
N VAL B 134 -11.29 7.78 -16.62
CA VAL B 134 -12.59 8.28 -16.21
C VAL B 134 -13.34 8.86 -17.40
N ALA B 135 -12.62 9.34 -18.41
CA ALA B 135 -13.27 9.82 -19.62
C ALA B 135 -13.67 8.67 -20.54
N ARG B 136 -12.92 7.57 -20.50
CA ARG B 136 -13.27 6.41 -21.31
C ARG B 136 -14.52 5.74 -20.78
N VAL B 137 -14.67 5.68 -19.46
CA VAL B 137 -15.91 5.15 -18.87
C VAL B 137 -17.10 5.99 -19.31
N HIS B 138 -16.97 7.31 -19.24
CA HIS B 138 -18.01 8.19 -19.73
C HIS B 138 -18.27 7.97 -21.22
N GLU B 139 -17.20 7.79 -22.00
CA GLU B 139 -17.35 7.55 -23.43
C GLU B 139 -18.13 6.28 -23.71
N LEU B 140 -17.96 5.25 -22.87
CA LEU B 140 -18.66 3.99 -23.05
C LEU B 140 -20.00 3.93 -22.32
N ASP B 141 -20.48 5.07 -21.80
CA ASP B 141 -21.80 5.16 -21.17
C ASP B 141 -21.90 4.21 -19.98
N GLY B 142 -20.90 4.27 -19.10
CA GLY B 142 -20.83 3.39 -17.95
C GLY B 142 -21.55 3.95 -16.73
N GLN B 143 -21.55 3.16 -15.67
CA GLN B 143 -22.16 3.52 -14.41
C GLN B 143 -21.07 3.80 -13.37
N VAL B 144 -21.38 4.71 -12.44
CA VAL B 144 -20.48 5.04 -11.35
C VAL B 144 -21.16 4.63 -10.05
N LEU B 145 -20.47 3.82 -9.26
CA LEU B 145 -21.00 3.28 -8.01
C LEU B 145 -20.14 3.77 -6.86
N LEU B 146 -20.77 4.47 -5.91
CA LEU B 146 -20.08 4.96 -4.73
C LEU B 146 -20.48 4.09 -3.54
N LEU B 147 -19.51 3.32 -3.04
CA LEU B 147 -19.74 2.36 -1.95
C LEU B 147 -19.21 2.96 -0.65
N GLY B 148 -20.10 3.50 0.16
CA GLY B 148 -19.69 4.04 1.44
C GLY B 148 -18.87 5.31 1.36
N VAL B 149 -18.86 5.97 0.21
CA VAL B 149 -18.19 7.26 0.05
C VAL B 149 -19.15 8.21 -0.66
N GLY B 150 -18.97 9.50 -0.40
CA GLY B 150 -19.79 10.53 -1.00
C GLY B 150 -19.24 10.98 -2.34
N HIS B 151 -19.88 12.02 -2.89
CA HIS B 151 -19.47 12.56 -4.17
C HIS B 151 -18.10 13.24 -4.11
N ASP B 152 -17.58 13.49 -2.90
CA ASP B 152 -16.22 14.01 -2.79
C ASP B 152 -15.19 13.03 -3.32
N ALA B 153 -15.57 11.78 -3.54
CA ALA B 153 -14.73 10.78 -4.18
C ALA B 153 -15.18 10.48 -5.61
N ASN B 154 -16.21 11.17 -6.10
CA ASN B 154 -16.73 10.97 -7.45
C ASN B 154 -15.79 11.68 -8.42
N THR B 155 -14.77 10.92 -8.89
CA THR B 155 -13.78 11.46 -9.80
C THR B 155 -14.41 12.02 -11.08
N THR B 156 -15.52 11.42 -11.52
CA THR B 156 -16.18 11.89 -12.74
C THR B 156 -16.54 13.37 -12.66
N LEU B 157 -16.80 13.88 -11.46
CA LEU B 157 -17.11 15.31 -11.33
C LEU B 157 -15.90 16.17 -11.72
N ALA B 158 -14.69 15.71 -11.38
CA ALA B 158 -13.50 16.45 -11.81
C ALA B 158 -13.35 16.43 -13.32
N LEU B 159 -13.78 15.34 -13.97
CA LEU B 159 -13.79 15.30 -15.42
C LEU B 159 -14.74 16.35 -15.99
N ALA B 160 -15.92 16.51 -15.37
CA ALA B 160 -16.88 17.51 -15.84
C ALA B 160 -16.30 18.91 -15.74
N GLU B 161 -15.54 19.19 -14.68
CA GLU B 161 -14.86 20.49 -14.59
C GLU B 161 -13.92 20.69 -15.77
N LEU B 162 -13.20 19.64 -16.16
CA LEU B 162 -12.30 19.74 -17.31
C LEU B 162 -13.07 19.99 -18.60
N MET B 163 -14.18 19.26 -18.80
CA MET B 163 -14.97 19.46 -20.02
C MET B 163 -15.58 20.84 -20.09
N ALA B 164 -15.89 21.44 -18.94
CA ALA B 164 -16.47 22.78 -18.91
C ALA B 164 -15.43 23.88 -19.08
N LYS B 165 -14.17 23.54 -19.33
CA LYS B 165 -13.09 24.53 -19.48
C LYS B 165 -13.05 25.46 -18.27
N VAL B 166 -13.20 24.87 -17.08
CA VAL B 166 -13.26 25.59 -15.81
C VAL B 166 -12.00 26.43 -15.64
N PRO B 167 -12.09 27.65 -15.11
CA PRO B 167 -10.96 28.59 -15.21
C PRO B 167 -9.87 28.44 -14.15
N TYR B 168 -10.03 27.62 -13.12
CA TYR B 168 -9.01 27.52 -12.08
C TYR B 168 -8.11 26.32 -12.33
N GLY B 169 -6.83 26.49 -12.04
CA GLY B 169 -5.84 25.44 -12.19
C GLY B 169 -4.57 25.73 -11.41
N VAL B 170 -4.22 24.84 -10.49
CA VAL B 170 -3.08 25.06 -9.60
C VAL B 170 -1.92 24.14 -10.00
N PRO B 171 -0.67 24.55 -9.77
CA PRO B 171 0.47 23.75 -10.24
C PRO B 171 0.63 22.47 -9.44
N ARG B 172 0.71 21.34 -10.14
CA ARG B 172 1.05 20.05 -9.58
C ARG B 172 2.12 19.41 -10.44
N HIS B 173 2.64 18.28 -9.97
CA HIS B 173 3.67 17.57 -10.74
C HIS B 173 3.65 16.10 -10.41
N CYS B 174 4.25 15.30 -11.29
CA CYS B 174 4.44 13.88 -11.07
C CYS B 174 5.82 13.49 -11.60
N THR B 175 6.13 12.20 -11.55
CA THR B 175 7.44 11.68 -11.92
C THR B 175 7.28 10.47 -12.81
N ILE B 176 8.02 10.42 -13.92
CA ILE B 176 7.99 9.31 -14.85
C ILE B 176 9.43 8.92 -15.18
N LEU B 177 9.57 7.90 -16.02
CA LEU B 177 10.86 7.41 -16.48
C LEU B 177 10.97 7.64 -17.98
N GLN B 178 11.99 8.39 -18.39
CA GLN B 178 12.29 8.61 -19.80
C GLN B 178 13.76 8.28 -20.01
N ASP B 179 14.01 7.15 -20.66
CA ASP B 179 15.38 6.69 -20.95
C ASP B 179 16.18 6.50 -19.67
N GLY B 180 15.55 5.84 -18.69
CA GLY B 180 16.22 5.44 -17.48
C GLY B 180 16.41 6.51 -16.43
N LYS B 181 15.94 7.73 -16.66
CA LYS B 181 16.11 8.82 -15.71
C LYS B 181 14.76 9.35 -15.25
N LEU B 182 14.72 9.80 -13.99
CA LEU B 182 13.53 10.42 -13.44
C LEU B 182 13.40 11.84 -13.97
N VAL B 183 12.21 12.21 -14.44
CA VAL B 183 11.92 13.57 -14.87
C VAL B 183 10.65 14.04 -14.17
N ARG B 184 10.62 15.32 -13.82
CA ARG B 184 9.45 15.93 -13.20
C ARG B 184 8.53 16.45 -14.30
N VAL B 185 7.25 16.09 -14.23
CA VAL B 185 6.26 16.49 -15.21
C VAL B 185 5.32 17.49 -14.52
N ASP B 186 5.48 18.76 -14.86
CA ASP B 186 4.67 19.82 -14.27
C ASP B 186 3.40 20.03 -15.08
N TYR B 187 2.30 20.30 -14.38
CA TYR B 187 1.01 20.50 -15.01
C TYR B 187 0.12 21.30 -14.06
N LEU B 188 -0.99 21.79 -14.61
CA LEU B 188 -2.00 22.49 -13.82
C LEU B 188 -3.21 21.59 -13.61
N GLU B 189 -3.62 21.46 -12.35
CA GLU B 189 -4.75 20.61 -12.00
C GLU B 189 -5.88 21.44 -11.40
N ASN B 190 -7.11 20.99 -11.61
CA ASN B 190 -8.31 21.68 -11.12
C ASN B 190 -8.69 21.13 -9.74
N ASP B 191 -7.82 21.40 -8.77
CA ASP B 191 -7.97 20.82 -7.45
C ASP B 191 -8.48 21.85 -6.45
N HIS B 192 -9.28 21.37 -5.50
CA HIS B 192 -9.74 22.16 -4.36
C HIS B 192 -10.03 21.18 -3.22
N CYS B 193 -10.91 21.57 -2.30
CA CYS B 193 -11.23 20.71 -1.17
C CYS B 193 -12.22 19.61 -1.53
N CYS B 194 -12.94 19.75 -2.63
CA CYS B 194 -13.91 18.78 -3.14
C CYS B 194 -15.09 18.57 -2.20
N GLU B 195 -15.17 19.33 -1.11
CA GLU B 195 -16.29 19.17 -0.17
C GLU B 195 -17.62 19.54 -0.82
N ARG B 196 -17.61 20.55 -1.69
CA ARG B 196 -18.82 21.01 -2.35
C ARG B 196 -19.27 20.09 -3.48
N PHE B 197 -18.53 19.01 -3.75
CA PHE B 197 -19.01 18.00 -4.69
C PHE B 197 -20.29 17.33 -4.21
N ALA B 198 -20.57 17.41 -2.90
CA ALA B 198 -21.80 16.87 -2.35
C ALA B 198 -23.04 17.59 -2.87
N LEU B 199 -22.88 18.75 -3.52
CA LEU B 199 -24.02 19.43 -4.12
C LEU B 199 -24.68 18.56 -5.18
N ALA B 200 -23.92 17.64 -5.79
CA ALA B 200 -24.49 16.75 -6.79
C ALA B 200 -25.56 15.82 -6.20
N ASP B 201 -25.54 15.61 -4.88
CA ASP B 201 -26.55 14.75 -4.26
C ASP B 201 -27.95 15.31 -4.49
N ARG B 202 -28.16 16.59 -4.16
CA ARG B 202 -29.47 17.19 -4.39
C ARG B 202 -29.74 17.37 -5.88
N TRP B 203 -28.72 17.78 -6.64
CA TRP B 203 -28.90 17.99 -8.08
C TRP B 203 -29.36 16.71 -8.76
N LEU B 204 -28.71 15.58 -8.46
CA LEU B 204 -29.07 14.33 -9.12
C LEU B 204 -30.38 13.78 -8.57
N LYS B 205 -30.63 13.96 -7.26
CA LYS B 205 -31.82 13.37 -6.67
C LYS B 205 -33.10 14.06 -7.14
N GLU B 206 -33.06 15.39 -7.29
CA GLU B 206 -34.26 16.08 -7.73
C GLU B 206 -34.55 15.87 -9.21
N LYS B 207 -33.63 15.24 -9.94
CA LYS B 207 -33.87 14.81 -11.32
C LYS B 207 -34.08 13.32 -11.43
N SER B 208 -34.04 12.59 -10.31
CA SER B 208 -34.28 11.15 -10.26
C SER B 208 -33.22 10.37 -11.05
N LEU B 209 -31.96 10.74 -10.83
CA LEU B 209 -30.84 10.12 -11.55
C LEU B 209 -29.86 9.39 -10.65
N GLN B 210 -30.07 9.40 -9.33
CA GLN B 210 -29.18 8.75 -8.38
C GLN B 210 -29.98 7.70 -7.62
N LYS B 211 -29.64 6.43 -7.82
CA LYS B 211 -30.32 5.32 -7.17
C LYS B 211 -29.55 4.91 -5.93
N GLU B 212 -30.28 4.66 -4.84
CA GLU B 212 -29.69 4.42 -3.53
C GLU B 212 -30.21 3.12 -2.95
N GLY B 213 -29.40 2.52 -2.07
CA GLY B 213 -29.70 1.25 -1.48
C GLY B 213 -28.48 0.63 -0.83
N PRO B 214 -28.66 -0.53 -0.19
CA PRO B 214 -27.53 -1.18 0.49
C PRO B 214 -26.72 -2.06 -0.44
N VAL B 215 -25.41 -2.06 -0.22
CA VAL B 215 -24.48 -3.02 -0.81
C VAL B 215 -23.62 -3.51 0.35
N GLY B 216 -23.89 -4.71 0.84
CA GLY B 216 -23.32 -5.14 2.10
C GLY B 216 -23.92 -4.34 3.25
N HIS B 217 -23.09 -3.67 4.02
CA HIS B 217 -23.55 -2.80 5.10
C HIS B 217 -23.48 -1.33 4.72
N ALA B 218 -23.07 -1.01 3.51
CA ALA B 218 -22.72 0.35 3.12
C ALA B 218 -23.86 1.02 2.36
N PHE B 219 -24.05 2.30 2.64
CA PHE B 219 -24.88 3.14 1.80
C PHE B 219 -24.24 3.26 0.42
N ALA B 220 -24.99 2.87 -0.61
CA ALA B 220 -24.48 2.84 -1.97
C ALA B 220 -25.24 3.83 -2.84
N ARG B 221 -24.51 4.56 -3.67
CA ARG B 221 -25.07 5.48 -4.65
C ARG B 221 -24.67 5.01 -6.04
N LEU B 222 -25.64 4.90 -6.94
CA LEU B 222 -25.42 4.41 -8.29
C LEU B 222 -25.92 5.46 -9.28
N ILE B 223 -25.00 6.03 -10.06
CA ILE B 223 -25.34 7.08 -11.02
C ILE B 223 -24.68 6.74 -12.35
N ARG B 224 -25.38 7.04 -13.44
CA ARG B 224 -24.79 6.93 -14.76
C ARG B 224 -23.70 7.98 -14.93
N SER B 225 -22.62 7.60 -15.63
CA SER B 225 -21.54 8.54 -15.85
C SER B 225 -21.99 9.75 -16.65
N ARG B 226 -22.80 9.52 -17.70
CA ARG B 226 -23.31 10.63 -18.49
C ARG B 226 -24.22 11.54 -17.66
N ASP B 227 -24.88 10.98 -16.65
CA ASP B 227 -25.75 11.79 -15.79
C ASP B 227 -24.97 12.58 -14.76
N ILE B 228 -23.79 12.09 -14.35
CA ILE B 228 -22.96 12.85 -13.43
C ILE B 228 -22.40 14.08 -14.12
N VAL B 229 -21.87 13.91 -15.34
CA VAL B 229 -21.26 15.02 -16.05
C VAL B 229 -22.31 16.02 -16.53
N ALA B 230 -23.42 15.52 -17.09
CA ALA B 230 -24.44 16.42 -17.63
C ALA B 230 -25.02 17.30 -16.53
N THR B 231 -25.32 16.73 -15.36
CA THR B 231 -25.82 17.53 -14.26
C THR B 231 -24.80 18.57 -13.83
N ALA B 232 -23.51 18.20 -13.77
CA ALA B 232 -22.48 19.15 -13.39
C ALA B 232 -22.29 20.21 -14.47
N LEU B 233 -22.32 19.82 -15.74
CA LEU B 233 -22.15 20.78 -16.83
C LEU B 233 -23.26 21.82 -16.82
N GLY B 234 -24.50 21.40 -16.54
CA GLY B 234 -25.59 22.35 -16.47
C GLY B 234 -25.41 23.37 -15.37
N GLN B 235 -24.88 22.93 -14.22
CA GLN B 235 -24.60 23.85 -13.13
C GLN B 235 -23.38 24.70 -13.42
N LEU B 236 -22.30 24.06 -13.87
CA LEU B 236 -21.10 24.80 -14.28
C LEU B 236 -21.40 25.74 -15.45
N GLY B 237 -22.40 25.40 -16.26
CA GLY B 237 -22.76 26.26 -17.38
C GLY B 237 -23.29 27.61 -16.95
N ARG B 238 -23.90 27.69 -15.76
CA ARG B 238 -24.31 28.97 -15.23
C ARG B 238 -23.26 29.59 -14.32
N ASP B 239 -22.70 28.79 -13.42
CA ASP B 239 -21.65 29.25 -12.50
C ASP B 239 -20.44 28.34 -12.63
N PRO B 240 -19.39 28.79 -13.32
CA PRO B 240 -18.19 27.95 -13.44
C PRO B 240 -17.48 27.72 -12.11
N LEU B 241 -17.67 28.61 -11.13
CA LEU B 241 -17.04 28.50 -9.83
C LEU B 241 -17.94 27.80 -8.81
N ILE B 242 -18.97 27.10 -9.27
CA ILE B 242 -19.98 26.53 -8.37
C ILE B 242 -19.36 25.61 -7.33
N PHE B 243 -18.26 24.95 -7.66
CA PHE B 243 -17.67 23.95 -6.78
C PHE B 243 -16.67 24.51 -5.79
N LEU B 244 -16.43 25.81 -5.80
CA LEU B 244 -15.45 26.43 -4.92
C LEU B 244 -16.14 27.03 -3.69
N HIS B 245 -15.54 26.81 -2.53
CA HIS B 245 -16.02 27.46 -1.32
C HIS B 245 -15.89 28.97 -1.46
N PRO B 246 -16.87 29.74 -1.00
CA PRO B 246 -16.72 31.20 -0.96
C PRO B 246 -15.59 31.58 0.00
N PRO B 247 -15.06 32.80 -0.12
CA PRO B 247 -13.95 33.20 0.76
C PRO B 247 -14.30 33.17 2.24
N GLU B 248 -15.57 33.41 2.60
CA GLU B 248 -15.95 33.46 4.01
C GLU B 248 -15.75 32.13 4.70
N ALA B 249 -15.79 31.02 3.95
CA ALA B 249 -15.62 29.70 4.53
C ALA B 249 -14.19 29.45 5.02
N GLY B 250 -13.24 30.29 4.63
CA GLY B 250 -11.86 30.09 5.05
C GLY B 250 -11.21 28.83 4.53
N CYS B 251 -11.68 28.30 3.40
CA CYS B 251 -11.10 27.09 2.82
C CYS B 251 -9.78 27.46 2.15
N GLU B 252 -8.67 26.96 2.69
CA GLU B 252 -7.36 27.30 2.17
C GLU B 252 -7.20 26.88 0.71
N GLU B 253 -7.64 25.67 0.38
CA GLU B 253 -7.42 25.15 -0.96
C GLU B 253 -8.40 25.71 -1.98
N CYS B 254 -9.63 26.01 -1.57
CA CYS B 254 -10.57 26.65 -2.50
C CYS B 254 -10.13 28.07 -2.81
N ASP B 255 -9.63 28.80 -1.80
CA ASP B 255 -9.11 30.14 -2.04
C ASP B 255 -7.89 30.09 -2.97
N ALA B 256 -7.03 29.10 -2.78
CA ALA B 256 -5.86 28.95 -3.65
C ALA B 256 -6.28 28.73 -5.09
N ALA B 257 -7.34 27.96 -5.31
CA ALA B 257 -7.85 27.78 -6.66
C ALA B 257 -8.47 29.06 -7.21
N ARG B 258 -9.07 29.88 -6.35
CA ARG B 258 -9.67 31.13 -6.81
C ARG B 258 -8.61 32.12 -7.29
N GLN B 259 -7.46 32.15 -6.62
CA GLN B 259 -6.39 33.05 -7.04
C GLN B 259 -5.72 32.61 -8.33
N SER B 260 -5.82 31.32 -8.68
CA SER B 260 -5.20 30.84 -9.91
C SER B 260 -5.85 31.42 -11.16
N ILE B 261 -7.09 31.88 -11.07
CA ILE B 261 -7.78 32.48 -12.21
C ILE B 261 -7.14 33.82 -12.57
N GLN C 3 -16.77 2.01 11.04
CA GLN C 3 -18.00 2.45 10.38
C GLN C 3 -17.96 3.95 10.09
N MET C 4 -18.83 4.40 9.20
CA MET C 4 -18.87 5.80 8.83
C MET C 4 -20.03 6.16 7.91
N MET C 5 -20.29 5.31 6.92
CA MET C 5 -21.36 5.55 5.95
C MET C 5 -22.15 4.26 5.71
N GLN C 6 -22.66 3.67 6.79
CA GLN C 6 -23.45 2.47 6.67
C GLN C 6 -24.90 2.82 6.28
N TYR C 7 -25.56 1.87 5.62
CA TYR C 7 -26.87 2.13 5.05
C TYR C 7 -27.93 2.22 6.12
N GLU C 8 -28.77 3.25 6.05
CA GLU C 8 -29.86 3.44 7.00
C GLU C 8 -31.11 2.78 6.42
N TRP C 9 -31.42 1.60 6.94
CA TRP C 9 -32.48 0.79 6.36
C TRP C 9 -33.84 1.49 6.44
N ARG C 10 -34.63 1.35 5.39
CA ARG C 10 -35.97 1.91 5.33
C ARG C 10 -36.99 0.93 5.91
N LYS C 11 -38.18 1.45 6.17
CA LYS C 11 -39.23 0.62 6.77
C LYS C 11 -39.59 -0.55 5.86
N ALA C 12 -39.75 -0.30 4.56
CA ALA C 12 -40.15 -1.36 3.64
C ALA C 12 -39.09 -2.46 3.56
N GLU C 13 -37.80 -2.08 3.63
CA GLU C 13 -36.74 -3.07 3.56
C GLU C 13 -36.71 -3.95 4.81
N LEU C 14 -36.89 -3.35 5.99
CA LEU C 14 -36.95 -4.12 7.21
C LEU C 14 -38.14 -5.08 7.21
N ILE C 15 -39.30 -4.62 6.71
CA ILE C 15 -40.45 -5.50 6.58
C ILE C 15 -40.12 -6.69 5.69
N GLY C 16 -39.47 -6.43 4.56
CA GLY C 16 -39.06 -7.51 3.68
C GLY C 16 -38.12 -8.48 4.35
N GLN C 17 -37.22 -7.97 5.20
CA GLN C 17 -36.28 -8.84 5.91
C GLN C 17 -37.01 -9.72 6.91
N LEU C 18 -37.94 -9.13 7.68
CA LEU C 18 -38.68 -9.90 8.67
C LEU C 18 -39.55 -10.95 8.02
N LEU C 19 -40.18 -10.61 6.89
CA LEU C 19 -40.96 -11.61 6.16
C LEU C 19 -40.05 -12.71 5.63
N ASN C 20 -38.92 -12.34 5.01
CA ASN C 20 -37.97 -13.33 4.53
C ASN C 20 -37.50 -14.24 5.66
N LEU C 21 -37.25 -13.65 6.84
CA LEU C 21 -36.80 -14.45 7.98
C LEU C 21 -37.85 -15.47 8.40
N GLY C 22 -39.13 -15.16 8.23
CA GLY C 22 -40.19 -16.13 8.42
C GLY C 22 -41.23 -15.77 9.46
N VAL C 23 -41.37 -14.47 9.75
CA VAL C 23 -42.33 -14.05 10.76
C VAL C 23 -43.74 -14.42 10.30
N THR C 24 -44.52 -14.98 11.21
CA THR C 24 -45.87 -15.39 10.89
C THR C 24 -46.82 -14.19 10.99
N PRO C 25 -47.52 -13.83 9.92
CA PRO C 25 -48.40 -12.66 9.97
C PRO C 25 -49.56 -12.88 10.94
N GLY C 26 -49.79 -11.89 11.79
CA GLY C 26 -50.86 -11.97 12.76
C GLY C 26 -50.56 -12.80 13.98
N GLY C 27 -49.32 -13.29 14.13
CA GLY C 27 -48.95 -14.12 15.25
C GLY C 27 -48.46 -13.33 16.44
N VAL C 28 -47.98 -14.06 17.46
CA VAL C 28 -47.38 -13.48 18.65
C VAL C 28 -45.87 -13.54 18.49
N LEU C 29 -45.21 -12.39 18.62
CA LEU C 29 -43.78 -12.27 18.37
C LEU C 29 -43.10 -11.63 19.58
N LEU C 30 -42.20 -12.37 20.21
CA LEU C 30 -41.42 -11.89 21.34
C LEU C 30 -40.02 -11.55 20.83
N VAL C 31 -39.58 -10.32 21.04
CA VAL C 31 -38.37 -9.79 20.41
C VAL C 31 -37.38 -9.40 21.49
N HIS C 32 -36.16 -9.88 21.35
CA HIS C 32 -35.05 -9.51 22.18
C HIS C 32 -34.15 -8.85 21.19
N SER C 33 -33.71 -7.64 21.45
CA SER C 33 -33.03 -6.85 20.46
C SER C 33 -31.82 -6.14 21.05
N SER C 34 -30.80 -5.96 20.22
CA SER C 34 -29.63 -5.14 20.52
C SER C 34 -29.55 -4.10 19.42
N PHE C 35 -29.88 -2.85 19.74
CA PHE C 35 -29.95 -1.85 18.69
C PHE C 35 -28.59 -1.63 18.04
N ARG C 36 -27.52 -1.59 18.85
CA ARG C 36 -26.19 -1.34 18.32
C ARG C 36 -25.75 -2.38 17.29
N SER C 37 -26.45 -3.51 17.21
CA SER C 37 -26.26 -4.46 16.13
C SER C 37 -27.20 -4.21 14.96
N VAL C 38 -28.40 -3.67 15.22
CA VAL C 38 -29.36 -3.41 14.16
C VAL C 38 -29.09 -2.07 13.48
N ARG C 39 -28.69 -1.04 14.18
CA ARG C 39 -28.52 0.22 13.53
C ARG C 39 -27.42 0.23 12.52
N PRO C 40 -27.38 1.22 11.64
CA PRO C 40 -28.29 2.38 11.59
C PRO C 40 -29.57 2.09 10.83
N LEU C 41 -30.68 2.73 11.22
CA LEU C 41 -31.93 2.68 10.49
C LEU C 41 -32.41 4.10 10.21
N GLU C 42 -33.18 4.23 9.13
CA GLU C 42 -33.62 5.57 8.72
C GLU C 42 -34.47 6.24 9.80
N ASP C 43 -35.28 5.45 10.52
CA ASP C 43 -36.20 6.00 11.51
C ASP C 43 -35.83 5.59 12.94
N GLY C 44 -34.57 5.24 13.20
CA GLY C 44 -34.10 4.96 14.54
C GLY C 44 -34.78 3.77 15.19
N PRO C 45 -34.69 3.69 16.52
CA PRO C 45 -35.36 2.57 17.23
C PRO C 45 -36.84 2.50 16.97
N LEU C 46 -37.52 3.65 16.87
CA LEU C 46 -38.92 3.65 16.49
C LEU C 46 -39.14 3.03 15.12
N GLY C 47 -38.14 3.15 14.23
CA GLY C 47 -38.25 2.52 12.92
C GLY C 47 -38.27 1.01 12.98
N LEU C 48 -37.55 0.43 13.95
CA LEU C 48 -37.58 -1.02 14.10
C LEU C 48 -38.92 -1.50 14.61
N ILE C 49 -39.48 -0.81 15.61
CA ILE C 49 -40.78 -1.19 16.16
C ILE C 49 -41.86 -1.09 15.09
N GLU C 50 -41.86 0.02 14.34
CA GLU C 50 -42.85 0.20 13.28
C GLU C 50 -42.76 -0.90 12.23
N ALA C 51 -41.54 -1.33 11.90
CA ALA C 51 -41.39 -2.40 10.91
C ALA C 51 -41.87 -3.72 11.47
N LEU C 52 -41.57 -4.00 12.74
CA LEU C 52 -42.03 -5.24 13.37
C LEU C 52 -43.55 -5.34 13.35
N ARG C 53 -44.25 -4.25 13.71
CA ARG C 53 -45.70 -4.29 13.76
C ARG C 53 -46.31 -4.29 12.36
N ALA C 54 -45.62 -3.72 11.37
CA ALA C 54 -46.10 -3.81 10.00
C ALA C 54 -45.99 -5.21 9.44
N ALA C 55 -44.94 -5.95 9.83
CA ALA C 55 -44.80 -7.33 9.39
C ALA C 55 -45.86 -8.23 10.00
N LEU C 56 -46.21 -7.99 11.27
CA LEU C 56 -47.23 -8.79 11.93
C LEU C 56 -48.63 -8.47 11.43
N GLY C 57 -48.87 -7.21 11.06
CA GLY C 57 -50.20 -6.76 10.72
C GLY C 57 -50.97 -6.36 11.96
N PRO C 58 -52.15 -5.77 11.77
CA PRO C 58 -52.90 -5.27 12.93
C PRO C 58 -53.31 -6.36 13.90
N GLY C 59 -53.46 -7.60 13.44
CA GLY C 59 -53.86 -8.68 14.32
C GLY C 59 -52.74 -9.29 15.14
N GLY C 60 -51.50 -9.05 14.75
CA GLY C 60 -50.38 -9.59 15.48
C GLY C 60 -50.16 -8.86 16.81
N THR C 61 -49.39 -9.51 17.68
CA THR C 61 -49.05 -8.95 18.99
C THR C 61 -47.53 -8.93 19.14
N LEU C 62 -46.98 -7.75 19.37
CA LEU C 62 -45.55 -7.57 19.55
C LEU C 62 -45.22 -7.55 21.04
N VAL C 63 -44.32 -8.42 21.46
CA VAL C 63 -43.96 -8.58 22.87
C VAL C 63 -42.47 -8.30 23.03
N MET C 64 -42.12 -7.61 24.12
CA MET C 64 -40.74 -7.31 24.46
C MET C 64 -40.54 -7.38 25.96
N PRO C 65 -39.34 -7.71 26.43
CA PRO C 65 -39.06 -7.63 27.87
C PRO C 65 -39.06 -6.18 28.33
N SER C 66 -39.48 -5.98 29.58
CA SER C 66 -39.66 -4.62 30.07
C SER C 66 -39.34 -4.45 31.56
N TRP C 67 -38.59 -5.35 32.16
CA TRP C 67 -38.37 -5.31 33.60
C TRP C 67 -37.38 -4.21 33.97
N SER C 68 -37.50 -3.73 35.22
CA SER C 68 -36.76 -2.54 35.65
C SER C 68 -35.33 -2.84 36.06
N GLY C 69 -35.05 -4.07 36.47
CA GLY C 69 -33.73 -4.41 36.94
C GLY C 69 -33.39 -3.90 38.33
N LEU C 70 -34.35 -3.33 39.05
CA LEU C 70 -34.12 -2.72 40.34
C LEU C 70 -34.72 -3.61 41.43
N ASP C 71 -33.84 -4.17 42.27
CA ASP C 71 -34.30 -5.08 43.32
C ASP C 71 -34.82 -4.35 44.55
N ASP C 72 -34.50 -3.07 44.72
CA ASP C 72 -34.80 -2.35 45.95
C ASP C 72 -35.76 -1.18 45.72
N GLU C 73 -36.43 -1.13 44.58
CA GLU C 73 -37.36 -0.05 44.28
C GLU C 73 -38.64 -0.63 43.68
N PRO C 74 -39.81 -0.14 44.12
CA PRO C 74 -41.07 -0.63 43.54
C PRO C 74 -41.19 -0.24 42.08
N PHE C 75 -41.94 -1.06 41.34
CA PHE C 75 -42.07 -0.92 39.89
C PHE C 75 -43.40 -0.25 39.55
N ASP C 76 -43.34 0.76 38.68
CA ASP C 76 -44.52 1.43 38.17
C ASP C 76 -44.55 1.25 36.66
N PRO C 77 -45.57 0.57 36.10
CA PRO C 77 -45.58 0.34 34.65
C PRO C 77 -45.62 1.60 33.82
N ALA C 78 -46.10 2.71 34.38
CA ALA C 78 -46.22 3.95 33.62
C ALA C 78 -44.96 4.80 33.63
N THR C 79 -44.06 4.60 34.60
CA THR C 79 -42.90 5.49 34.74
C THR C 79 -41.57 4.76 34.75
N SER C 80 -41.56 3.51 35.19
CA SER C 80 -40.28 2.82 35.43
C SER C 80 -39.58 2.50 34.12
N PRO C 81 -38.35 2.99 33.91
CA PRO C 81 -37.60 2.62 32.71
C PRO C 81 -37.13 1.18 32.80
N VAL C 82 -37.12 0.50 31.64
CA VAL C 82 -36.56 -0.84 31.61
C VAL C 82 -35.05 -0.75 31.84
N THR C 83 -34.49 -1.84 32.32
CA THR C 83 -33.07 -1.86 32.63
C THR C 83 -32.26 -1.67 31.34
N PRO C 84 -31.15 -0.94 31.39
CA PRO C 84 -30.34 -0.73 30.17
C PRO C 84 -29.85 -2.01 29.53
N ASP C 85 -29.79 -3.11 30.28
CA ASP C 85 -29.35 -4.39 29.72
C ASP C 85 -30.33 -4.95 28.69
N LEU C 86 -31.54 -4.42 28.60
CA LEU C 86 -32.52 -4.88 27.63
C LEU C 86 -32.49 -4.09 26.33
N GLY C 87 -31.84 -2.93 26.30
CA GLY C 87 -31.68 -2.16 25.08
C GLY C 87 -32.68 -1.02 24.99
N VAL C 88 -32.31 -0.01 24.18
CA VAL C 88 -33.14 1.18 24.02
C VAL C 88 -34.48 0.83 23.37
N VAL C 89 -34.50 -0.17 22.49
CA VAL C 89 -35.74 -0.53 21.81
C VAL C 89 -36.81 -0.94 22.82
N SER C 90 -36.43 -1.75 23.81
CA SER C 90 -37.40 -2.15 24.84
C SER C 90 -37.85 -0.95 25.66
N ASP C 91 -36.93 -0.02 25.96
CA ASP C 91 -37.29 1.14 26.76
C ASP C 91 -38.20 2.10 26.00
N THR C 92 -38.14 2.08 24.67
CA THR C 92 -39.01 2.93 23.87
C THR C 92 -40.35 2.26 23.59
N PHE C 93 -40.36 0.94 23.44
CA PHE C 93 -41.57 0.22 23.02
C PHE C 93 -42.72 0.41 24.01
N TRP C 94 -42.44 0.30 25.30
CA TRP C 94 -43.52 0.30 26.28
C TRP C 94 -44.15 1.68 26.46
N ARG C 95 -43.45 2.75 26.04
CA ARG C 95 -43.99 4.10 26.16
C ARG C 95 -44.89 4.48 25.00
N LEU C 96 -44.93 3.70 23.94
CA LEU C 96 -45.70 4.04 22.75
C LEU C 96 -47.19 3.90 23.03
N PRO C 97 -48.02 4.56 22.22
CA PRO C 97 -49.47 4.45 22.42
C PRO C 97 -49.98 3.01 22.36
N ASN C 98 -50.88 2.70 23.28
CA ASN C 98 -51.65 1.45 23.32
C ASN C 98 -50.77 0.22 23.59
N VAL C 99 -49.58 0.40 24.13
CA VAL C 99 -48.72 -0.71 24.49
C VAL C 99 -48.99 -1.06 25.95
N LYS C 100 -49.43 -2.28 26.20
CA LYS C 100 -49.72 -2.73 27.56
C LYS C 100 -48.44 -3.20 28.24
N ARG C 101 -48.47 -3.17 29.58
CA ARG C 101 -47.28 -3.50 30.36
C ARG C 101 -47.71 -4.19 31.65
N SER C 102 -46.93 -5.19 32.07
CA SER C 102 -47.20 -5.87 33.32
C SER C 102 -46.99 -4.93 34.51
N ALA C 103 -47.65 -5.26 35.61
CA ALA C 103 -47.55 -4.43 36.81
C ALA C 103 -46.72 -5.11 37.88
N HIS C 104 -45.48 -5.47 37.55
CA HIS C 104 -44.57 -6.06 38.51
C HIS C 104 -43.14 -5.85 38.01
N PRO C 105 -42.15 -5.88 38.91
CA PRO C 105 -40.77 -5.56 38.49
C PRO C 105 -40.19 -6.48 37.44
N PHE C 106 -40.81 -7.61 37.15
CA PHE C 106 -40.35 -8.50 36.07
C PHE C 106 -41.24 -8.38 34.85
N ALA C 107 -41.59 -7.14 34.49
CA ALA C 107 -42.65 -6.88 33.52
C ALA C 107 -42.18 -7.15 32.09
N PHE C 108 -43.14 -7.49 31.25
CA PHE C 108 -43.00 -7.47 29.81
C PHE C 108 -43.97 -6.44 29.24
N ALA C 109 -43.76 -6.09 27.97
CA ALA C 109 -44.64 -5.18 27.27
C ALA C 109 -45.19 -5.86 26.03
N ALA C 110 -46.44 -5.57 25.70
CA ALA C 110 -47.10 -6.20 24.55
C ALA C 110 -48.06 -5.21 23.89
N ALA C 111 -48.15 -5.29 22.57
CA ALA C 111 -49.07 -4.45 21.81
C ALA C 111 -49.72 -5.31 20.73
N GLY C 112 -51.05 -5.38 20.74
CA GLY C 112 -51.77 -6.21 19.82
C GLY C 112 -53.06 -6.74 20.44
N PRO C 113 -53.87 -7.42 19.62
CA PRO C 113 -55.15 -7.95 20.13
C PRO C 113 -55.00 -8.97 21.26
N GLN C 114 -53.83 -9.60 21.40
CA GLN C 114 -53.60 -10.59 22.44
C GLN C 114 -52.71 -10.05 23.55
N ALA C 115 -52.49 -8.73 23.60
CA ALA C 115 -51.54 -8.17 24.56
C ALA C 115 -51.93 -8.49 25.99
N GLU C 116 -53.19 -8.26 26.35
CA GLU C 116 -53.60 -8.48 27.73
C GLU C 116 -53.66 -9.95 28.11
N GLN C 117 -53.61 -10.88 27.16
CA GLN C 117 -53.44 -12.27 27.50
C GLN C 117 -51.99 -12.63 27.82
N ILE C 118 -51.05 -11.75 27.51
CA ILE C 118 -49.64 -12.01 27.70
C ILE C 118 -49.12 -11.39 28.99
N ILE C 119 -49.56 -10.19 29.34
CA ILE C 119 -48.93 -9.39 30.36
C ILE C 119 -49.82 -9.16 31.58
N SER C 120 -50.98 -9.82 31.66
CA SER C 120 -51.92 -9.56 32.74
C SER C 120 -51.76 -10.52 33.91
N ASP C 121 -50.53 -10.89 34.26
CA ASP C 121 -50.37 -11.76 35.41
C ASP C 121 -49.76 -10.99 36.58
N PRO C 122 -50.16 -11.30 37.81
CA PRO C 122 -49.52 -10.67 38.97
C PRO C 122 -48.08 -11.14 39.15
N LEU C 123 -47.39 -10.60 40.16
CA LEU C 123 -45.98 -10.84 40.46
C LEU C 123 -45.62 -12.32 40.32
N PRO C 124 -44.83 -12.68 39.30
CA PRO C 124 -44.44 -14.09 39.13
C PRO C 124 -43.19 -14.43 39.93
N LEU C 125 -43.24 -15.53 40.67
CA LEU C 125 -42.11 -15.98 41.49
C LEU C 125 -41.82 -17.44 41.16
N PRO C 126 -40.70 -17.76 40.48
CA PRO C 126 -39.65 -16.88 39.93
C PRO C 126 -40.15 -16.02 38.76
N PRO C 127 -39.34 -15.07 38.29
CA PRO C 127 -39.82 -14.17 37.22
C PRO C 127 -40.31 -14.87 35.96
N HIS C 128 -39.69 -15.97 35.57
CA HIS C 128 -40.00 -16.63 34.30
C HIS C 128 -40.71 -17.97 34.51
N SER C 129 -41.55 -18.02 35.53
CA SER C 129 -42.31 -19.23 35.85
C SER C 129 -43.49 -19.36 34.90
N PRO C 130 -44.26 -20.45 35.00
CA PRO C 130 -45.61 -20.43 34.43
C PRO C 130 -46.42 -19.30 35.04
N ALA C 131 -47.46 -18.88 34.32
CA ALA C 131 -48.24 -17.70 34.70
C ALA C 131 -47.35 -16.47 34.74
N SER C 132 -46.51 -16.32 33.72
CA SER C 132 -45.66 -15.18 33.51
C SER C 132 -45.65 -14.87 32.01
N PRO C 133 -45.29 -13.64 31.63
CA PRO C 133 -45.41 -13.26 30.21
C PRO C 133 -44.74 -14.20 29.22
N VAL C 134 -43.49 -14.60 29.46
CA VAL C 134 -42.82 -15.49 28.51
C VAL C 134 -43.46 -16.88 28.50
N ALA C 135 -44.10 -17.27 29.61
CA ALA C 135 -44.89 -18.49 29.60
C ALA C 135 -46.17 -18.29 28.79
N ARG C 136 -46.77 -17.10 28.87
CA ARG C 136 -47.96 -16.82 28.08
C ARG C 136 -47.65 -16.86 26.59
N VAL C 137 -46.46 -16.39 26.19
CA VAL C 137 -46.05 -16.50 24.80
C VAL C 137 -45.98 -17.96 24.37
N HIS C 138 -45.40 -18.81 25.23
CA HIS C 138 -45.30 -20.23 24.91
C HIS C 138 -46.67 -20.87 24.77
N GLU C 139 -47.63 -20.45 25.60
CA GLU C 139 -48.97 -21.02 25.52
C GLU C 139 -49.70 -20.55 24.26
N LEU C 140 -49.46 -19.31 23.83
CA LEU C 140 -50.09 -18.78 22.63
C LEU C 140 -49.32 -19.14 21.35
N ASP C 141 -48.39 -20.09 21.43
CA ASP C 141 -47.67 -20.60 20.27
C ASP C 141 -46.92 -19.49 19.52
N GLY C 142 -46.27 -18.62 20.27
CA GLY C 142 -45.60 -17.49 19.68
C GLY C 142 -44.25 -17.84 19.07
N GLN C 143 -43.67 -16.84 18.40
CA GLN C 143 -42.33 -16.92 17.86
C GLN C 143 -41.39 -16.05 18.70
N VAL C 144 -40.13 -16.44 18.76
CA VAL C 144 -39.12 -15.71 19.51
C VAL C 144 -38.10 -15.18 18.51
N LEU C 145 -37.88 -13.87 18.52
CA LEU C 145 -36.98 -13.20 17.58
C LEU C 145 -35.82 -12.61 18.37
N LEU C 146 -34.61 -13.03 18.03
CA LEU C 146 -33.38 -12.52 18.64
C LEU C 146 -32.65 -11.67 17.61
N LEU C 147 -32.64 -10.36 17.83
CA LEU C 147 -32.05 -9.40 16.90
C LEU C 147 -30.69 -8.95 17.43
N GLY C 148 -29.62 -9.49 16.85
CA GLY C 148 -28.29 -9.12 17.27
C GLY C 148 -27.87 -9.64 18.62
N VAL C 149 -28.64 -10.57 19.21
CA VAL C 149 -28.30 -11.19 20.48
C VAL C 149 -28.40 -12.70 20.32
N GLY C 150 -27.59 -13.42 21.09
CA GLY C 150 -27.62 -14.86 21.10
C GLY C 150 -28.66 -15.43 22.05
N HIS C 151 -28.57 -16.74 22.27
CA HIS C 151 -29.51 -17.42 23.15
C HIS C 151 -29.30 -17.09 24.62
N ASP C 152 -28.18 -16.43 24.97
CA ASP C 152 -27.99 -15.98 26.34
C ASP C 152 -29.05 -14.97 26.76
N ALA C 153 -29.69 -14.30 25.81
CA ALA C 153 -30.82 -13.41 26.09
C ALA C 153 -32.16 -14.06 25.79
N ASN C 154 -32.17 -15.33 25.39
CA ASN C 154 -33.40 -16.06 25.11
C ASN C 154 -33.98 -16.52 26.45
N THR C 155 -34.82 -15.67 27.04
CA THR C 155 -35.32 -15.94 28.39
C THR C 155 -36.29 -17.12 28.41
N THR C 156 -36.88 -17.47 27.26
CA THR C 156 -37.71 -18.67 27.19
C THR C 156 -36.96 -19.89 27.71
N LEU C 157 -35.64 -19.93 27.51
CA LEU C 157 -34.85 -21.04 28.04
C LEU C 157 -34.91 -21.09 29.57
N ALA C 158 -34.99 -19.93 30.22
CA ALA C 158 -35.15 -19.91 31.67
C ALA C 158 -36.50 -20.48 32.07
N LEU C 159 -37.54 -20.21 31.27
CA LEU C 159 -38.83 -20.84 31.47
C LEU C 159 -38.72 -22.36 31.37
N ALA C 160 -37.89 -22.85 30.44
CA ALA C 160 -37.68 -24.28 30.32
C ALA C 160 -36.99 -24.85 31.56
N GLU C 161 -36.06 -24.08 32.14
CA GLU C 161 -35.42 -24.52 33.37
C GLU C 161 -36.44 -24.77 34.47
N LEU C 162 -37.52 -23.98 34.49
CA LEU C 162 -38.48 -24.07 35.58
C LEU C 162 -39.48 -25.19 35.35
N MET C 163 -39.89 -25.39 34.09
CA MET C 163 -40.77 -26.51 33.78
C MET C 163 -40.08 -27.85 34.03
N ALA C 164 -38.75 -27.87 33.95
CA ALA C 164 -37.98 -29.08 34.23
C ALA C 164 -37.77 -29.31 35.72
N LYS C 165 -38.27 -28.41 36.57
CA LYS C 165 -38.06 -28.48 38.01
C LYS C 165 -36.56 -28.63 38.32
N VAL C 166 -35.81 -27.65 37.87
CA VAL C 166 -34.34 -27.72 37.91
C VAL C 166 -33.87 -27.53 39.36
N PRO C 167 -32.83 -28.24 39.80
CA PRO C 167 -32.51 -28.25 41.24
C PRO C 167 -31.73 -27.05 41.75
N TYR C 168 -31.30 -26.11 40.90
CA TYR C 168 -30.58 -24.95 41.41
C TYR C 168 -31.52 -23.77 41.63
N GLY C 169 -31.11 -22.90 42.55
CA GLY C 169 -31.90 -21.74 42.92
C GLY C 169 -31.21 -20.89 43.95
N VAL C 170 -30.91 -19.64 43.60
CA VAL C 170 -30.15 -18.74 44.47
C VAL C 170 -31.10 -17.70 45.05
N PRO C 171 -30.83 -17.18 46.26
CA PRO C 171 -31.74 -16.19 46.85
C PRO C 171 -31.63 -14.85 46.14
N ARG C 172 -32.77 -14.36 45.65
CA ARG C 172 -32.90 -13.03 45.08
C ARG C 172 -34.07 -12.34 45.77
N HIS C 173 -34.29 -11.07 45.44
CA HIS C 173 -35.36 -10.31 46.07
C HIS C 173 -35.76 -9.14 45.21
N CYS C 174 -37.00 -8.69 45.40
CA CYS C 174 -37.52 -7.45 44.83
C CYS C 174 -38.41 -6.79 45.87
N THR C 175 -38.82 -5.56 45.59
CA THR C 175 -39.69 -4.81 46.47
C THR C 175 -40.96 -4.40 45.74
N ILE C 176 -42.08 -4.47 46.44
CA ILE C 176 -43.38 -4.06 45.94
C ILE C 176 -44.03 -3.15 46.97
N LEU C 177 -45.15 -2.53 46.58
CA LEU C 177 -46.01 -1.85 47.53
C LEU C 177 -47.07 -2.83 48.01
N GLN C 178 -47.48 -2.68 49.27
CA GLN C 178 -48.57 -3.48 49.83
C GLN C 178 -49.31 -2.60 50.81
N ASP C 179 -50.55 -2.23 50.47
CA ASP C 179 -51.36 -1.32 51.26
C ASP C 179 -50.64 0.02 51.46
N GLY C 180 -49.80 0.39 50.51
CA GLY C 180 -49.08 1.65 50.59
C GLY C 180 -47.80 1.63 51.38
N LYS C 181 -47.16 0.47 51.54
CA LYS C 181 -45.85 0.40 52.19
C LYS C 181 -44.94 -0.58 51.46
N LEU C 182 -43.64 -0.27 51.49
CA LEU C 182 -42.62 -1.02 50.77
C LEU C 182 -42.39 -2.37 51.44
N VAL C 183 -42.51 -3.44 50.65
CA VAL C 183 -42.40 -4.80 51.16
C VAL C 183 -41.32 -5.52 50.36
N ARG C 184 -40.36 -6.12 51.06
CA ARG C 184 -39.37 -6.96 50.42
C ARG C 184 -39.95 -8.35 50.15
N VAL C 185 -39.69 -8.86 48.95
CA VAL C 185 -40.19 -10.15 48.51
C VAL C 185 -39.00 -11.05 48.21
N ASP C 186 -38.77 -12.04 49.06
CA ASP C 186 -37.63 -12.94 48.91
C ASP C 186 -38.05 -14.20 48.19
N TYR C 187 -37.26 -14.59 47.19
CA TYR C 187 -37.56 -15.78 46.39
C TYR C 187 -36.25 -16.42 45.97
N LEU C 188 -36.37 -17.60 45.37
CA LEU C 188 -35.22 -18.35 44.84
C LEU C 188 -35.29 -18.31 43.32
N GLU C 189 -34.25 -17.78 42.70
CA GLU C 189 -34.19 -17.64 41.24
C GLU C 189 -33.17 -18.62 40.66
N ASN C 190 -33.44 -19.05 39.43
CA ASN C 190 -32.57 -19.97 38.70
C ASN C 190 -31.49 -19.20 37.93
N ASP C 191 -30.74 -18.39 38.65
CA ASP C 191 -29.76 -17.51 38.06
C ASP C 191 -28.43 -18.24 37.86
N HIS C 192 -27.83 -18.03 36.69
CA HIS C 192 -26.44 -18.37 36.43
C HIS C 192 -25.91 -17.38 35.42
N CYS C 193 -24.81 -17.74 34.74
CA CYS C 193 -24.18 -16.81 33.81
C CYS C 193 -24.83 -16.81 32.43
N CYS C 194 -25.78 -17.72 32.16
CA CYS C 194 -26.55 -17.74 30.93
C CYS C 194 -25.71 -17.92 29.67
N GLU C 195 -24.38 -17.99 29.82
CA GLU C 195 -23.51 -18.16 28.67
C GLU C 195 -23.80 -19.48 27.96
N ARG C 196 -23.93 -20.56 28.72
CA ARG C 196 -24.19 -21.88 28.15
C ARG C 196 -25.60 -22.03 27.60
N PHE C 197 -26.40 -20.96 27.53
CA PHE C 197 -27.61 -21.00 26.73
C PHE C 197 -27.29 -21.08 25.24
N ALA C 198 -26.05 -20.76 24.85
CA ALA C 198 -25.65 -20.84 23.45
C ALA C 198 -25.64 -22.26 22.93
N LEU C 199 -25.67 -23.26 23.81
CA LEU C 199 -25.76 -24.65 23.37
C LEU C 199 -27.05 -24.90 22.59
N ALA C 200 -28.09 -24.09 22.84
CA ALA C 200 -29.35 -24.25 22.12
C ALA C 200 -29.19 -23.96 20.63
N ASP C 201 -28.19 -23.19 20.24
CA ASP C 201 -27.93 -22.96 18.82
C ASP C 201 -27.73 -24.29 18.09
N ARG C 202 -26.86 -25.15 18.62
CA ARG C 202 -26.62 -26.44 17.99
C ARG C 202 -27.82 -27.38 18.14
N TRP C 203 -28.54 -27.30 19.27
CA TRP C 203 -29.69 -28.16 19.47
C TRP C 203 -30.78 -27.88 18.46
N LEU C 204 -31.15 -26.61 18.29
CA LEU C 204 -32.23 -26.26 17.37
C LEU C 204 -31.79 -26.33 15.92
N LYS C 205 -30.51 -26.02 15.66
CA LYS C 205 -29.99 -26.07 14.30
C LYS C 205 -30.06 -27.47 13.72
N GLU C 206 -29.82 -28.49 14.55
CA GLU C 206 -29.77 -29.85 14.08
C GLU C 206 -31.16 -30.47 13.93
N LYS C 207 -32.18 -29.87 14.52
CA LYS C 207 -33.54 -30.35 14.37
C LYS C 207 -34.37 -29.48 13.42
N SER C 208 -33.73 -28.54 12.73
CA SER C 208 -34.38 -27.71 11.71
C SER C 208 -35.51 -26.87 12.30
N LEU C 209 -35.25 -26.26 13.45
CA LEU C 209 -36.23 -25.42 14.12
C LEU C 209 -35.79 -23.97 14.27
N GLN C 210 -34.65 -23.60 13.70
CA GLN C 210 -34.10 -22.25 13.77
C GLN C 210 -33.82 -21.73 12.37
N LYS C 211 -34.30 -20.52 12.09
CA LYS C 211 -34.16 -19.88 10.81
C LYS C 211 -33.25 -18.70 10.94
N GLU C 212 -32.29 -18.55 10.06
CA GLU C 212 -31.40 -17.42 10.20
C GLU C 212 -31.45 -16.48 8.99
N GLY C 213 -31.23 -15.20 9.27
CA GLY C 213 -31.22 -14.18 8.25
C GLY C 213 -30.89 -12.80 8.79
N PRO C 214 -30.74 -11.83 7.90
CA PRO C 214 -30.43 -10.46 8.31
C PRO C 214 -31.68 -9.64 8.61
N VAL C 215 -31.60 -8.85 9.68
CA VAL C 215 -32.59 -7.83 10.01
C VAL C 215 -31.83 -6.53 10.21
N GLY C 216 -32.04 -5.58 9.31
CA GLY C 216 -31.20 -4.39 9.33
C GLY C 216 -29.75 -4.79 9.10
N HIS C 217 -28.89 -4.41 10.03
CA HIS C 217 -27.48 -4.80 9.98
C HIS C 217 -27.16 -6.00 10.85
N ALA C 218 -28.16 -6.61 11.49
CA ALA C 218 -27.92 -7.60 12.53
C ALA C 218 -28.18 -9.02 12.04
N PHE C 219 -27.49 -9.96 12.67
CA PHE C 219 -27.79 -11.38 12.50
C PHE C 219 -28.97 -11.74 13.40
N ALA C 220 -29.98 -12.40 12.83
CA ALA C 220 -31.27 -12.52 13.50
C ALA C 220 -31.66 -13.99 13.73
N ARG C 221 -32.47 -14.21 14.76
CA ARG C 221 -32.82 -15.57 15.17
C ARG C 221 -34.30 -15.66 15.57
N LEU C 222 -35.13 -16.16 14.64
CA LEU C 222 -36.54 -16.48 14.82
C LEU C 222 -36.73 -17.97 15.17
N ILE C 223 -37.08 -18.27 16.43
CA ILE C 223 -37.48 -19.63 16.83
C ILE C 223 -38.91 -19.62 17.38
N ARG C 224 -39.63 -20.71 17.12
CA ARG C 224 -40.92 -20.92 17.77
C ARG C 224 -40.72 -21.16 19.26
N SER C 225 -41.58 -20.54 20.07
CA SER C 225 -41.42 -20.63 21.52
C SER C 225 -41.56 -22.07 22.01
N ARG C 226 -42.55 -22.80 21.47
CA ARG C 226 -42.73 -24.18 21.88
C ARG C 226 -41.59 -25.08 21.41
N ASP C 227 -40.86 -24.66 20.37
CA ASP C 227 -39.70 -25.42 19.93
C ASP C 227 -38.51 -25.23 20.88
N ILE C 228 -38.35 -24.03 21.43
CA ILE C 228 -37.27 -23.79 22.39
C ILE C 228 -37.51 -24.60 23.66
N VAL C 229 -38.74 -24.57 24.18
CA VAL C 229 -39.06 -25.27 25.41
C VAL C 229 -38.94 -26.78 25.21
N ALA C 230 -39.51 -27.29 24.14
CA ALA C 230 -39.48 -28.74 23.89
C ALA C 230 -38.06 -29.25 23.74
N THR C 231 -37.20 -28.47 23.07
CA THR C 231 -35.82 -28.90 22.87
C THR C 231 -35.02 -28.80 24.16
N ALA C 232 -35.18 -27.71 24.91
CA ALA C 232 -34.43 -27.56 26.16
C ALA C 232 -34.86 -28.59 27.19
N LEU C 233 -36.15 -28.88 27.26
CA LEU C 233 -36.63 -29.89 28.21
C LEU C 233 -36.09 -31.27 27.87
N GLY C 234 -35.81 -31.53 26.60
CA GLY C 234 -35.22 -32.81 26.22
C GLY C 234 -33.81 -32.97 26.75
N GLN C 235 -33.00 -31.92 26.64
CA GLN C 235 -31.64 -31.98 27.17
C GLN C 235 -31.63 -31.87 28.69
N LEU C 236 -32.54 -31.08 29.26
CA LEU C 236 -32.63 -30.98 30.71
C LEU C 236 -33.11 -32.28 31.33
N GLY C 237 -33.88 -33.07 30.59
CA GLY C 237 -34.31 -34.37 31.09
C GLY C 237 -33.17 -35.35 31.21
N ARG C 238 -32.12 -35.18 30.40
CA ARG C 238 -30.93 -36.02 30.49
C ARG C 238 -29.84 -35.43 31.36
N ASP C 239 -29.81 -34.11 31.51
CA ASP C 239 -28.84 -33.43 32.36
C ASP C 239 -29.51 -32.21 32.95
N PRO C 240 -30.00 -32.29 34.19
CA PRO C 240 -30.62 -31.11 34.81
C PRO C 240 -29.68 -29.93 34.95
N LEU C 241 -28.36 -30.15 34.95
CA LEU C 241 -27.39 -29.09 35.12
C LEU C 241 -26.61 -28.82 33.83
N ILE C 242 -27.23 -29.09 32.68
CA ILE C 242 -26.57 -28.90 31.40
C ILE C 242 -26.21 -27.43 31.17
N PHE C 243 -27.01 -26.51 31.69
CA PHE C 243 -26.81 -25.09 31.46
C PHE C 243 -25.76 -24.46 32.38
N LEU C 244 -25.20 -25.22 33.32
CA LEU C 244 -24.26 -24.69 34.28
C LEU C 244 -22.83 -24.99 33.85
N HIS C 245 -21.93 -24.06 34.12
CA HIS C 245 -20.51 -24.27 33.85
C HIS C 245 -19.96 -25.33 34.80
N PRO C 246 -19.05 -26.19 34.34
CA PRO C 246 -18.37 -27.08 35.28
C PRO C 246 -17.49 -26.29 36.22
N PRO C 247 -17.29 -26.78 37.47
CA PRO C 247 -16.46 -26.05 38.44
C PRO C 247 -15.06 -25.73 37.93
N GLU C 248 -14.58 -26.48 36.94
CA GLU C 248 -13.25 -26.26 36.40
C GLU C 248 -13.16 -24.93 35.65
N ALA C 249 -14.26 -24.48 35.05
CA ALA C 249 -14.27 -23.22 34.30
C ALA C 249 -14.16 -22.00 35.22
N GLY C 250 -14.35 -22.17 36.52
CA GLY C 250 -14.21 -21.06 37.44
C GLY C 250 -15.25 -19.97 37.29
N CYS C 251 -16.47 -20.32 36.93
CA CYS C 251 -17.57 -19.35 36.82
C CYS C 251 -18.22 -19.21 38.19
N GLU C 252 -18.07 -18.03 38.79
CA GLU C 252 -18.64 -17.80 40.12
C GLU C 252 -20.15 -17.89 40.10
N GLU C 253 -20.79 -17.33 39.06
CA GLU C 253 -22.25 -17.35 39.00
C GLU C 253 -22.78 -18.77 38.88
N CYS C 254 -22.14 -19.60 38.06
CA CYS C 254 -22.57 -20.99 37.93
C CYS C 254 -22.23 -21.77 39.19
N ASP C 255 -21.06 -21.50 39.80
CA ASP C 255 -20.68 -22.21 41.02
C ASP C 255 -21.66 -21.93 42.15
N ALA C 256 -22.17 -20.70 42.23
CA ALA C 256 -23.16 -20.38 43.25
C ALA C 256 -24.45 -21.15 43.03
N ALA C 257 -24.82 -21.39 41.77
CA ALA C 257 -26.02 -22.17 41.48
C ALA C 257 -25.85 -23.63 41.88
N ARG C 258 -24.65 -24.18 41.65
CA ARG C 258 -24.41 -25.58 42.03
C ARG C 258 -24.30 -25.74 43.54
N GLN C 259 -23.89 -24.69 44.25
CA GLN C 259 -23.80 -24.79 45.70
C GLN C 259 -25.19 -24.94 46.33
N SER C 260 -26.23 -24.45 45.68
CA SER C 260 -27.58 -24.49 46.20
C SER C 260 -28.31 -25.79 45.87
N ILE C 261 -27.68 -26.70 45.14
CA ILE C 261 -28.32 -27.94 44.73
C ILE C 261 -28.71 -28.78 45.95
N GLN D 3 21.42 -2.48 -7.92
CA GLN D 3 20.06 -2.90 -8.22
C GLN D 3 19.61 -4.05 -7.31
N MET D 4 19.98 -5.27 -7.69
CA MET D 4 19.55 -6.46 -6.96
C MET D 4 20.51 -7.61 -7.11
N MET D 5 19.95 -8.82 -7.27
CA MET D 5 20.68 -10.07 -7.08
C MET D 5 20.29 -11.04 -8.21
N GLN D 6 20.80 -10.77 -9.40
CA GLN D 6 20.45 -11.55 -10.57
C GLN D 6 21.46 -12.66 -10.81
N TYR D 7 21.00 -13.72 -11.49
CA TYR D 7 21.81 -14.91 -11.66
C TYR D 7 22.92 -14.67 -12.67
N GLU D 8 24.15 -14.97 -12.29
CA GLU D 8 25.31 -14.82 -13.16
C GLU D 8 25.57 -16.16 -13.83
N TRP D 9 25.09 -16.30 -15.07
CA TRP D 9 25.15 -17.58 -15.78
C TRP D 9 26.60 -18.03 -15.97
N ARG D 10 26.86 -19.29 -15.67
CA ARG D 10 28.17 -19.86 -15.91
C ARG D 10 28.26 -20.42 -17.33
N LYS D 11 29.49 -20.68 -17.77
CA LYS D 11 29.73 -21.03 -19.17
C LYS D 11 28.94 -22.25 -19.60
N ALA D 12 28.91 -23.30 -18.78
CA ALA D 12 28.23 -24.53 -19.17
C ALA D 12 26.74 -24.29 -19.42
N GLU D 13 26.14 -23.39 -18.66
CA GLU D 13 24.71 -23.13 -18.84
C GLU D 13 24.44 -22.33 -20.11
N LEU D 14 25.30 -21.34 -20.41
CA LEU D 14 25.14 -20.58 -21.64
C LEU D 14 25.21 -21.48 -22.86
N ILE D 15 26.16 -22.41 -22.89
CA ILE D 15 26.24 -23.37 -23.99
C ILE D 15 24.95 -24.18 -24.09
N GLY D 16 24.39 -24.58 -22.95
CA GLY D 16 23.12 -25.29 -22.96
C GLY D 16 22.00 -24.46 -23.56
N GLN D 17 21.97 -23.16 -23.24
CA GLN D 17 20.94 -22.29 -23.78
C GLN D 17 21.07 -22.15 -25.30
N LEU D 18 22.29 -21.95 -25.78
CA LEU D 18 22.50 -21.75 -27.21
C LEU D 18 22.17 -23.01 -28.00
N LEU D 19 22.59 -24.17 -27.48
CA LEU D 19 22.27 -25.42 -28.17
C LEU D 19 20.78 -25.70 -28.16
N ASN D 20 20.12 -25.48 -27.01
CA ASN D 20 18.67 -25.63 -26.95
C ASN D 20 17.98 -24.64 -27.87
N LEU D 21 18.55 -23.44 -28.04
CA LEU D 21 17.98 -22.47 -28.96
C LEU D 21 18.02 -22.98 -30.40
N GLY D 22 19.05 -23.74 -30.76
CA GLY D 22 19.13 -24.33 -32.08
C GLY D 22 20.42 -24.01 -32.82
N VAL D 23 21.39 -23.48 -32.10
CA VAL D 23 22.68 -23.14 -32.69
C VAL D 23 23.36 -24.41 -33.17
N THR D 24 23.83 -24.40 -34.42
CA THR D 24 24.36 -25.60 -35.05
C THR D 24 25.87 -25.68 -34.83
N PRO D 25 26.38 -26.70 -34.14
CA PRO D 25 27.84 -26.86 -34.05
C PRO D 25 28.44 -27.10 -35.42
N GLY D 26 29.58 -26.46 -35.66
CA GLY D 26 30.27 -26.57 -36.93
C GLY D 26 29.81 -25.57 -37.98
N GLY D 27 28.71 -24.85 -37.75
CA GLY D 27 28.20 -23.91 -38.71
C GLY D 27 28.81 -22.52 -38.57
N VAL D 28 28.34 -21.61 -39.40
CA VAL D 28 28.71 -20.20 -39.35
C VAL D 28 27.61 -19.46 -38.60
N LEU D 29 28.00 -18.61 -37.65
CA LEU D 29 27.04 -17.90 -36.80
C LEU D 29 27.47 -16.44 -36.70
N LEU D 30 26.63 -15.54 -37.22
CA LEU D 30 26.84 -14.11 -37.11
C LEU D 30 25.95 -13.59 -35.98
N VAL D 31 26.56 -12.89 -35.03
CA VAL D 31 25.89 -12.51 -33.79
C VAL D 31 25.86 -11.00 -33.66
N HIS D 32 24.72 -10.48 -33.24
CA HIS D 32 24.55 -9.09 -32.93
C HIS D 32 24.15 -9.15 -31.47
N SER D 33 24.74 -8.37 -30.61
CA SER D 33 24.54 -8.50 -29.18
C SER D 33 24.41 -7.15 -28.51
N SER D 34 23.61 -7.12 -27.44
CA SER D 34 23.52 -5.99 -26.52
C SER D 34 23.80 -6.56 -25.13
N PHE D 35 25.05 -6.43 -24.66
CA PHE D 35 25.45 -7.04 -23.41
C PHE D 35 24.62 -6.52 -22.23
N ARG D 36 24.08 -5.31 -22.35
CA ARG D 36 23.21 -4.77 -21.32
C ARG D 36 21.97 -5.63 -21.09
N SER D 37 21.56 -6.40 -22.08
CA SER D 37 20.45 -7.33 -21.95
C SER D 37 20.89 -8.74 -21.60
N VAL D 38 22.11 -9.13 -22.00
CA VAL D 38 22.61 -10.47 -21.70
C VAL D 38 23.09 -10.56 -20.25
N ARG D 39 23.76 -9.50 -19.76
CA ARG D 39 24.38 -9.52 -18.45
C ARG D 39 23.33 -9.64 -17.36
N PRO D 40 23.73 -10.09 -16.14
CA PRO D 40 25.09 -10.51 -15.76
C PRO D 40 25.45 -11.94 -16.14
N LEU D 41 26.72 -12.14 -16.49
CA LEU D 41 27.29 -13.46 -16.70
C LEU D 41 28.46 -13.64 -15.73
N GLU D 42 28.75 -14.90 -15.39
CA GLU D 42 29.81 -15.18 -14.43
C GLU D 42 31.16 -14.66 -14.91
N ASP D 43 31.38 -14.64 -16.23
CA ASP D 43 32.68 -14.28 -16.79
C ASP D 43 32.61 -13.04 -17.69
N GLY D 44 31.57 -12.22 -17.54
CA GLY D 44 31.48 -10.98 -18.27
C GLY D 44 31.37 -11.16 -19.77
N PRO D 45 31.63 -10.08 -20.51
CA PRO D 45 31.50 -10.17 -21.98
C PRO D 45 32.39 -11.24 -22.59
N LEU D 46 33.59 -11.44 -22.06
CA LEU D 46 34.44 -12.51 -22.55
C LEU D 46 33.79 -13.88 -22.35
N GLY D 47 33.00 -14.04 -21.29
CA GLY D 47 32.31 -15.30 -21.06
C GLY D 47 31.27 -15.61 -22.12
N LEU D 48 30.59 -14.58 -22.64
CA LEU D 48 29.66 -14.80 -23.74
C LEU D 48 30.38 -15.25 -25.00
N ILE D 49 31.53 -14.66 -25.31
CA ILE D 49 32.30 -15.07 -26.49
C ILE D 49 32.72 -16.52 -26.37
N GLU D 50 33.26 -16.90 -25.21
CA GLU D 50 33.73 -18.26 -25.01
C GLU D 50 32.57 -19.26 -25.08
N ALA D 51 31.41 -18.89 -24.54
CA ALA D 51 30.25 -19.76 -24.65
C ALA D 51 29.82 -19.93 -26.10
N LEU D 52 29.78 -18.84 -26.86
CA LEU D 52 29.41 -18.91 -28.27
C LEU D 52 30.37 -19.83 -29.03
N ARG D 53 31.67 -19.70 -28.77
CA ARG D 53 32.65 -20.52 -29.48
C ARG D 53 32.57 -21.98 -29.09
N ALA D 54 32.24 -22.27 -27.83
CA ALA D 54 32.14 -23.65 -27.39
C ALA D 54 30.91 -24.33 -27.98
N ALA D 55 29.80 -23.59 -28.10
CA ALA D 55 28.60 -24.15 -28.69
C ALA D 55 28.80 -24.50 -30.16
N LEU D 56 29.59 -23.68 -30.87
CA LEU D 56 29.87 -23.96 -32.28
C LEU D 56 30.89 -25.08 -32.46
N GLY D 57 31.77 -25.27 -31.47
CA GLY D 57 32.79 -26.29 -31.56
C GLY D 57 33.99 -25.82 -32.37
N PRO D 58 34.99 -26.70 -32.51
CA PRO D 58 36.18 -26.32 -33.28
C PRO D 58 35.88 -26.02 -34.74
N GLY D 59 34.99 -26.79 -35.36
CA GLY D 59 34.66 -26.58 -36.76
C GLY D 59 33.78 -25.36 -37.03
N GLY D 60 33.19 -24.79 -35.98
CA GLY D 60 32.33 -23.63 -36.18
C GLY D 60 33.12 -22.35 -36.35
N THR D 61 32.41 -21.33 -36.84
CA THR D 61 32.99 -20.02 -37.06
C THR D 61 32.07 -18.96 -36.49
N LEU D 62 32.56 -18.16 -35.55
CA LEU D 62 31.80 -17.09 -34.94
C LEU D 62 32.09 -15.78 -35.68
N VAL D 63 31.04 -15.09 -36.10
CA VAL D 63 31.15 -13.85 -36.86
C VAL D 63 30.41 -12.75 -36.11
N MET D 64 30.99 -11.55 -36.13
CA MET D 64 30.41 -10.38 -35.50
C MET D 64 30.69 -9.15 -36.35
N PRO D 65 29.78 -8.18 -36.38
CA PRO D 65 30.11 -6.91 -37.04
C PRO D 65 31.23 -6.20 -36.30
N SER D 66 32.02 -5.44 -37.06
CA SER D 66 33.21 -4.84 -36.46
C SER D 66 33.56 -3.47 -37.05
N TRP D 67 32.61 -2.78 -37.68
CA TRP D 67 32.93 -1.54 -38.37
C TRP D 67 33.18 -0.41 -37.36
N SER D 68 33.76 0.68 -37.86
CA SER D 68 34.20 1.77 -37.00
C SER D 68 33.14 2.85 -36.82
N GLY D 69 32.28 3.06 -37.81
CA GLY D 69 31.30 4.11 -37.72
C GLY D 69 31.85 5.52 -37.94
N LEU D 70 33.09 5.64 -38.39
CA LEU D 70 33.74 6.94 -38.60
C LEU D 70 33.90 7.18 -40.09
N ASP D 71 33.29 8.26 -40.59
CA ASP D 71 33.35 8.58 -42.01
C ASP D 71 34.63 9.31 -42.40
N ASP D 72 35.35 9.88 -41.43
CA ASP D 72 36.47 10.75 -41.73
C ASP D 72 37.83 10.17 -41.38
N GLU D 73 37.88 9.07 -40.64
CA GLU D 73 39.18 8.50 -40.30
C GLU D 73 39.41 7.19 -41.04
N PRO D 74 40.64 6.90 -41.43
CA PRO D 74 40.93 5.60 -42.06
C PRO D 74 40.90 4.49 -41.03
N PHE D 75 40.55 3.29 -41.50
CA PHE D 75 40.32 2.15 -40.63
C PHE D 75 41.59 1.30 -40.50
N ASP D 76 41.95 0.99 -39.26
CA ASP D 76 43.07 0.10 -38.96
C ASP D 76 42.54 -1.15 -38.28
N PRO D 77 42.64 -2.33 -38.91
CA PRO D 77 42.09 -3.54 -38.28
C PRO D 77 42.74 -3.90 -36.96
N ALA D 78 43.98 -3.46 -36.73
CA ALA D 78 44.70 -3.79 -35.51
C ALA D 78 44.38 -2.86 -34.35
N THR D 79 43.92 -1.63 -34.63
CA THR D 79 43.79 -0.63 -33.57
C THR D 79 42.41 0.01 -33.51
N SER D 80 41.73 0.13 -34.65
CA SER D 80 40.49 0.90 -34.72
C SER D 80 39.40 0.25 -33.87
N PRO D 81 38.87 0.94 -32.87
CA PRO D 81 37.76 0.37 -32.09
C PRO D 81 36.49 0.31 -32.90
N VAL D 82 35.56 -0.51 -32.43
CA VAL D 82 34.26 -0.64 -33.05
C VAL D 82 33.35 0.49 -32.55
N THR D 83 32.48 0.97 -33.43
CA THR D 83 31.51 1.98 -33.04
C THR D 83 30.76 1.55 -31.78
N PRO D 84 30.52 2.45 -30.83
CA PRO D 84 29.90 2.05 -29.56
C PRO D 84 28.52 1.42 -29.72
N ASP D 85 27.82 1.69 -30.83
CA ASP D 85 26.48 1.16 -31.01
C ASP D 85 26.47 -0.35 -31.21
N LEU D 86 27.60 -0.97 -31.54
CA LEU D 86 27.65 -2.42 -31.72
C LEU D 86 27.87 -3.17 -30.42
N GLY D 87 28.27 -2.49 -29.35
CA GLY D 87 28.34 -3.09 -28.04
C GLY D 87 29.74 -3.53 -27.65
N VAL D 88 29.92 -3.76 -26.35
CA VAL D 88 31.23 -4.15 -25.82
C VAL D 88 31.65 -5.51 -26.35
N VAL D 89 30.68 -6.40 -26.61
CA VAL D 89 31.02 -7.76 -27.04
C VAL D 89 31.76 -7.72 -28.37
N SER D 90 31.25 -6.95 -29.33
CA SER D 90 31.92 -6.85 -30.62
C SER D 90 33.27 -6.17 -30.50
N ASP D 91 33.35 -5.12 -29.67
CA ASP D 91 34.61 -4.41 -29.50
C ASP D 91 35.68 -5.28 -28.86
N THR D 92 35.27 -6.28 -28.07
CA THR D 92 36.22 -7.17 -27.42
C THR D 92 36.57 -8.37 -28.29
N PHE D 93 35.60 -8.85 -29.07
CA PHE D 93 35.79 -10.08 -29.87
C PHE D 93 36.99 -9.97 -30.81
N TRP D 94 37.11 -8.84 -31.50
CA TRP D 94 38.13 -8.74 -32.55
C TRP D 94 39.54 -8.65 -32.00
N ARG D 95 39.71 -8.21 -30.76
CA ARG D 95 41.05 -8.09 -30.19
C ARG D 95 41.60 -9.40 -29.67
N LEU D 96 40.80 -10.47 -29.68
CA LEU D 96 41.20 -11.74 -29.11
C LEU D 96 42.14 -12.51 -30.05
N PRO D 97 42.91 -13.45 -29.52
CA PRO D 97 43.83 -14.21 -30.38
C PRO D 97 43.12 -14.94 -31.51
N ASN D 98 43.78 -14.94 -32.68
CA ASN D 98 43.36 -15.66 -33.88
C ASN D 98 42.04 -15.19 -34.46
N VAL D 99 41.50 -14.08 -33.97
CA VAL D 99 40.29 -13.50 -34.56
C VAL D 99 40.69 -12.64 -35.75
N LYS D 100 40.10 -12.93 -36.90
CA LYS D 100 40.38 -12.20 -38.12
C LYS D 100 39.42 -11.03 -38.29
N ARG D 101 39.88 -9.99 -38.99
CA ARG D 101 39.10 -8.78 -39.16
C ARG D 101 39.34 -8.20 -40.54
N SER D 102 38.30 -7.66 -41.15
CA SER D 102 38.43 -7.10 -42.48
C SER D 102 39.27 -5.82 -42.45
N ALA D 103 39.81 -5.45 -43.61
CA ALA D 103 40.63 -4.26 -43.72
C ALA D 103 39.89 -3.15 -44.45
N HIS D 104 38.73 -2.74 -43.91
CA HIS D 104 37.98 -1.62 -44.45
C HIS D 104 37.03 -1.11 -43.37
N PRO D 105 36.62 0.15 -43.44
CA PRO D 105 35.78 0.72 -42.36
C PRO D 105 34.45 0.02 -42.15
N PHE D 106 34.04 -0.89 -43.03
CA PHE D 106 32.82 -1.67 -42.84
C PHE D 106 33.14 -3.09 -42.41
N ALA D 107 34.16 -3.25 -41.57
CA ALA D 107 34.74 -4.55 -41.30
C ALA D 107 33.81 -5.40 -40.43
N PHE D 108 34.00 -6.71 -40.55
CA PHE D 108 33.48 -7.69 -39.62
C PHE D 108 34.65 -8.41 -38.97
N ALA D 109 34.35 -9.22 -37.98
CA ALA D 109 35.35 -10.05 -37.31
C ALA D 109 34.85 -11.49 -37.28
N ALA D 110 35.79 -12.43 -37.42
CA ALA D 110 35.42 -13.85 -37.48
C ALA D 110 36.53 -14.69 -36.87
N ALA D 111 36.12 -15.81 -36.28
CA ALA D 111 37.06 -16.77 -35.69
C ALA D 111 36.57 -18.18 -36.02
N GLY D 112 37.43 -18.97 -36.66
CA GLY D 112 37.06 -20.31 -37.05
C GLY D 112 37.69 -20.72 -38.37
N PRO D 113 37.43 -21.94 -38.81
CA PRO D 113 38.06 -22.43 -40.05
C PRO D 113 37.66 -21.63 -41.28
N GLN D 114 36.45 -21.08 -41.31
CA GLN D 114 35.97 -20.30 -42.43
C GLN D 114 36.02 -18.79 -42.15
N ALA D 115 36.84 -18.37 -41.20
CA ALA D 115 36.90 -16.95 -40.85
C ALA D 115 37.48 -16.12 -41.99
N GLU D 116 38.54 -16.61 -42.64
CA GLU D 116 39.20 -15.81 -43.67
C GLU D 116 38.31 -15.66 -44.91
N GLN D 117 37.48 -16.64 -45.22
CA GLN D 117 36.60 -16.53 -46.37
C GLN D 117 35.48 -15.52 -46.13
N ILE D 118 35.06 -15.36 -44.88
CA ILE D 118 34.03 -14.38 -44.56
C ILE D 118 34.63 -12.98 -44.48
N ILE D 119 35.90 -12.88 -44.10
CA ILE D 119 36.52 -11.60 -43.74
C ILE D 119 37.20 -10.94 -44.93
N SER D 120 37.92 -11.72 -45.75
CA SER D 120 38.80 -11.17 -46.77
C SER D 120 38.00 -10.66 -47.96
N ASP D 121 37.82 -9.34 -48.04
CA ASP D 121 37.16 -8.68 -49.16
C ASP D 121 37.50 -7.20 -49.08
N PRO D 122 37.76 -6.54 -50.21
CA PRO D 122 38.04 -5.10 -50.16
C PRO D 122 36.81 -4.29 -49.80
N LEU D 123 36.94 -2.96 -49.84
CA LEU D 123 35.88 -2.02 -49.47
C LEU D 123 34.57 -2.31 -50.19
N PRO D 124 33.57 -2.85 -49.51
CA PRO D 124 32.28 -3.11 -50.16
C PRO D 124 31.46 -1.83 -50.25
N LEU D 125 30.97 -1.52 -51.45
CA LEU D 125 30.20 -0.30 -51.70
C LEU D 125 28.92 -0.65 -52.43
N PRO D 126 27.74 -0.53 -51.78
CA PRO D 126 27.49 -0.13 -50.39
C PRO D 126 28.06 -1.13 -49.37
N PRO D 127 28.15 -0.72 -48.10
CA PRO D 127 28.81 -1.60 -47.10
C PRO D 127 28.29 -3.01 -47.07
N HIS D 128 26.97 -3.22 -47.17
CA HIS D 128 26.37 -4.54 -47.02
C HIS D 128 25.93 -5.11 -48.36
N SER D 129 26.74 -4.87 -49.38
CA SER D 129 26.61 -5.39 -50.73
C SER D 129 26.81 -6.90 -50.74
N PRO D 130 26.71 -7.55 -51.89
CA PRO D 130 27.48 -8.77 -52.10
C PRO D 130 28.97 -8.46 -52.04
N ALA D 131 29.78 -9.51 -51.94
CA ALA D 131 31.22 -9.40 -51.72
C ALA D 131 31.55 -8.67 -50.43
N SER D 132 30.59 -8.62 -49.50
CA SER D 132 30.77 -8.09 -48.16
C SER D 132 30.61 -9.22 -47.15
N PRO D 133 31.08 -9.04 -45.91
CA PRO D 133 31.01 -10.15 -44.94
C PRO D 133 29.61 -10.69 -44.70
N VAL D 134 28.59 -9.83 -44.65
CA VAL D 134 27.25 -10.33 -44.36
C VAL D 134 26.70 -11.13 -45.54
N ALA D 135 27.09 -10.78 -46.77
CA ALA D 135 26.71 -11.60 -47.91
C ALA D 135 27.47 -12.91 -47.93
N ARG D 136 28.71 -12.91 -47.45
CA ARG D 136 29.45 -14.17 -47.34
C ARG D 136 28.78 -15.11 -46.34
N VAL D 137 28.29 -14.56 -45.22
CA VAL D 137 27.55 -15.37 -44.26
C VAL D 137 26.32 -15.98 -44.91
N HIS D 138 25.61 -15.20 -45.73
CA HIS D 138 24.45 -15.72 -46.43
C HIS D 138 24.86 -16.78 -47.44
N GLU D 139 26.01 -16.62 -48.08
CA GLU D 139 26.47 -17.62 -49.04
C GLU D 139 26.82 -18.92 -48.34
N LEU D 140 27.43 -18.84 -47.16
CA LEU D 140 27.82 -20.01 -46.40
C LEU D 140 26.68 -20.62 -45.59
N ASP D 141 25.43 -20.19 -45.85
CA ASP D 141 24.24 -20.76 -45.20
C ASP D 141 24.29 -20.61 -43.68
N GLY D 142 24.81 -19.50 -43.21
CA GLY D 142 25.00 -19.32 -41.79
C GLY D 142 23.72 -19.00 -41.04
N GLN D 143 23.82 -19.01 -39.73
CA GLN D 143 22.74 -18.60 -38.83
C GLN D 143 23.01 -17.19 -38.33
N VAL D 144 21.94 -16.43 -38.14
CA VAL D 144 22.00 -15.10 -37.55
C VAL D 144 21.37 -15.15 -36.18
N LEU D 145 22.12 -14.72 -35.17
CA LEU D 145 21.66 -14.75 -33.78
C LEU D 145 21.58 -13.31 -33.28
N LEU D 146 20.36 -12.85 -33.03
CA LEU D 146 20.14 -11.55 -32.39
C LEU D 146 20.08 -11.78 -30.89
N LEU D 147 20.94 -11.07 -30.16
CA LEU D 147 21.13 -11.26 -28.72
C LEU D 147 20.75 -9.96 -28.01
N GLY D 148 19.51 -9.87 -27.57
CA GLY D 148 19.06 -8.65 -26.91
C GLY D 148 18.83 -7.48 -27.84
N VAL D 149 18.80 -7.71 -29.15
CA VAL D 149 18.53 -6.67 -30.13
C VAL D 149 17.47 -7.17 -31.09
N GLY D 150 16.70 -6.22 -31.64
CA GLY D 150 15.68 -6.55 -32.61
C GLY D 150 16.26 -6.62 -34.01
N HIS D 151 15.36 -6.72 -34.98
CA HIS D 151 15.77 -6.83 -36.38
C HIS D 151 16.29 -5.51 -36.93
N ASP D 152 16.17 -4.41 -36.21
CA ASP D 152 16.77 -3.16 -36.64
C ASP D 152 18.29 -3.23 -36.67
N ALA D 153 18.87 -4.17 -35.93
CA ALA D 153 20.30 -4.44 -35.98
C ALA D 153 20.63 -5.68 -36.81
N ASN D 154 19.64 -6.25 -37.48
CA ASN D 154 19.84 -7.41 -38.35
C ASN D 154 20.31 -6.90 -39.71
N THR D 155 21.63 -6.85 -39.89
CA THR D 155 22.20 -6.27 -41.09
C THR D 155 21.94 -7.10 -42.33
N THR D 156 21.69 -8.41 -42.19
CA THR D 156 21.32 -9.22 -43.34
C THR D 156 20.08 -8.67 -44.04
N LEU D 157 19.23 -7.95 -43.30
CA LEU D 157 18.09 -7.30 -43.92
C LEU D 157 18.52 -6.20 -44.87
N ALA D 158 19.51 -5.40 -44.47
CA ALA D 158 20.04 -4.38 -45.37
C ALA D 158 20.64 -5.00 -46.63
N LEU D 159 21.24 -6.18 -46.49
CA LEU D 159 21.71 -6.91 -47.67
C LEU D 159 20.54 -7.23 -48.59
N ALA D 160 19.45 -7.76 -48.04
CA ALA D 160 18.29 -8.12 -48.84
C ALA D 160 17.71 -6.92 -49.57
N GLU D 161 17.92 -5.70 -49.04
CA GLU D 161 17.49 -4.50 -49.75
C GLU D 161 18.24 -4.35 -51.07
N LEU D 162 19.56 -4.50 -51.03
CA LEU D 162 20.38 -4.27 -52.21
C LEU D 162 20.13 -5.34 -53.27
N MET D 163 19.94 -6.59 -52.86
CA MET D 163 19.63 -7.65 -53.81
C MET D 163 18.33 -7.39 -54.53
N ALA D 164 17.39 -6.72 -53.87
CA ALA D 164 16.13 -6.31 -54.49
C ALA D 164 16.28 -5.12 -55.41
N LYS D 165 17.49 -4.56 -55.53
CA LYS D 165 17.74 -3.33 -56.28
C LYS D 165 16.76 -2.24 -55.82
N VAL D 166 16.82 -1.98 -54.52
CA VAL D 166 15.87 -1.08 -53.87
C VAL D 166 16.16 0.36 -54.28
N PRO D 167 15.15 1.19 -54.54
CA PRO D 167 15.39 2.46 -55.23
C PRO D 167 15.93 3.61 -54.38
N TYR D 168 16.13 3.45 -53.07
CA TYR D 168 16.64 4.58 -52.31
C TYR D 168 18.15 4.50 -52.13
N GLY D 169 18.77 5.68 -52.03
CA GLY D 169 20.20 5.82 -51.79
C GLY D 169 20.54 7.23 -51.35
N VAL D 170 21.20 7.37 -50.19
CA VAL D 170 21.41 8.68 -49.57
C VAL D 170 22.92 8.94 -49.45
N PRO D 171 23.39 10.17 -49.67
CA PRO D 171 24.84 10.42 -49.69
C PRO D 171 25.54 10.04 -48.40
N ARG D 172 26.52 9.14 -48.53
CA ARG D 172 27.40 8.74 -47.45
C ARG D 172 28.82 8.63 -47.98
N HIS D 173 29.80 8.91 -47.13
CA HIS D 173 31.19 8.84 -47.52
C HIS D 173 31.99 8.14 -46.44
N CYS D 174 33.17 7.65 -46.83
CA CYS D 174 34.11 7.04 -45.90
C CYS D 174 35.51 7.46 -46.29
N THR D 175 36.48 7.10 -45.45
CA THR D 175 37.87 7.51 -45.64
C THR D 175 38.76 6.27 -45.64
N ILE D 176 39.53 6.11 -46.71
CA ILE D 176 40.59 5.13 -46.79
C ILE D 176 41.90 5.87 -47.00
N LEU D 177 43.01 5.17 -46.79
CA LEU D 177 44.32 5.68 -47.14
C LEU D 177 44.84 4.87 -48.31
N GLN D 178 45.12 5.55 -49.42
CA GLN D 178 45.63 4.93 -50.64
C GLN D 178 46.96 5.59 -50.93
N ASP D 179 48.04 4.91 -50.60
CA ASP D 179 49.38 5.41 -50.88
C ASP D 179 49.65 6.71 -50.11
N GLY D 180 49.55 6.68 -48.78
CA GLY D 180 50.11 7.73 -47.96
C GLY D 180 49.14 8.78 -47.44
N LYS D 181 47.96 8.92 -48.03
CA LYS D 181 47.08 10.00 -47.58
C LYS D 181 45.63 9.66 -47.90
N LEU D 182 44.73 10.25 -47.11
CA LEU D 182 43.33 9.89 -47.14
C LEU D 182 42.66 10.35 -48.43
N VAL D 183 41.69 9.57 -48.89
CA VAL D 183 40.80 9.96 -49.97
C VAL D 183 39.37 9.75 -49.50
N ARG D 184 38.47 10.61 -49.98
CA ARG D 184 37.06 10.51 -49.65
C ARG D 184 36.37 9.64 -50.70
N VAL D 185 35.83 8.51 -50.27
CA VAL D 185 35.12 7.59 -51.14
C VAL D 185 33.63 7.86 -50.96
N ASP D 186 33.02 8.50 -51.95
CA ASP D 186 31.61 8.87 -51.90
C ASP D 186 30.75 7.78 -52.51
N TYR D 187 29.68 7.42 -51.81
CA TYR D 187 28.73 6.42 -52.27
C TYR D 187 27.33 6.82 -51.82
N LEU D 188 26.34 6.06 -52.27
CA LEU D 188 24.95 6.26 -51.87
C LEU D 188 24.48 5.01 -51.13
N GLU D 189 23.98 5.19 -49.91
CA GLU D 189 23.60 4.09 -49.05
C GLU D 189 22.08 4.00 -48.93
N ASN D 190 21.59 2.78 -48.72
CA ASN D 190 20.16 2.53 -48.49
C ASN D 190 19.74 2.84 -47.05
N ASP D 191 20.34 3.85 -46.44
CA ASP D 191 20.17 4.09 -45.01
C ASP D 191 18.83 4.76 -44.72
N HIS D 192 18.12 4.22 -43.73
CA HIS D 192 16.94 4.88 -43.16
C HIS D 192 16.96 4.68 -41.65
N CYS D 193 15.78 4.71 -41.02
CA CYS D 193 15.71 4.56 -39.57
C CYS D 193 15.86 3.11 -39.12
N CYS D 194 15.70 2.15 -40.04
CA CYS D 194 15.86 0.72 -39.75
C CYS D 194 14.82 0.21 -38.76
N GLU D 195 13.96 1.08 -38.25
CA GLU D 195 12.99 0.68 -37.23
C GLU D 195 11.93 -0.25 -37.81
N ARG D 196 11.54 -0.03 -39.07
CA ARG D 196 10.56 -0.90 -39.70
C ARG D 196 11.13 -2.25 -40.09
N PHE D 197 12.41 -2.51 -39.83
CA PHE D 197 12.95 -3.87 -39.94
C PHE D 197 12.24 -4.82 -38.99
N ALA D 198 11.69 -4.31 -37.89
CA ALA D 198 10.96 -5.16 -36.93
C ALA D 198 9.78 -5.88 -37.56
N LEU D 199 9.34 -5.45 -38.75
CA LEU D 199 8.30 -6.19 -39.46
C LEU D 199 8.74 -7.61 -39.78
N ALA D 200 10.04 -7.87 -39.84
CA ALA D 200 10.53 -9.22 -40.09
C ALA D 200 10.11 -10.19 -38.99
N ASP D 201 9.83 -9.70 -37.78
CA ASP D 201 9.35 -10.57 -36.71
C ASP D 201 8.05 -11.25 -37.11
N ARG D 202 7.03 -10.46 -37.44
CA ARG D 202 5.75 -11.05 -37.84
C ARG D 202 5.90 -11.93 -39.07
N TRP D 203 6.80 -11.55 -39.99
CA TRP D 203 6.95 -12.31 -41.23
C TRP D 203 7.61 -13.66 -40.97
N LEU D 204 8.63 -13.70 -40.12
CA LEU D 204 9.44 -14.91 -39.98
C LEU D 204 8.71 -15.98 -39.17
N LYS D 205 8.21 -15.63 -38.00
CA LYS D 205 7.53 -16.64 -37.18
C LYS D 205 6.16 -17.01 -37.72
N GLU D 206 5.62 -16.25 -38.67
CA GLU D 206 4.43 -16.69 -39.38
C GLU D 206 4.71 -17.94 -40.19
N LYS D 207 5.95 -18.12 -40.64
CA LYS D 207 6.37 -19.29 -41.41
C LYS D 207 7.27 -20.20 -40.60
N SER D 208 7.31 -20.04 -39.27
CA SER D 208 8.09 -20.90 -38.38
C SER D 208 9.57 -20.93 -38.78
N LEU D 209 10.15 -19.74 -38.92
CA LEU D 209 11.53 -19.60 -39.34
C LEU D 209 12.43 -18.93 -38.30
N GLN D 210 11.89 -18.54 -37.15
CA GLN D 210 12.65 -17.80 -36.15
C GLN D 210 12.55 -18.53 -34.82
N LYS D 211 13.68 -19.06 -34.35
CA LYS D 211 13.73 -19.65 -33.02
C LYS D 211 13.90 -18.55 -31.97
N GLU D 212 13.25 -18.73 -30.82
CA GLU D 212 13.30 -17.77 -29.74
C GLU D 212 13.60 -18.48 -28.43
N GLY D 213 14.30 -17.79 -27.54
CA GLY D 213 14.64 -18.34 -26.26
C GLY D 213 15.61 -17.47 -25.49
N PRO D 214 15.96 -17.88 -24.28
CA PRO D 214 16.91 -17.11 -23.47
C PRO D 214 18.36 -17.47 -23.77
N VAL D 215 19.18 -16.43 -23.81
CA VAL D 215 20.63 -16.56 -23.80
C VAL D 215 21.11 -15.63 -22.69
N GLY D 216 21.54 -16.21 -21.58
CA GLY D 216 21.78 -15.39 -20.41
C GLY D 216 20.47 -14.80 -19.94
N HIS D 217 20.42 -13.46 -19.87
CA HIS D 217 19.21 -12.75 -19.48
C HIS D 217 18.48 -12.13 -20.66
N ALA D 218 18.99 -12.28 -21.87
CA ALA D 218 18.48 -11.57 -23.02
C ALA D 218 17.47 -12.41 -23.80
N PHE D 219 16.53 -11.72 -24.44
CA PHE D 219 15.68 -12.34 -25.45
C PHE D 219 16.51 -12.55 -26.71
N ALA D 220 16.49 -13.76 -27.25
CA ALA D 220 17.36 -14.13 -28.35
C ALA D 220 16.53 -14.63 -29.53
N ARG D 221 16.94 -14.24 -30.73
CA ARG D 221 16.33 -14.69 -31.97
C ARG D 221 17.37 -15.38 -32.82
N LEU D 222 17.04 -16.56 -33.34
CA LEU D 222 17.95 -17.33 -34.17
C LEU D 222 17.26 -17.66 -35.48
N ILE D 223 17.80 -17.13 -36.58
CA ILE D 223 17.20 -17.28 -37.91
C ILE D 223 18.29 -17.64 -38.90
N ARG D 224 17.99 -18.55 -39.82
CA ARG D 224 18.89 -18.85 -40.91
C ARG D 224 19.05 -17.62 -41.79
N SER D 225 20.28 -17.37 -42.23
CA SER D 225 20.55 -16.19 -43.06
C SER D 225 19.77 -16.27 -44.38
N ARG D 226 19.73 -17.45 -45.00
CA ARG D 226 18.98 -17.60 -46.24
C ARG D 226 17.48 -17.41 -46.02
N ASP D 227 17.00 -17.68 -44.81
CA ASP D 227 15.58 -17.45 -44.52
C ASP D 227 15.29 -15.97 -44.35
N ILE D 228 16.24 -15.20 -43.81
CA ILE D 228 16.04 -13.77 -43.65
C ILE D 228 15.91 -13.10 -45.01
N VAL D 229 16.79 -13.47 -45.94
CA VAL D 229 16.82 -12.82 -47.25
C VAL D 229 15.61 -13.24 -48.09
N ALA D 230 15.25 -14.52 -48.03
CA ALA D 230 14.15 -15.00 -48.86
C ALA D 230 12.82 -14.37 -48.45
N THR D 231 12.60 -14.22 -47.13
CA THR D 231 11.35 -13.64 -46.66
C THR D 231 11.27 -12.16 -46.98
N ALA D 232 12.38 -11.43 -46.83
CA ALA D 232 12.37 -9.99 -47.09
C ALA D 232 12.18 -9.70 -48.56
N LEU D 233 12.82 -10.48 -49.44
CA LEU D 233 12.72 -10.21 -50.87
C LEU D 233 11.30 -10.46 -51.39
N GLY D 234 10.56 -11.38 -50.76
CA GLY D 234 9.16 -11.54 -51.12
C GLY D 234 8.34 -10.32 -50.77
N GLN D 235 8.57 -9.74 -49.60
CA GLN D 235 7.86 -8.53 -49.21
C GLN D 235 8.34 -7.34 -50.03
N LEU D 236 9.64 -7.27 -50.33
CA LEU D 236 10.16 -6.19 -51.14
C LEU D 236 9.70 -6.30 -52.60
N GLY D 237 9.38 -7.52 -53.05
CA GLY D 237 8.84 -7.69 -54.39
C GLY D 237 7.43 -7.17 -54.53
N ARG D 238 6.72 -7.00 -53.42
CA ARG D 238 5.39 -6.40 -53.43
C ARG D 238 5.41 -4.91 -53.08
N ASP D 239 6.40 -4.47 -52.32
CA ASP D 239 6.54 -3.06 -51.95
C ASP D 239 8.01 -2.79 -51.66
N PRO D 240 8.75 -2.29 -52.66
CA PRO D 240 10.17 -1.96 -52.42
C PRO D 240 10.37 -0.94 -51.32
N LEU D 241 9.35 -0.16 -50.99
CA LEU D 241 9.41 0.87 -49.96
C LEU D 241 8.86 0.37 -48.62
N ILE D 242 8.89 -0.95 -48.39
CA ILE D 242 8.22 -1.53 -47.23
C ILE D 242 8.88 -1.08 -45.94
N PHE D 243 10.18 -0.80 -45.95
CA PHE D 243 10.92 -0.48 -44.74
C PHE D 243 10.98 1.01 -44.44
N LEU D 244 10.34 1.85 -45.25
CA LEU D 244 10.35 3.29 -45.04
C LEU D 244 9.09 3.74 -44.33
N HIS D 245 9.26 4.64 -43.36
CA HIS D 245 8.11 5.25 -42.72
C HIS D 245 7.34 6.11 -43.73
N PRO D 246 6.02 6.02 -43.74
CA PRO D 246 5.23 6.96 -44.56
C PRO D 246 5.49 8.40 -44.12
N PRO D 247 5.24 9.37 -44.99
CA PRO D 247 5.52 10.77 -44.63
C PRO D 247 4.70 11.27 -43.46
N GLU D 248 3.57 10.63 -43.16
CA GLU D 248 2.75 11.07 -42.03
C GLU D 248 3.44 10.84 -40.69
N ALA D 249 4.29 9.80 -40.61
CA ALA D 249 5.05 9.56 -39.39
C ALA D 249 6.08 10.64 -39.13
N GLY D 250 6.42 11.45 -40.14
CA GLY D 250 7.40 12.50 -39.96
C GLY D 250 8.80 12.04 -39.65
N CYS D 251 9.09 10.74 -39.75
CA CYS D 251 10.45 10.25 -39.55
C CYS D 251 11.35 10.81 -40.64
N GLU D 252 12.34 11.62 -40.25
CA GLU D 252 13.22 12.26 -41.23
C GLU D 252 13.96 11.19 -42.03
N GLU D 253 14.94 10.53 -41.43
CA GLU D 253 15.82 9.61 -42.16
C GLU D 253 15.09 8.74 -43.16
N CYS D 254 13.84 8.37 -42.85
CA CYS D 254 13.00 7.70 -43.84
C CYS D 254 12.55 8.66 -44.93
N ASP D 255 12.21 9.90 -44.56
CA ASP D 255 11.87 10.92 -45.55
C ASP D 255 13.11 11.39 -46.31
N ALA D 256 14.27 11.47 -45.64
CA ALA D 256 15.52 11.74 -46.36
C ALA D 256 15.78 10.68 -47.41
N ALA D 257 15.62 9.41 -47.04
CA ALA D 257 15.66 8.36 -48.04
C ALA D 257 14.60 8.60 -49.10
N ARG D 258 13.40 9.01 -48.69
CA ARG D 258 12.31 9.11 -49.65
C ARG D 258 12.47 10.29 -50.60
N GLN D 259 13.28 11.28 -50.26
CA GLN D 259 13.51 12.38 -51.18
C GLN D 259 14.39 11.97 -52.36
N SER D 260 15.07 10.83 -52.28
CA SER D 260 16.10 10.46 -53.25
C SER D 260 15.70 9.30 -54.16
N ILE D 261 14.44 8.83 -54.11
CA ILE D 261 14.07 7.65 -54.92
C ILE D 261 14.01 8.01 -56.39
N GLY D 262 13.52 9.21 -56.71
CA GLY D 262 13.27 9.62 -58.08
C GLY D 262 14.39 9.34 -59.06
N GLN E 3 57.73 3.59 -43.40
CA GLN E 3 56.34 3.63 -43.85
C GLN E 3 56.12 2.70 -45.04
N MET E 4 56.85 1.59 -45.07
CA MET E 4 56.76 0.66 -46.18
C MET E 4 57.12 -0.77 -45.82
N MET E 5 58.41 -1.05 -45.76
CA MET E 5 58.88 -2.41 -45.50
C MET E 5 59.67 -2.50 -44.20
N GLN E 6 59.04 -2.16 -43.09
CA GLN E 6 59.73 -2.15 -41.81
C GLN E 6 59.73 -3.55 -41.19
N TYR E 7 60.69 -3.77 -40.30
CA TYR E 7 60.88 -5.08 -39.68
C TYR E 7 59.76 -5.36 -38.69
N GLU E 8 58.92 -6.35 -39.01
CA GLU E 8 57.82 -6.73 -38.12
C GLU E 8 58.36 -7.73 -37.10
N TRP E 9 58.72 -7.22 -35.92
CA TRP E 9 59.37 -8.05 -34.91
C TRP E 9 58.49 -9.21 -34.50
N ARG E 10 59.12 -10.35 -34.28
CA ARG E 10 58.44 -11.56 -33.84
C ARG E 10 58.58 -11.70 -32.31
N LYS E 11 58.01 -12.77 -31.77
CA LYS E 11 57.81 -12.86 -30.33
C LYS E 11 59.13 -13.04 -29.58
N ALA E 12 60.01 -13.93 -30.04
CA ALA E 12 61.26 -14.17 -29.32
C ALA E 12 62.16 -12.94 -29.34
N GLU E 13 62.21 -12.24 -30.47
CA GLU E 13 63.05 -11.04 -30.55
C GLU E 13 62.59 -9.99 -29.56
N LEU E 14 61.27 -9.77 -29.46
CA LEU E 14 60.74 -8.83 -28.48
C LEU E 14 61.21 -9.20 -27.08
N ILE E 15 60.88 -10.42 -26.63
CA ILE E 15 61.30 -10.88 -25.31
C ILE E 15 62.78 -10.58 -25.08
N GLY E 16 63.61 -10.89 -26.08
CA GLY E 16 65.03 -10.62 -25.97
C GLY E 16 65.35 -9.15 -25.78
N GLN E 17 64.56 -8.26 -26.39
CA GLN E 17 64.79 -6.83 -26.21
C GLN E 17 64.49 -6.41 -24.78
N LEU E 18 63.37 -6.86 -24.22
CA LEU E 18 62.97 -6.40 -22.90
C LEU E 18 63.92 -6.87 -21.80
N LEU E 19 64.37 -8.14 -21.86
CA LEU E 19 65.26 -8.66 -20.83
C LEU E 19 66.68 -8.09 -20.97
N ASN E 20 67.14 -7.91 -22.21
CA ASN E 20 68.36 -7.12 -22.42
C ASN E 20 68.17 -5.69 -21.93
N LEU E 21 66.95 -5.16 -22.08
CA LEU E 21 66.62 -3.88 -21.47
C LEU E 21 66.70 -3.99 -19.94
N GLY E 22 66.33 -5.15 -19.39
CA GLY E 22 66.55 -5.40 -17.98
C GLY E 22 65.32 -5.74 -17.16
N VAL E 23 64.23 -6.15 -17.79
CA VAL E 23 63.04 -6.52 -17.03
C VAL E 23 63.34 -7.78 -16.23
N THR E 24 63.08 -7.71 -14.93
CA THR E 24 63.34 -8.84 -14.06
C THR E 24 62.19 -9.83 -14.16
N PRO E 25 62.42 -11.07 -14.60
CA PRO E 25 61.35 -12.05 -14.65
C PRO E 25 60.80 -12.34 -13.26
N GLY E 26 59.53 -12.74 -13.21
CA GLY E 26 58.86 -12.98 -11.96
C GLY E 26 58.53 -11.76 -11.15
N GLY E 27 58.93 -10.57 -11.60
CA GLY E 27 58.65 -9.34 -10.89
C GLY E 27 57.40 -8.65 -11.42
N VAL E 28 57.10 -7.53 -10.78
CA VAL E 28 55.95 -6.72 -11.15
C VAL E 28 56.42 -5.63 -12.10
N LEU E 29 55.52 -5.20 -12.99
CA LEU E 29 55.89 -4.25 -14.05
C LEU E 29 54.68 -3.47 -14.50
N LEU E 30 54.79 -2.15 -14.49
CA LEU E 30 53.75 -1.24 -14.96
C LEU E 30 54.23 -0.59 -16.27
N VAL E 31 53.42 -0.69 -17.32
CA VAL E 31 53.82 -0.28 -18.66
C VAL E 31 52.86 0.78 -19.17
N HIS E 32 53.42 1.93 -19.58
CA HIS E 32 52.69 2.96 -20.32
C HIS E 32 53.15 2.91 -21.77
N SER E 33 52.23 2.63 -22.68
CA SER E 33 52.59 2.28 -24.04
C SER E 33 51.97 3.24 -25.05
N SER E 34 52.70 3.43 -26.15
CA SER E 34 52.19 4.10 -27.36
C SER E 34 52.50 3.16 -28.53
N PHE E 35 51.48 2.44 -28.98
CA PHE E 35 51.70 1.40 -29.99
C PHE E 35 52.20 1.98 -31.31
N ARG E 36 51.87 3.23 -31.59
CA ARG E 36 52.32 3.86 -32.83
C ARG E 36 53.85 3.85 -32.93
N SER E 37 54.53 4.01 -31.80
CA SER E 37 55.99 3.91 -31.80
C SER E 37 56.45 2.47 -31.80
N VAL E 38 55.68 1.57 -31.20
CA VAL E 38 56.09 0.16 -31.10
C VAL E 38 55.99 -0.52 -32.45
N ARG E 39 54.85 -0.35 -33.12
CA ARG E 39 54.56 -1.07 -34.36
C ARG E 39 55.60 -0.76 -35.43
N PRO E 40 55.74 -1.63 -36.45
CA PRO E 40 55.01 -2.88 -36.66
C PRO E 40 55.59 -4.09 -35.92
N LEU E 41 54.70 -4.88 -35.32
CA LEU E 41 55.03 -6.18 -34.76
C LEU E 41 54.30 -7.26 -35.56
N GLU E 42 54.87 -8.47 -35.56
CA GLU E 42 54.29 -9.55 -36.34
C GLU E 42 52.89 -9.91 -35.84
N ASP E 43 52.63 -9.78 -34.55
CA ASP E 43 51.36 -10.19 -33.96
C ASP E 43 50.55 -9.01 -33.43
N GLY E 44 50.88 -7.79 -33.85
CA GLY E 44 50.12 -6.62 -33.46
C GLY E 44 50.19 -6.31 -31.99
N PRO E 45 49.19 -5.58 -31.47
CA PRO E 45 49.19 -5.25 -30.04
C PRO E 45 49.20 -6.47 -29.14
N LEU E 46 48.52 -7.55 -29.54
CA LEU E 46 48.58 -8.79 -28.76
C LEU E 46 50.01 -9.30 -28.64
N GLY E 47 50.80 -9.15 -29.71
CA GLY E 47 52.19 -9.59 -29.65
C GLY E 47 52.99 -8.86 -28.60
N LEU E 48 52.74 -7.56 -28.44
CA LEU E 48 53.41 -6.79 -27.39
C LEU E 48 53.02 -7.31 -26.01
N ILE E 49 51.73 -7.55 -25.79
CA ILE E 49 51.28 -8.03 -24.49
C ILE E 49 51.81 -9.44 -24.24
N GLU E 50 51.72 -10.31 -25.24
CA GLU E 50 52.22 -11.67 -25.09
C GLU E 50 53.71 -11.69 -24.78
N ALA E 51 54.48 -10.81 -25.42
CA ALA E 51 55.92 -10.77 -25.16
C ALA E 51 56.22 -10.22 -23.78
N LEU E 52 55.45 -9.21 -23.34
CA LEU E 52 55.65 -8.64 -22.02
C LEU E 52 55.41 -9.69 -20.94
N ARG E 53 54.33 -10.46 -21.07
CA ARG E 53 54.03 -11.50 -20.10
C ARG E 53 54.92 -12.71 -20.24
N ALA E 54 55.51 -12.94 -21.41
CA ALA E 54 56.44 -14.05 -21.58
C ALA E 54 57.79 -13.74 -20.94
N ALA E 55 58.23 -12.49 -21.02
CA ALA E 55 59.48 -12.11 -20.35
C ALA E 55 59.31 -12.05 -18.85
N LEU E 56 58.13 -11.64 -18.37
CA LEU E 56 57.88 -11.61 -16.94
C LEU E 56 57.78 -13.02 -16.36
N GLY E 57 57.33 -13.98 -17.17
CA GLY E 57 57.17 -15.34 -16.70
C GLY E 57 55.87 -15.53 -15.96
N PRO E 58 55.56 -16.78 -15.60
CA PRO E 58 54.33 -17.05 -14.86
C PRO E 58 54.30 -16.38 -13.49
N GLY E 59 55.46 -16.15 -12.87
CA GLY E 59 55.49 -15.46 -11.59
C GLY E 59 55.38 -13.96 -11.68
N GLY E 60 55.58 -13.39 -12.87
CA GLY E 60 55.49 -11.95 -13.04
C GLY E 60 54.07 -11.46 -13.16
N THR E 61 53.89 -10.16 -12.92
CA THR E 61 52.59 -9.52 -12.98
C THR E 61 52.68 -8.28 -13.87
N LEU E 62 51.92 -8.27 -14.95
CA LEU E 62 51.86 -7.14 -15.86
C LEU E 62 50.78 -6.16 -15.40
N VAL E 63 51.14 -4.89 -15.31
CA VAL E 63 50.21 -3.83 -14.92
C VAL E 63 50.18 -2.77 -16.01
N MET E 64 48.99 -2.25 -16.30
CA MET E 64 48.79 -1.18 -17.27
C MET E 64 47.73 -0.23 -16.73
N PRO E 65 47.81 1.05 -17.09
CA PRO E 65 46.72 1.97 -16.75
C PRO E 65 45.47 1.63 -17.55
N SER E 66 44.31 1.83 -16.92
CA SER E 66 43.06 1.40 -17.54
C SER E 66 41.89 2.33 -17.21
N TRP E 67 42.14 3.60 -16.87
CA TRP E 67 41.05 4.46 -16.44
C TRP E 67 40.20 4.91 -17.62
N SER E 68 38.97 5.31 -17.31
CA SER E 68 38.00 5.65 -18.33
C SER E 68 38.28 7.01 -18.96
N GLY E 69 38.72 7.97 -18.16
CA GLY E 69 38.91 9.32 -18.65
C GLY E 69 37.68 10.19 -18.64
N LEU E 70 36.56 9.70 -18.11
CA LEU E 70 35.31 10.45 -18.08
C LEU E 70 34.96 10.84 -16.66
N ASP E 71 34.30 12.00 -16.54
CA ASP E 71 33.89 12.53 -15.25
C ASP E 71 32.39 12.49 -15.04
N ASP E 72 31.60 12.32 -16.10
CA ASP E 72 30.15 12.39 -16.02
C ASP E 72 29.47 11.04 -16.17
N GLU E 73 30.23 9.96 -16.38
CA GLU E 73 29.62 8.66 -16.56
C GLU E 73 30.27 7.65 -15.63
N PRO E 74 29.49 6.71 -15.08
CA PRO E 74 30.05 5.72 -14.15
C PRO E 74 30.95 4.73 -14.86
N PHE E 75 31.86 4.15 -14.10
CA PHE E 75 32.85 3.22 -14.61
C PHE E 75 32.37 1.78 -14.42
N ASP E 76 32.51 0.98 -15.46
CA ASP E 76 32.17 -0.45 -15.42
C ASP E 76 33.41 -1.25 -15.79
N PRO E 77 33.98 -2.03 -14.88
CA PRO E 77 35.22 -2.75 -15.19
C PRO E 77 35.08 -3.75 -16.32
N ALA E 78 33.86 -4.18 -16.64
CA ALA E 78 33.66 -5.17 -17.68
C ALA E 78 33.45 -4.54 -19.06
N THR E 79 32.98 -3.30 -19.13
CA THR E 79 32.57 -2.71 -20.40
C THR E 79 33.20 -1.36 -20.71
N SER E 80 33.63 -0.60 -19.72
CA SER E 80 34.13 0.75 -19.98
C SER E 80 35.48 0.71 -20.70
N PRO E 81 35.60 1.32 -21.88
CA PRO E 81 36.91 1.38 -22.54
C PRO E 81 37.83 2.36 -21.86
N VAL E 82 39.14 2.12 -22.02
CA VAL E 82 40.10 3.08 -21.52
C VAL E 82 40.06 4.32 -22.40
N THR E 83 40.47 5.45 -21.84
CA THR E 83 40.50 6.68 -22.62
C THR E 83 41.52 6.51 -23.76
N PRO E 84 41.23 7.05 -24.95
CA PRO E 84 42.11 6.80 -26.10
C PRO E 84 43.55 7.27 -25.90
N ASP E 85 43.81 8.13 -24.92
CA ASP E 85 45.14 8.70 -24.75
C ASP E 85 46.17 7.67 -24.29
N LEU E 86 45.74 6.52 -23.77
CA LEU E 86 46.65 5.49 -23.29
C LEU E 86 46.86 4.37 -24.29
N GLY E 87 46.21 4.43 -25.45
CA GLY E 87 46.54 3.57 -26.56
C GLY E 87 45.75 2.28 -26.61
N VAL E 88 45.84 1.62 -27.77
CA VAL E 88 45.10 0.39 -28.01
C VAL E 88 45.59 -0.72 -27.10
N VAL E 89 46.88 -0.72 -26.74
CA VAL E 89 47.43 -1.79 -25.91
C VAL E 89 46.75 -1.82 -24.54
N SER E 90 46.56 -0.64 -23.93
CA SER E 90 45.86 -0.59 -22.66
C SER E 90 44.39 -0.93 -22.81
N ASP E 91 43.77 -0.57 -23.94
CA ASP E 91 42.36 -0.90 -24.15
C ASP E 91 42.17 -2.39 -24.39
N THR E 92 43.13 -3.04 -25.04
CA THR E 92 43.02 -4.46 -25.33
C THR E 92 43.40 -5.32 -24.13
N PHE E 93 44.34 -4.84 -23.31
CA PHE E 93 44.90 -5.65 -22.24
C PHE E 93 43.83 -6.05 -21.22
N TRP E 94 43.02 -5.10 -20.77
CA TRP E 94 42.07 -5.38 -19.69
C TRP E 94 40.96 -6.34 -20.11
N ARG E 95 40.75 -6.54 -21.41
CA ARG E 95 39.69 -7.42 -21.89
C ARG E 95 40.13 -8.88 -22.00
N LEU E 96 41.42 -9.15 -21.96
CA LEU E 96 41.92 -10.51 -22.18
C LEU E 96 41.57 -11.40 -20.98
N PRO E 97 41.63 -12.73 -21.17
CA PRO E 97 41.31 -13.64 -20.07
C PRO E 97 42.19 -13.42 -18.85
N ASN E 98 41.59 -13.58 -17.67
CA ASN E 98 42.28 -13.55 -16.38
C ASN E 98 42.93 -12.20 -16.07
N VAL E 99 42.75 -11.21 -16.94
CA VAL E 99 43.25 -9.87 -16.65
C VAL E 99 42.27 -9.19 -15.69
N LYS E 100 42.77 -8.81 -14.52
CA LYS E 100 41.95 -8.21 -13.48
C LYS E 100 42.03 -6.69 -13.56
N ARG E 101 40.95 -6.02 -13.12
CA ARG E 101 40.79 -4.60 -13.32
C ARG E 101 40.15 -3.97 -12.10
N SER E 102 40.52 -2.71 -11.83
CA SER E 102 39.95 -1.99 -10.70
C SER E 102 38.51 -1.56 -11.01
N ALA E 103 37.76 -1.30 -9.94
CA ALA E 103 36.34 -0.97 -10.05
C ALA E 103 36.05 0.49 -9.68
N HIS E 104 36.92 1.39 -10.11
CA HIS E 104 36.74 2.82 -9.93
C HIS E 104 37.17 3.51 -11.22
N PRO E 105 36.66 4.74 -11.47
CA PRO E 105 36.96 5.41 -12.75
C PRO E 105 38.43 5.74 -12.97
N PHE E 106 39.28 5.48 -11.98
CA PHE E 106 40.72 5.71 -12.13
C PHE E 106 41.45 4.38 -12.13
N ALA E 107 40.98 3.44 -12.96
CA ALA E 107 41.32 2.04 -12.81
C ALA E 107 42.66 1.70 -13.46
N PHE E 108 43.25 0.60 -12.98
CA PHE E 108 44.39 -0.05 -13.58
C PHE E 108 44.03 -1.51 -13.85
N ALA E 109 44.73 -2.12 -14.80
CA ALA E 109 44.57 -3.53 -15.10
C ALA E 109 45.86 -4.27 -14.78
N ALA E 110 45.72 -5.46 -14.18
CA ALA E 110 46.88 -6.26 -13.79
C ALA E 110 46.61 -7.72 -14.08
N ALA E 111 47.66 -8.43 -14.47
CA ALA E 111 47.57 -9.85 -14.79
C ALA E 111 48.81 -10.53 -14.23
N GLY E 112 48.63 -11.38 -13.22
CA GLY E 112 49.72 -12.08 -12.59
C GLY E 112 49.36 -12.60 -11.21
N PRO E 113 50.31 -13.26 -10.55
CA PRO E 113 50.02 -13.81 -9.22
C PRO E 113 49.72 -12.75 -8.17
N GLN E 114 50.21 -11.52 -8.34
CA GLN E 114 49.93 -10.42 -7.44
C GLN E 114 49.07 -9.35 -8.10
N ALA E 115 48.27 -9.74 -9.09
CA ALA E 115 47.38 -8.78 -9.75
C ALA E 115 46.34 -8.24 -8.78
N GLU E 116 45.63 -9.13 -8.09
CA GLU E 116 44.55 -8.69 -7.20
C GLU E 116 45.07 -7.79 -6.08
N GLN E 117 46.31 -7.99 -5.64
CA GLN E 117 46.87 -7.12 -4.60
C GLN E 117 47.15 -5.72 -5.11
N ILE E 118 47.32 -5.55 -6.42
CA ILE E 118 47.56 -4.25 -7.01
C ILE E 118 46.26 -3.55 -7.35
N ILE E 119 45.25 -4.34 -7.69
CA ILE E 119 44.04 -3.85 -8.30
C ILE E 119 42.99 -3.46 -7.27
N SER E 120 42.79 -4.32 -6.28
CA SER E 120 41.54 -4.39 -5.51
C SER E 120 41.59 -3.41 -4.36
N ASP E 121 41.40 -2.13 -4.70
CA ASP E 121 41.25 -1.08 -3.73
C ASP E 121 40.11 -0.18 -4.20
N PRO E 122 39.28 0.29 -3.30
CA PRO E 122 38.17 1.17 -3.71
C PRO E 122 38.68 2.50 -4.24
N LEU E 123 37.74 3.33 -4.68
CA LEU E 123 38.01 4.60 -5.32
C LEU E 123 38.96 5.46 -4.46
N PRO E 124 40.15 5.80 -4.96
CA PRO E 124 41.06 6.64 -4.18
C PRO E 124 41.04 8.11 -4.59
N LEU E 125 41.15 9.01 -3.61
CA LEU E 125 41.19 10.47 -3.83
C LEU E 125 42.50 11.03 -3.30
N PRO E 126 43.36 11.63 -4.14
CA PRO E 126 43.36 11.72 -5.61
C PRO E 126 43.47 10.37 -6.30
N PRO E 127 43.28 10.34 -7.63
CA PRO E 127 43.35 9.07 -8.36
C PRO E 127 44.60 8.24 -8.08
N HIS E 128 45.72 8.88 -7.76
CA HIS E 128 46.98 8.16 -7.60
C HIS E 128 47.57 8.40 -6.22
N SER E 129 46.74 8.23 -5.19
CA SER E 129 47.17 8.36 -3.80
C SER E 129 47.86 7.07 -3.37
N PRO E 130 48.35 7.01 -2.13
CA PRO E 130 48.63 5.71 -1.53
C PRO E 130 47.38 4.84 -1.51
N ALA E 131 47.59 3.54 -1.35
CA ALA E 131 46.53 2.52 -1.37
C ALA E 131 45.82 2.47 -2.72
N SER E 132 46.48 2.91 -3.77
CA SER E 132 45.97 2.86 -5.13
C SER E 132 46.92 2.01 -5.99
N PRO E 133 46.47 1.55 -7.16
CA PRO E 133 47.34 0.68 -7.97
C PRO E 133 48.72 1.25 -8.23
N VAL E 134 48.82 2.56 -8.41
CA VAL E 134 50.13 3.18 -8.58
C VAL E 134 50.99 3.03 -7.32
N ALA E 135 50.37 2.92 -6.15
CA ALA E 135 51.13 2.82 -4.91
C ALA E 135 51.46 1.38 -4.58
N ARG E 136 50.60 0.45 -4.97
CA ARG E 136 50.85 -0.97 -4.72
C ARG E 136 52.06 -1.47 -5.50
N VAL E 137 52.17 -1.07 -6.78
CA VAL E 137 53.35 -1.46 -7.55
C VAL E 137 54.61 -0.80 -6.99
N HIS E 138 54.47 0.37 -6.38
CA HIS E 138 55.60 0.99 -5.70
C HIS E 138 55.94 0.27 -4.41
N GLU E 139 54.94 -0.28 -3.73
CA GLU E 139 55.19 -1.07 -2.52
C GLU E 139 55.88 -2.38 -2.84
N LEU E 140 55.58 -2.97 -4.00
CA LEU E 140 56.18 -4.23 -4.42
C LEU E 140 57.51 -4.04 -5.14
N ASP E 141 58.10 -2.85 -5.08
CA ASP E 141 59.39 -2.54 -5.68
C ASP E 141 59.46 -3.02 -7.14
N GLY E 142 58.56 -2.47 -7.95
CA GLY E 142 58.42 -2.91 -9.32
C GLY E 142 59.25 -2.11 -10.30
N GLN E 143 59.15 -2.51 -11.56
CA GLN E 143 59.75 -1.78 -12.66
C GLN E 143 58.65 -1.05 -13.42
N VAL E 144 58.92 0.19 -13.80
CA VAL E 144 57.96 1.02 -14.52
C VAL E 144 58.55 1.24 -15.91
N LEU E 145 57.95 0.64 -16.92
CA LEU E 145 58.53 0.65 -18.26
C LEU E 145 57.65 1.47 -19.19
N LEU E 146 58.27 2.39 -19.94
CA LEU E 146 57.54 3.38 -20.73
C LEU E 146 57.92 3.22 -22.20
N LEU E 147 56.92 2.93 -23.03
CA LEU E 147 57.12 2.54 -24.43
C LEU E 147 56.64 3.66 -25.34
N GLY E 148 57.56 4.25 -26.10
CA GLY E 148 57.19 5.28 -27.03
C GLY E 148 56.55 6.50 -26.40
N VAL E 149 56.67 6.63 -25.08
CA VAL E 149 56.16 7.79 -24.35
C VAL E 149 57.24 8.26 -23.40
N GLY E 150 57.14 9.53 -23.00
CA GLY E 150 58.06 10.13 -22.07
C GLY E 150 57.57 10.03 -20.63
N HIS E 151 58.24 10.79 -19.76
CA HIS E 151 57.86 10.81 -18.36
C HIS E 151 56.57 11.58 -18.12
N ASP E 152 56.08 12.34 -19.10
CA ASP E 152 54.80 13.00 -18.96
C ASP E 152 53.66 12.01 -18.82
N ALA E 153 53.88 10.76 -19.19
CA ALA E 153 52.90 9.70 -19.00
C ALA E 153 53.20 8.78 -17.81
N ASN E 154 54.39 8.89 -17.21
CA ASN E 154 54.71 8.10 -16.02
C ASN E 154 53.85 8.64 -14.87
N THR E 155 52.79 7.92 -14.56
CA THR E 155 51.88 8.31 -13.48
C THR E 155 52.53 8.19 -12.09
N THR E 156 53.58 7.37 -11.95
CA THR E 156 54.27 7.25 -10.66
C THR E 156 54.70 8.63 -10.13
N LEU E 157 55.05 9.56 -11.03
CA LEU E 157 55.44 10.89 -10.60
C LEU E 157 54.30 11.64 -9.94
N ALA E 158 53.07 11.45 -10.45
CA ALA E 158 51.92 12.07 -9.81
C ALA E 158 51.75 11.58 -8.38
N LEU E 159 52.06 10.30 -8.14
CA LEU E 159 52.05 9.78 -6.77
C LEU E 159 53.14 10.43 -5.94
N ALA E 160 54.35 10.55 -6.48
CA ALA E 160 55.43 11.19 -5.74
C ALA E 160 55.07 12.60 -5.33
N GLU E 161 54.26 13.29 -6.16
CA GLU E 161 53.65 14.53 -5.71
C GLU E 161 52.82 14.30 -4.45
N LEU E 162 51.90 13.33 -4.48
CA LEU E 162 51.03 13.06 -3.35
C LEU E 162 51.83 12.83 -2.07
N MET E 163 52.96 12.13 -2.16
CA MET E 163 53.76 11.82 -0.97
C MET E 163 54.26 13.10 -0.31
N ALA E 164 54.86 14.00 -1.09
CA ALA E 164 55.46 15.22 -0.56
C ALA E 164 54.43 16.26 -0.15
N LYS E 165 53.15 15.95 -0.21
CA LYS E 165 52.06 16.87 0.15
C LYS E 165 52.16 18.16 -0.67
N VAL E 166 51.74 18.03 -1.93
CA VAL E 166 51.68 19.10 -2.91
C VAL E 166 50.97 20.32 -2.34
N PRO E 167 51.41 21.54 -2.66
CA PRO E 167 50.58 22.71 -2.37
C PRO E 167 49.43 22.87 -3.37
N TYR E 168 49.71 22.72 -4.66
CA TYR E 168 48.71 23.00 -5.67
C TYR E 168 47.71 21.85 -5.79
N GLY E 169 46.42 22.20 -5.71
CA GLY E 169 45.34 21.25 -5.85
C GLY E 169 44.09 21.93 -6.37
N VAL E 170 43.56 21.46 -7.51
CA VAL E 170 42.51 22.17 -8.23
C VAL E 170 41.28 21.25 -8.38
N PRO E 171 40.08 21.76 -8.16
CA PRO E 171 38.90 20.88 -8.12
C PRO E 171 38.57 20.27 -9.47
N ARG E 172 38.30 18.96 -9.45
CA ARG E 172 37.70 18.24 -10.57
C ARG E 172 36.68 17.28 -9.98
N HIS E 173 35.81 16.74 -10.85
CA HIS E 173 34.74 15.84 -10.40
C HIS E 173 34.80 14.53 -11.18
N CYS E 174 34.21 13.49 -10.60
CA CYS E 174 34.08 12.18 -11.22
C CYS E 174 32.65 11.69 -10.95
N THR E 175 32.39 10.41 -11.25
CA THR E 175 31.02 9.91 -11.19
C THR E 175 31.02 8.47 -10.71
N ILE E 176 30.26 8.20 -9.66
CA ILE E 176 30.12 6.85 -9.10
C ILE E 176 28.66 6.62 -8.76
N LEU E 177 28.21 5.37 -8.90
CA LEU E 177 26.87 4.97 -8.53
C LEU E 177 26.91 4.27 -7.18
N GLN E 178 26.02 4.69 -6.28
CA GLN E 178 25.82 4.01 -5.00
C GLN E 178 24.34 3.88 -4.75
N ASP E 179 23.87 2.64 -4.59
CA ASP E 179 22.49 2.34 -4.21
C ASP E 179 21.47 2.81 -5.26
N GLY E 180 21.86 2.82 -6.54
CA GLY E 180 20.87 3.07 -7.57
C GLY E 180 21.22 4.11 -8.62
N LYS E 181 21.80 5.24 -8.23
CA LYS E 181 22.08 6.29 -9.20
C LYS E 181 23.34 7.05 -8.80
N LEU E 182 23.81 7.86 -9.75
CA LEU E 182 25.13 8.47 -9.67
C LEU E 182 25.19 9.56 -8.61
N VAL E 183 26.41 9.81 -8.12
CA VAL E 183 26.74 10.99 -7.34
C VAL E 183 28.08 11.50 -7.84
N ARG E 184 28.16 12.79 -8.15
CA ARG E 184 29.42 13.36 -8.61
C ARG E 184 30.31 13.65 -7.40
N VAL E 185 31.56 13.23 -7.49
CA VAL E 185 32.48 13.23 -6.36
C VAL E 185 33.52 14.30 -6.60
N ASP E 186 33.58 15.28 -5.70
CA ASP E 186 34.57 16.35 -5.79
C ASP E 186 35.90 15.88 -5.22
N TYR E 187 36.99 16.29 -5.85
CA TYR E 187 38.32 15.95 -5.37
C TYR E 187 39.28 17.09 -5.68
N LEU E 188 40.50 16.95 -5.15
CA LEU E 188 41.60 17.88 -5.40
C LEU E 188 42.75 17.07 -5.96
N GLU E 189 43.10 17.31 -7.23
CA GLU E 189 44.06 16.51 -7.96
C GLU E 189 45.33 17.30 -8.22
N ASN E 190 46.25 16.68 -8.96
CA ASN E 190 47.56 17.25 -9.28
C ASN E 190 47.73 17.46 -10.77
N ASP E 191 46.65 17.78 -11.49
CA ASP E 191 46.69 17.80 -12.95
C ASP E 191 47.22 19.15 -13.42
N HIS E 192 48.40 19.14 -14.05
CA HIS E 192 48.84 20.23 -14.89
C HIS E 192 49.01 19.69 -16.30
N CYS E 193 49.78 20.38 -17.15
CA CYS E 193 50.07 19.84 -18.47
C CYS E 193 51.10 18.72 -18.42
N CYS E 194 51.82 18.57 -17.32
CA CYS E 194 52.81 17.52 -17.11
C CYS E 194 53.93 17.53 -18.15
N GLU E 195 54.09 18.61 -18.90
CA GLU E 195 55.18 18.69 -19.86
C GLU E 195 56.53 18.57 -19.17
N ARG E 196 56.64 19.08 -17.95
CA ARG E 196 57.91 19.14 -17.24
C ARG E 196 58.21 17.86 -16.44
N PHE E 197 57.42 16.80 -16.62
CA PHE E 197 57.80 15.54 -16.01
C PHE E 197 59.02 14.93 -16.70
N ALA E 198 59.33 15.37 -17.92
CA ALA E 198 60.52 14.92 -18.61
C ALA E 198 61.81 15.36 -17.93
N LEU E 199 61.72 16.18 -16.88
CA LEU E 199 62.91 16.48 -16.09
C LEU E 199 63.39 15.24 -15.34
N ALA E 200 62.48 14.33 -15.00
CA ALA E 200 62.89 13.06 -14.39
C ALA E 200 63.84 12.30 -15.30
N ASP E 201 63.69 12.45 -16.62
CA ASP E 201 64.64 11.85 -17.55
C ASP E 201 66.06 12.32 -17.24
N ARG E 202 66.25 13.62 -17.01
CA ARG E 202 67.58 14.15 -16.79
C ARG E 202 68.10 13.76 -15.40
N TRP E 203 67.28 13.97 -14.35
CA TRP E 203 67.76 13.73 -12.99
C TRP E 203 68.12 12.26 -12.76
N LEU E 204 67.51 11.35 -13.51
CA LEU E 204 67.59 9.93 -13.16
C LEU E 204 68.77 9.24 -13.85
N LYS E 205 68.87 9.33 -15.17
CA LYS E 205 70.04 8.76 -15.84
C LYS E 205 71.33 9.48 -15.43
N GLU E 206 71.22 10.59 -14.69
CA GLU E 206 72.35 11.09 -13.91
C GLU E 206 72.87 10.03 -12.96
N LYS E 207 71.96 9.40 -12.20
CA LYS E 207 72.31 8.47 -11.14
C LYS E 207 72.37 7.03 -11.61
N SER E 208 72.40 6.79 -12.92
CA SER E 208 72.64 5.46 -13.49
C SER E 208 71.56 4.46 -13.07
N LEU E 209 70.30 4.89 -13.13
CA LEU E 209 69.19 4.01 -12.80
C LEU E 209 68.16 3.90 -13.92
N GLN E 210 68.49 4.38 -15.12
CA GLN E 210 67.66 4.18 -16.31
C GLN E 210 68.38 3.25 -17.27
N LYS E 211 67.71 2.19 -17.69
CA LYS E 211 68.16 1.38 -18.80
C LYS E 211 67.31 1.72 -20.01
N GLU E 212 67.95 2.23 -21.06
CA GLU E 212 67.28 2.60 -22.29
C GLU E 212 67.65 1.63 -23.39
N GLY E 213 66.78 1.55 -24.40
CA GLY E 213 66.99 0.66 -25.51
C GLY E 213 65.72 0.46 -26.31
N PRO E 214 65.82 -0.28 -27.40
CA PRO E 214 64.64 -0.51 -28.25
C PRO E 214 63.75 -1.61 -27.69
N VAL E 215 62.45 -1.41 -27.88
CA VAL E 215 61.44 -2.45 -27.67
C VAL E 215 60.54 -2.39 -28.90
N GLY E 216 60.64 -3.39 -29.78
CA GLY E 216 60.02 -3.29 -31.08
C GLY E 216 60.65 -2.17 -31.87
N HIS E 217 59.87 -1.12 -32.18
CA HIS E 217 60.38 0.06 -32.83
C HIS E 217 60.38 1.28 -31.92
N ALA E 218 59.99 1.13 -30.66
CA ALA E 218 59.78 2.28 -29.79
C ALA E 218 61.02 2.56 -28.95
N PHE E 219 61.14 3.82 -28.54
CA PHE E 219 62.13 4.22 -27.55
C PHE E 219 61.59 3.91 -26.16
N ALA E 220 62.32 3.09 -25.39
CA ALA E 220 61.84 2.59 -24.12
C ALA E 220 62.72 3.06 -22.98
N ARG E 221 62.09 3.25 -21.82
CA ARG E 221 62.79 3.62 -20.59
C ARG E 221 62.35 2.66 -19.49
N LEU E 222 63.32 1.99 -18.86
CA LEU E 222 63.05 0.99 -17.84
C LEU E 222 63.58 1.50 -16.51
N ILE E 223 62.71 1.56 -15.50
CA ILE E 223 63.05 2.22 -14.25
C ILE E 223 62.36 1.50 -13.10
N ARG E 224 63.06 1.45 -11.96
CA ARG E 224 62.61 0.73 -10.77
C ARG E 224 61.68 1.61 -9.95
N SER E 225 60.47 1.10 -9.68
CA SER E 225 59.38 1.92 -9.13
C SER E 225 59.81 2.76 -7.93
N ARG E 226 60.67 2.22 -7.07
CA ARG E 226 61.10 3.00 -5.91
C ARG E 226 62.25 3.94 -6.21
N ASP E 227 62.89 3.81 -7.38
CA ASP E 227 63.95 4.74 -7.74
C ASP E 227 63.42 6.10 -8.17
N ILE E 228 62.18 6.15 -8.70
CA ILE E 228 61.54 7.39 -9.15
C ILE E 228 61.24 8.27 -7.95
N VAL E 229 60.26 7.83 -7.16
CA VAL E 229 59.74 8.63 -6.06
C VAL E 229 60.85 9.01 -5.11
N ALA E 230 61.90 8.19 -5.03
CA ALA E 230 63.07 8.58 -4.25
C ALA E 230 63.74 9.82 -4.85
N THR E 231 64.00 9.80 -6.16
CA THR E 231 64.58 10.96 -6.81
C THR E 231 63.57 12.11 -6.90
N ALA E 232 62.30 11.79 -7.10
CA ALA E 232 61.28 12.82 -7.22
C ALA E 232 61.04 13.51 -5.88
N LEU E 233 60.93 12.74 -4.80
CA LEU E 233 60.78 13.35 -3.48
C LEU E 233 62.03 14.13 -3.07
N GLY E 234 63.19 13.77 -3.62
CA GLY E 234 64.40 14.51 -3.31
C GLY E 234 64.39 15.89 -3.93
N GLN E 235 64.00 15.99 -5.21
CA GLN E 235 63.98 17.28 -5.89
C GLN E 235 62.76 18.10 -5.49
N LEU E 236 61.59 17.46 -5.40
CA LEU E 236 60.40 18.16 -4.91
C LEU E 236 60.57 18.62 -3.48
N GLY E 237 61.45 17.98 -2.71
CA GLY E 237 61.77 18.48 -1.39
C GLY E 237 62.57 19.77 -1.42
N ARG E 238 63.35 19.97 -2.48
CA ARG E 238 64.08 21.22 -2.65
C ARG E 238 63.20 22.31 -3.25
N ASP E 239 62.22 21.92 -4.05
CA ASP E 239 61.28 22.87 -4.63
C ASP E 239 59.95 22.15 -4.78
N PRO E 240 58.98 22.41 -3.87
CA PRO E 240 57.68 21.73 -3.94
C PRO E 240 56.91 22.08 -5.20
N LEU E 241 57.50 22.91 -6.06
CA LEU E 241 56.88 23.46 -7.25
C LEU E 241 57.71 23.18 -8.50
N ILE E 242 58.56 22.15 -8.48
CA ILE E 242 59.52 21.92 -9.56
C ILE E 242 58.85 21.50 -10.86
N PHE E 243 57.62 21.00 -10.80
CA PHE E 243 56.95 20.44 -11.97
C PHE E 243 56.06 21.44 -12.69
N LEU E 244 56.08 22.71 -12.30
CA LEU E 244 55.19 23.70 -12.88
C LEU E 244 55.97 24.72 -13.71
N HIS E 245 55.45 25.01 -14.90
CA HIS E 245 56.09 25.97 -15.79
C HIS E 245 55.91 27.38 -15.25
N PRO E 246 56.93 28.22 -15.38
CA PRO E 246 56.87 29.60 -14.85
C PRO E 246 55.77 30.40 -15.54
N PRO E 247 55.27 31.46 -14.90
CA PRO E 247 54.25 32.30 -15.53
C PRO E 247 54.71 32.90 -16.85
N GLU E 248 56.02 33.02 -17.08
CA GLU E 248 56.53 33.51 -18.35
C GLU E 248 56.11 32.58 -19.49
N ALA E 249 56.23 31.27 -19.29
CA ALA E 249 55.85 30.32 -20.32
C ALA E 249 54.38 30.44 -20.70
N GLY E 250 53.54 30.95 -19.80
CA GLY E 250 52.15 31.23 -20.12
C GLY E 250 51.31 30.00 -20.40
N CYS E 251 51.45 28.96 -19.60
CA CYS E 251 50.63 27.77 -19.75
C CYS E 251 49.44 27.83 -18.80
N GLU E 252 48.25 27.60 -19.34
CA GLU E 252 47.03 27.78 -18.55
C GLU E 252 46.81 26.61 -17.59
N GLU E 253 46.90 25.37 -18.09
CA GLU E 253 46.86 24.20 -17.22
C GLU E 253 47.94 24.29 -16.13
N CYS E 254 48.97 25.09 -16.38
CA CYS E 254 50.02 25.33 -15.39
C CYS E 254 49.55 26.32 -14.33
N ASP E 255 49.35 27.58 -14.74
CA ASP E 255 49.03 28.64 -13.80
C ASP E 255 47.71 28.44 -13.07
N ALA E 256 46.87 27.51 -13.53
CA ALA E 256 45.66 27.19 -12.79
C ALA E 256 45.96 26.35 -11.55
N ALA E 257 47.05 25.58 -11.59
CA ALA E 257 47.37 24.68 -10.48
C ALA E 257 47.69 25.45 -9.21
N ARG E 258 48.67 26.36 -9.28
CA ARG E 258 49.08 27.11 -8.11
C ARG E 258 48.21 28.33 -7.83
N GLN E 259 47.22 28.61 -8.68
CA GLN E 259 46.18 29.56 -8.32
C GLN E 259 45.46 29.12 -7.04
N SER E 260 45.47 27.83 -6.74
CA SER E 260 44.89 27.28 -5.52
C SER E 260 45.97 26.83 -4.54
N ILE E 261 47.09 27.54 -4.48
CA ILE E 261 48.12 27.24 -3.48
C ILE E 261 47.56 27.56 -2.09
N GLN F 3 -53.91 3.18 44.91
CA GLN F 3 -55.05 2.41 45.38
C GLN F 3 -56.26 3.32 45.62
N MET F 4 -55.99 4.60 45.85
CA MET F 4 -57.05 5.56 46.04
C MET F 4 -57.89 5.75 44.79
N MET F 5 -58.98 6.50 44.96
CA MET F 5 -59.93 6.72 43.87
C MET F 5 -59.89 8.15 43.38
N GLN F 6 -58.73 8.58 42.88
CA GLN F 6 -58.59 9.95 42.41
C GLN F 6 -59.08 10.09 40.98
N TYR F 7 -59.33 11.33 40.58
CA TYR F 7 -59.98 11.64 39.30
C TYR F 7 -58.97 11.54 38.18
N GLU F 8 -59.05 10.47 37.40
CA GLU F 8 -58.21 10.30 36.21
C GLU F 8 -58.71 11.22 35.11
N TRP F 9 -58.01 12.34 34.91
CA TRP F 9 -58.47 13.37 33.99
C TRP F 9 -58.48 12.85 32.56
N ARG F 10 -59.61 13.01 31.88
CA ARG F 10 -59.71 12.65 30.48
C ARG F 10 -59.00 13.68 29.61
N LYS F 11 -58.55 13.23 28.43
CA LYS F 11 -57.90 14.14 27.49
C LYS F 11 -58.78 15.34 27.19
N ALA F 12 -60.10 15.13 27.11
CA ALA F 12 -61.07 16.18 26.85
C ALA F 12 -61.35 17.06 28.07
N GLU F 13 -60.56 16.94 29.13
CA GLU F 13 -60.60 17.87 30.25
C GLU F 13 -59.27 18.55 30.50
N LEU F 14 -58.16 17.85 30.28
CA LEU F 14 -56.85 18.47 30.38
C LEU F 14 -56.75 19.65 29.42
N ILE F 15 -57.15 19.43 28.17
CA ILE F 15 -57.12 20.45 27.11
C ILE F 15 -57.58 21.81 27.61
N GLY F 16 -58.56 21.82 28.51
CA GLY F 16 -59.21 23.05 28.92
C GLY F 16 -58.53 23.68 30.10
N GLN F 17 -57.99 22.87 31.01
CA GLN F 17 -57.22 23.39 32.11
C GLN F 17 -56.08 24.26 31.61
N LEU F 18 -55.39 23.81 30.56
CA LEU F 18 -54.31 24.60 29.98
C LEU F 18 -54.83 25.70 29.06
N LEU F 19 -56.02 25.54 28.48
CA LEU F 19 -56.61 26.63 27.71
C LEU F 19 -57.11 27.75 28.63
N ASN F 20 -57.71 27.39 29.77
CA ASN F 20 -58.29 28.39 30.65
C ASN F 20 -57.25 29.12 31.48
N LEU F 21 -56.12 28.46 31.77
CA LEU F 21 -54.96 29.19 32.25
C LEU F 21 -54.54 30.24 31.22
N GLY F 22 -54.30 29.80 29.99
CA GLY F 22 -53.98 30.72 28.91
C GLY F 22 -52.89 30.26 27.99
N VAL F 23 -52.78 28.95 27.75
CA VAL F 23 -51.84 28.45 26.76
C VAL F 23 -52.32 28.87 25.39
N THR F 24 -51.50 29.62 24.67
CA THR F 24 -51.90 30.20 23.40
C THR F 24 -51.83 29.16 22.30
N PRO F 25 -52.95 28.82 21.65
CA PRO F 25 -52.90 27.84 20.55
C PRO F 25 -52.11 28.38 19.37
N GLY F 26 -51.19 27.56 18.85
CA GLY F 26 -50.38 27.94 17.73
C GLY F 26 -49.01 28.48 18.07
N GLY F 27 -48.77 28.83 19.34
CA GLY F 27 -47.49 29.35 19.76
C GLY F 27 -46.57 28.26 20.29
N VAL F 28 -45.36 28.67 20.64
CA VAL F 28 -44.37 27.75 21.19
C VAL F 28 -44.54 27.69 22.70
N LEU F 29 -44.21 26.54 23.29
CA LEU F 29 -44.50 26.30 24.69
C LEU F 29 -43.43 25.41 25.30
N LEU F 30 -42.62 25.96 26.21
CA LEU F 30 -41.69 25.17 27.00
C LEU F 30 -42.43 24.59 28.20
N VAL F 31 -42.06 23.36 28.57
CA VAL F 31 -42.72 22.65 29.67
C VAL F 31 -41.68 21.93 30.52
N HIS F 32 -41.63 22.26 31.81
CA HIS F 32 -41.02 21.43 32.82
C HIS F 32 -42.13 20.76 33.64
N SER F 33 -41.88 19.56 34.14
CA SER F 33 -42.96 18.83 34.76
C SER F 33 -42.44 17.75 35.70
N SER F 34 -43.27 17.41 36.67
CA SER F 34 -43.09 16.24 37.53
C SER F 34 -44.40 15.46 37.49
N PHE F 35 -44.37 14.30 36.82
CA PHE F 35 -45.61 13.56 36.59
C PHE F 35 -46.25 13.10 37.90
N ARG F 36 -45.44 12.93 38.94
CA ARG F 36 -45.97 12.52 40.24
C ARG F 36 -47.05 13.48 40.75
N SER F 37 -46.96 14.75 40.36
CA SER F 37 -47.91 15.75 40.84
C SER F 37 -49.14 15.89 39.95
N VAL F 38 -49.00 15.69 38.64
CA VAL F 38 -50.14 15.84 37.74
C VAL F 38 -50.96 14.55 37.69
N ARG F 39 -50.31 13.39 37.84
CA ARG F 39 -51.02 12.12 37.80
C ARG F 39 -52.02 12.02 38.94
N PRO F 40 -53.06 11.18 38.79
CA PRO F 40 -53.35 10.30 37.65
C PRO F 40 -54.08 10.99 36.49
N LEU F 41 -53.78 10.52 35.28
CA LEU F 41 -54.49 10.91 34.08
C LEU F 41 -54.99 9.66 33.37
N GLU F 42 -55.99 9.83 32.51
CA GLU F 42 -56.60 8.67 31.86
C GLU F 42 -55.61 7.96 30.95
N ASP F 43 -54.87 8.70 30.14
CA ASP F 43 -53.93 8.12 29.19
C ASP F 43 -52.49 8.15 29.69
N GLY F 44 -52.28 8.40 30.99
CA GLY F 44 -50.94 8.38 31.55
C GLY F 44 -50.08 9.53 31.07
N PRO F 45 -48.76 9.37 31.20
CA PRO F 45 -47.85 10.43 30.73
C PRO F 45 -48.06 10.79 29.27
N LEU F 46 -48.39 9.80 28.44
CA LEU F 46 -48.78 10.07 27.06
C LEU F 46 -49.98 11.00 26.99
N GLY F 47 -50.91 10.86 27.93
CA GLY F 47 -52.08 11.74 27.94
C GLY F 47 -51.72 13.20 28.16
N LEU F 48 -50.72 13.45 29.01
CA LEU F 48 -50.26 14.82 29.23
C LEU F 48 -49.66 15.40 27.96
N ILE F 49 -48.91 14.59 27.21
CA ILE F 49 -48.28 15.07 25.99
C ILE F 49 -49.33 15.35 24.93
N GLU F 50 -50.24 14.40 24.72
CA GLU F 50 -51.28 14.58 23.70
C GLU F 50 -52.19 15.75 24.05
N ALA F 51 -52.46 15.96 25.34
CA ALA F 51 -53.28 17.09 25.75
C ALA F 51 -52.53 18.41 25.58
N LEU F 52 -51.22 18.40 25.83
CA LEU F 52 -50.42 19.61 25.64
C LEU F 52 -50.35 19.99 24.16
N ARG F 53 -50.18 19.00 23.28
CA ARG F 53 -50.06 19.28 21.85
C ARG F 53 -51.42 19.59 21.23
N ALA F 54 -52.48 18.89 21.67
CA ALA F 54 -53.80 19.19 21.14
C ALA F 54 -54.27 20.58 21.55
N ALA F 55 -53.89 21.03 22.75
CA ALA F 55 -54.21 22.39 23.15
C ALA F 55 -53.46 23.41 22.32
N LEU F 56 -52.23 23.08 21.90
CA LEU F 56 -51.46 23.96 21.03
C LEU F 56 -51.92 23.88 19.57
N GLY F 57 -52.67 22.84 19.21
CA GLY F 57 -53.17 22.70 17.87
C GLY F 57 -52.10 22.29 16.89
N PRO F 58 -52.46 22.21 15.60
CA PRO F 58 -51.47 21.83 14.59
C PRO F 58 -50.40 22.89 14.35
N GLY F 59 -50.64 24.13 14.73
CA GLY F 59 -49.70 25.21 14.47
C GLY F 59 -48.65 25.40 15.54
N GLY F 60 -48.93 24.90 16.76
CA GLY F 60 -48.02 25.08 17.87
C GLY F 60 -46.98 23.98 17.96
N THR F 61 -45.96 24.22 18.79
CA THR F 61 -44.90 23.25 19.03
C THR F 61 -44.66 23.12 20.53
N LEU F 62 -44.52 21.87 20.98
CA LEU F 62 -44.19 21.58 22.37
C LEU F 62 -42.69 21.37 22.49
N VAL F 63 -42.08 22.05 23.46
CA VAL F 63 -40.67 21.90 23.76
C VAL F 63 -40.50 21.49 25.21
N MET F 64 -39.62 20.52 25.45
CA MET F 64 -39.28 20.05 26.78
C MET F 64 -37.77 19.90 26.88
N PRO F 65 -37.21 20.04 28.09
CA PRO F 65 -35.80 19.71 28.26
C PRO F 65 -35.58 18.21 28.17
N SER F 66 -34.37 17.83 27.78
CA SER F 66 -34.12 16.43 27.47
C SER F 66 -32.64 16.08 27.54
N TRP F 67 -31.92 16.65 28.52
CA TRP F 67 -30.48 16.47 28.55
C TRP F 67 -30.11 15.15 29.22
N SER F 68 -28.86 14.73 28.97
CA SER F 68 -28.40 13.43 29.44
C SER F 68 -28.24 13.40 30.96
N GLY F 69 -27.65 14.45 31.53
CA GLY F 69 -27.30 14.46 32.93
C GLY F 69 -25.98 13.77 33.25
N LEU F 70 -25.36 13.11 32.27
CA LEU F 70 -24.10 12.42 32.47
C LEU F 70 -22.96 13.20 31.83
N ASP F 71 -21.90 13.44 32.59
CA ASP F 71 -20.78 14.25 32.12
C ASP F 71 -19.73 13.44 31.37
N ASP F 72 -19.67 12.12 31.59
CA ASP F 72 -18.62 11.30 31.02
C ASP F 72 -19.08 10.44 29.85
N GLU F 73 -20.39 10.39 29.57
CA GLU F 73 -20.84 9.59 28.44
C GLU F 73 -21.14 10.47 27.24
N PRO F 74 -20.95 9.96 26.03
CA PRO F 74 -21.36 10.71 24.85
C PRO F 74 -22.86 10.61 24.62
N PHE F 75 -23.45 11.73 24.21
CA PHE F 75 -24.89 11.79 24.01
C PHE F 75 -25.27 11.25 22.64
N ASP F 76 -26.31 10.42 22.62
CA ASP F 76 -26.87 9.89 21.37
C ASP F 76 -28.33 10.30 21.30
N PRO F 77 -28.71 11.18 20.36
CA PRO F 77 -30.09 11.69 20.35
C PRO F 77 -31.14 10.60 20.15
N ALA F 78 -30.76 9.44 19.64
CA ALA F 78 -31.71 8.38 19.36
C ALA F 78 -31.81 7.32 20.46
N THR F 79 -30.87 7.28 21.40
CA THR F 79 -30.84 6.19 22.38
C THR F 79 -30.63 6.68 23.81
N SER F 80 -29.94 7.79 23.98
CA SER F 80 -29.57 8.24 25.33
C SER F 80 -30.80 8.68 26.11
N PRO F 81 -31.07 8.10 27.28
CA PRO F 81 -32.20 8.57 28.10
C PRO F 81 -31.88 9.88 28.79
N VAL F 82 -32.93 10.63 29.09
CA VAL F 82 -32.77 11.84 29.89
C VAL F 82 -32.58 11.43 31.35
N THR F 83 -31.82 12.22 32.09
CA THR F 83 -31.60 11.89 33.49
C THR F 83 -32.92 11.95 34.24
N PRO F 84 -33.15 11.05 35.21
CA PRO F 84 -34.47 10.94 35.83
C PRO F 84 -34.96 12.22 36.52
N ASP F 85 -34.10 13.25 36.65
CA ASP F 85 -34.50 14.45 37.35
C ASP F 85 -35.58 15.23 36.61
N LEU F 86 -35.80 14.96 35.32
CA LEU F 86 -36.75 15.71 34.52
C LEU F 86 -38.05 14.95 34.29
N GLY F 87 -38.19 13.75 34.83
CA GLY F 87 -39.45 13.04 34.86
C GLY F 87 -39.60 12.06 33.70
N VAL F 88 -40.66 11.26 33.81
CA VAL F 88 -40.92 10.23 32.82
C VAL F 88 -41.42 10.84 31.51
N VAL F 89 -42.19 11.93 31.58
CA VAL F 89 -42.73 12.50 30.35
C VAL F 89 -41.63 13.12 29.51
N SER F 90 -40.57 13.65 30.15
CA SER F 90 -39.44 14.15 29.37
C SER F 90 -38.65 13.02 28.76
N ASP F 91 -38.58 11.87 29.44
CA ASP F 91 -37.93 10.70 28.86
C ASP F 91 -38.79 10.06 27.78
N THR F 92 -40.11 10.19 27.89
CA THR F 92 -41.02 9.62 26.90
C THR F 92 -41.17 10.52 25.68
N PHE F 93 -41.09 11.84 25.87
CA PHE F 93 -41.43 12.79 24.82
C PHE F 93 -40.52 12.65 23.61
N TRP F 94 -39.21 12.59 23.84
CA TRP F 94 -38.26 12.65 22.73
C TRP F 94 -38.26 11.39 21.88
N ARG F 95 -38.88 10.30 22.33
CA ARG F 95 -38.86 9.05 21.58
C ARG F 95 -40.04 8.88 20.63
N LEU F 96 -41.07 9.70 20.75
CA LEU F 96 -42.29 9.49 19.99
C LEU F 96 -42.17 10.11 18.60
N PRO F 97 -43.02 9.68 17.66
CA PRO F 97 -42.80 10.03 16.24
C PRO F 97 -42.60 11.51 15.99
N ASN F 98 -41.67 11.82 15.07
CA ASN F 98 -41.40 13.15 14.54
C ASN F 98 -40.97 14.15 15.61
N VAL F 99 -40.65 13.69 16.81
CA VAL F 99 -40.09 14.58 17.83
C VAL F 99 -38.60 14.70 17.59
N LYS F 100 -38.11 15.94 17.52
CA LYS F 100 -36.71 16.22 17.22
C LYS F 100 -35.94 16.54 18.50
N ARG F 101 -34.64 16.29 18.48
CA ARG F 101 -33.82 16.40 19.68
C ARG F 101 -32.42 16.90 19.32
N SER F 102 -31.79 17.62 20.25
CA SER F 102 -30.44 18.13 20.06
C SER F 102 -29.43 17.00 20.01
N ALA F 103 -28.30 17.27 19.36
CA ALA F 103 -27.18 16.34 19.32
C ALA F 103 -26.06 16.79 20.25
N HIS F 104 -26.40 17.08 21.49
CA HIS F 104 -25.41 17.42 22.52
C HIS F 104 -25.98 17.04 23.87
N PRO F 105 -25.12 16.73 24.86
CA PRO F 105 -25.61 16.24 26.16
C PRO F 105 -26.46 17.24 26.94
N PHE F 106 -26.66 18.44 26.41
CA PHE F 106 -27.56 19.43 27.00
C PHE F 106 -28.82 19.56 26.17
N ALA F 107 -29.34 18.43 25.73
CA ALA F 107 -30.32 18.40 24.65
C ALA F 107 -31.69 18.88 25.12
N PHE F 108 -32.46 19.36 24.16
CA PHE F 108 -33.88 19.65 24.31
C PHE F 108 -34.63 18.87 23.23
N ALA F 109 -35.96 18.90 23.32
CA ALA F 109 -36.79 18.18 22.35
C ALA F 109 -38.01 19.02 22.02
N ALA F 110 -38.35 19.06 20.73
CA ALA F 110 -39.52 19.80 20.27
C ALA F 110 -40.26 18.98 19.22
N ALA F 111 -41.52 19.34 19.00
CA ALA F 111 -42.36 18.65 18.02
C ALA F 111 -43.33 19.64 17.42
N GLY F 112 -43.33 19.76 16.09
CA GLY F 112 -44.23 20.65 15.40
C GLY F 112 -43.56 21.36 14.25
N PRO F 113 -44.26 22.33 13.64
CA PRO F 113 -43.66 23.06 12.51
C PRO F 113 -42.54 24.01 12.94
N GLN F 114 -42.72 24.76 14.03
CA GLN F 114 -41.66 25.64 14.52
C GLN F 114 -40.49 24.83 15.07
N ALA F 115 -40.70 23.57 15.42
CA ALA F 115 -39.77 22.76 16.19
C ALA F 115 -38.34 22.79 15.66
N GLU F 116 -38.17 22.84 14.34
CA GLU F 116 -36.84 22.76 13.75
C GLU F 116 -35.96 23.94 14.15
N GLN F 117 -36.52 25.13 14.35
CA GLN F 117 -35.70 26.30 14.65
C GLN F 117 -35.11 26.22 16.05
N ILE F 118 -35.91 25.72 17.00
CA ILE F 118 -35.51 25.76 18.40
C ILE F 118 -34.41 24.73 18.68
N ILE F 119 -34.36 23.66 17.90
CA ILE F 119 -33.61 22.48 18.27
C ILE F 119 -32.22 22.45 17.62
N SER F 120 -32.11 22.86 16.36
CA SER F 120 -30.97 22.49 15.53
C SER F 120 -29.65 23.15 15.93
N ASP F 121 -29.65 24.03 16.91
CA ASP F 121 -28.42 24.70 17.29
C ASP F 121 -27.42 23.70 17.85
N PRO F 122 -26.17 23.81 17.49
CA PRO F 122 -25.13 22.91 17.93
C PRO F 122 -24.78 23.13 19.36
N LEU F 123 -23.88 22.32 19.88
CA LEU F 123 -23.51 22.35 21.26
C LEU F 123 -22.99 23.61 21.81
N PRO F 124 -23.82 24.28 22.64
CA PRO F 124 -23.51 25.56 23.27
C PRO F 124 -22.96 25.46 24.69
N LEU F 125 -22.09 26.40 25.00
CA LEU F 125 -21.43 26.57 26.29
C LEU F 125 -21.47 28.05 26.64
N PRO F 126 -22.18 28.46 27.69
CA PRO F 126 -22.93 27.63 28.65
C PRO F 126 -24.09 26.84 28.03
N PRO F 127 -24.54 25.77 28.70
CA PRO F 127 -25.57 24.91 28.10
C PRO F 127 -26.82 25.65 27.69
N HIS F 128 -27.14 26.75 28.37
CA HIS F 128 -28.38 27.47 28.16
C HIS F 128 -28.18 28.82 27.47
N SER F 129 -27.07 28.96 26.75
CA SER F 129 -26.60 30.22 26.18
C SER F 129 -27.56 30.80 25.14
N PRO F 130 -27.30 32.01 24.64
CA PRO F 130 -27.91 32.40 23.37
C PRO F 130 -27.55 31.41 22.28
N ALA F 131 -28.47 31.23 21.32
CA ALA F 131 -28.37 30.19 20.31
C ALA F 131 -28.39 28.80 20.94
N SER F 132 -28.99 28.67 22.13
CA SER F 132 -29.35 27.40 22.71
C SER F 132 -30.88 27.27 22.75
N PRO F 133 -31.40 26.04 22.72
CA PRO F 133 -32.87 25.88 22.69
C PRO F 133 -33.62 26.67 23.75
N VAL F 134 -33.02 26.90 24.92
CA VAL F 134 -33.65 27.74 25.93
C VAL F 134 -33.74 29.19 25.44
N ALA F 135 -32.80 29.62 24.60
CA ALA F 135 -32.85 30.96 24.04
C ALA F 135 -33.71 31.04 22.79
N ARG F 136 -33.87 29.94 22.06
CA ARG F 136 -34.69 30.00 20.84
C ARG F 136 -36.16 30.25 21.17
N VAL F 137 -36.69 29.52 22.16
CA VAL F 137 -38.04 29.81 22.65
C VAL F 137 -38.10 31.23 23.20
N HIS F 138 -36.98 31.73 23.73
CA HIS F 138 -36.92 33.11 24.17
C HIS F 138 -37.04 34.07 22.98
N GLU F 139 -36.50 33.68 21.82
CA GLU F 139 -36.55 34.57 20.66
C GLU F 139 -37.93 34.57 20.01
N LEU F 140 -38.63 33.44 20.03
CA LEU F 140 -39.93 33.31 19.38
C LEU F 140 -41.10 33.65 20.29
N ASP F 141 -40.86 34.36 21.38
CA ASP F 141 -41.90 34.78 22.32
C ASP F 141 -42.74 33.60 22.78
N GLY F 142 -42.22 32.79 23.69
CA GLY F 142 -42.88 31.58 24.13
C GLY F 142 -43.50 31.70 25.51
N GLN F 143 -44.18 30.63 25.90
CA GLN F 143 -44.72 30.46 27.23
C GLN F 143 -44.02 29.29 27.90
N VAL F 144 -43.62 29.47 29.14
CA VAL F 144 -42.86 28.47 29.89
C VAL F 144 -43.77 27.99 31.01
N LEU F 145 -44.26 26.75 30.90
CA LEU F 145 -45.22 26.19 31.83
C LEU F 145 -44.56 25.11 32.67
N LEU F 146 -44.74 25.18 33.99
CA LEU F 146 -44.10 24.28 34.93
C LEU F 146 -45.16 23.52 35.71
N LEU F 147 -45.08 22.20 35.69
CA LEU F 147 -46.10 21.34 36.27
C LEU F 147 -45.52 20.60 37.47
N GLY F 148 -46.07 20.89 38.66
CA GLY F 148 -45.68 20.15 39.85
C GLY F 148 -44.27 20.38 40.32
N VAL F 149 -43.63 21.47 39.90
CA VAL F 149 -42.29 21.79 40.34
C VAL F 149 -42.12 23.30 40.29
N GLY F 150 -41.35 23.83 41.23
CA GLY F 150 -41.19 25.26 41.35
C GLY F 150 -40.26 25.82 40.29
N HIS F 151 -39.91 27.10 40.48
CA HIS F 151 -39.03 27.80 39.55
C HIS F 151 -37.60 27.26 39.58
N ASP F 152 -37.25 26.44 40.57
CA ASP F 152 -35.92 25.82 40.60
C ASP F 152 -35.67 24.95 39.37
N ALA F 153 -36.73 24.53 38.68
CA ALA F 153 -36.60 23.76 37.45
C ALA F 153 -36.73 24.61 36.19
N ASN F 154 -37.31 25.81 36.30
CA ASN F 154 -37.36 26.72 35.16
C ASN F 154 -35.94 27.14 34.84
N THR F 155 -35.35 26.49 33.84
CA THR F 155 -33.98 26.81 33.44
C THR F 155 -33.88 28.17 32.78
N THR F 156 -34.98 28.71 32.24
CA THR F 156 -34.91 29.96 31.49
C THR F 156 -34.39 31.13 32.32
N LEU F 157 -34.39 31.01 33.66
CA LEU F 157 -33.80 32.06 34.48
C LEU F 157 -32.29 31.86 34.58
N ALA F 158 -31.83 30.61 34.50
CA ALA F 158 -30.44 30.38 34.18
C ALA F 158 -30.07 30.92 32.81
N LEU F 159 -31.05 31.19 31.94
CA LEU F 159 -30.80 31.90 30.70
C LEU F 159 -30.73 33.41 30.91
N ALA F 160 -31.50 33.94 31.87
CA ALA F 160 -31.40 35.36 32.20
C ALA F 160 -30.11 35.69 32.93
N GLU F 161 -29.51 34.71 33.61
CA GLU F 161 -28.17 34.88 34.15
C GLU F 161 -27.15 35.18 33.05
N LEU F 162 -27.43 34.72 31.82
CA LEU F 162 -26.46 34.85 30.73
C LEU F 162 -26.35 36.28 30.24
N MET F 163 -27.48 36.96 30.12
CA MET F 163 -27.50 38.28 29.50
C MET F 163 -26.97 39.37 30.41
N ALA F 164 -27.02 39.16 31.73
CA ALA F 164 -26.40 40.07 32.67
C ALA F 164 -24.93 39.76 32.90
N LYS F 165 -24.43 38.65 32.35
CA LYS F 165 -23.04 38.22 32.52
C LYS F 165 -22.65 38.20 34.00
N VAL F 166 -23.33 37.33 34.75
CA VAL F 166 -23.16 37.26 36.20
C VAL F 166 -21.74 36.82 36.53
N PRO F 167 -21.08 37.42 37.52
CA PRO F 167 -19.64 37.17 37.71
C PRO F 167 -19.29 35.72 38.06
N TYR F 168 -20.19 34.94 38.64
CA TYR F 168 -19.79 33.62 39.09
C TYR F 168 -19.85 32.60 37.94
N GLY F 169 -19.17 31.47 38.15
CA GLY F 169 -19.13 30.40 37.17
C GLY F 169 -18.21 29.27 37.57
N VAL F 170 -18.79 28.14 37.96
CA VAL F 170 -18.02 26.99 38.44
C VAL F 170 -17.55 26.15 37.25
N PRO F 171 -16.35 25.57 37.31
CA PRO F 171 -15.85 24.76 36.18
C PRO F 171 -16.35 23.32 36.26
N ARG F 172 -17.03 22.90 35.19
CA ARG F 172 -17.42 21.49 35.05
C ARG F 172 -17.00 20.98 33.68
N HIS F 173 -17.47 19.80 33.29
CA HIS F 173 -17.02 19.16 32.05
C HIS F 173 -18.18 18.41 31.40
N CYS F 174 -17.94 17.95 30.18
CA CYS F 174 -18.87 17.12 29.43
C CYS F 174 -18.07 16.19 28.53
N THR F 175 -18.75 15.49 27.63
CA THR F 175 -18.09 14.52 26.76
C THR F 175 -18.81 14.48 25.42
N ILE F 176 -18.09 14.78 24.34
CA ILE F 176 -18.64 14.59 23.01
C ILE F 176 -17.76 13.59 22.28
N LEU F 177 -18.09 13.25 21.03
CA LEU F 177 -17.36 12.26 20.24
C LEU F 177 -16.90 12.92 18.95
N GLN F 178 -15.59 13.07 18.79
CA GLN F 178 -15.01 13.62 17.57
C GLN F 178 -14.26 12.50 16.85
N ASP F 179 -14.83 12.08 15.73
CA ASP F 179 -14.29 11.01 14.87
C ASP F 179 -13.80 9.82 15.67
N GLY F 180 -14.75 9.21 16.37
CA GLY F 180 -14.54 7.92 16.97
C GLY F 180 -13.73 7.88 18.24
N LYS F 181 -13.38 9.03 18.83
CA LYS F 181 -12.64 8.99 20.09
C LYS F 181 -13.19 10.00 21.09
N LEU F 182 -13.06 9.64 22.37
CA LEU F 182 -13.73 10.36 23.45
C LEU F 182 -12.98 11.66 23.73
N VAL F 183 -13.67 12.77 23.60
CA VAL F 183 -13.07 14.06 23.87
C VAL F 183 -13.83 14.69 25.03
N ARG F 184 -13.09 15.28 25.95
CA ARG F 184 -13.64 15.92 27.15
C ARG F 184 -13.67 17.42 26.91
N VAL F 185 -14.81 18.04 27.20
CA VAL F 185 -15.02 19.46 26.97
C VAL F 185 -15.28 20.11 28.32
N ASP F 186 -14.35 20.96 28.77
CA ASP F 186 -14.45 21.63 30.05
C ASP F 186 -15.00 23.03 29.88
N TYR F 187 -15.79 23.50 30.85
CA TYR F 187 -16.47 24.77 30.73
C TYR F 187 -16.58 25.46 32.08
N LEU F 188 -17.11 26.68 32.04
CA LEU F 188 -17.52 27.43 33.22
C LEU F 188 -19.03 27.64 33.13
N GLU F 189 -19.76 27.07 34.09
CA GLU F 189 -21.20 27.20 34.14
C GLU F 189 -21.61 27.87 35.44
N ASN F 190 -22.78 28.53 35.41
CA ASN F 190 -23.33 29.22 36.57
C ASN F 190 -24.26 28.25 37.29
N ASP F 191 -23.68 27.44 38.17
CA ASP F 191 -24.42 26.42 38.90
C ASP F 191 -24.68 26.86 40.33
N HIS F 192 -25.91 26.64 40.79
CA HIS F 192 -26.25 26.76 42.20
C HIS F 192 -27.04 25.54 42.63
N CYS F 193 -27.55 25.54 43.84
CA CYS F 193 -28.57 24.56 44.21
C CYS F 193 -29.93 24.93 43.63
N CYS F 194 -30.01 26.07 42.94
CA CYS F 194 -31.20 26.58 42.27
C CYS F 194 -32.37 26.79 43.22
N GLU F 195 -32.13 26.76 44.53
CA GLU F 195 -33.21 26.93 45.49
C GLU F 195 -33.77 28.35 45.47
N ARG F 196 -32.94 29.33 45.11
CA ARG F 196 -33.38 30.73 45.10
C ARG F 196 -34.08 31.12 43.82
N PHE F 197 -34.25 30.20 42.86
CA PHE F 197 -35.08 30.49 41.72
C PHE F 197 -36.54 30.68 42.12
N ALA F 198 -36.94 30.10 43.26
CA ALA F 198 -38.31 30.20 43.74
C ALA F 198 -38.71 31.62 44.12
N LEU F 199 -37.76 32.55 44.17
CA LEU F 199 -38.11 33.94 44.43
C LEU F 199 -38.64 34.65 43.20
N ALA F 200 -38.52 34.05 42.01
CA ALA F 200 -39.23 34.58 40.85
C ALA F 200 -40.73 34.51 41.02
N ASP F 201 -41.21 33.64 41.92
CA ASP F 201 -42.63 33.63 42.27
C ASP F 201 -43.07 35.00 42.75
N ARG F 202 -42.48 35.45 43.86
CA ARG F 202 -42.88 36.72 44.47
C ARG F 202 -42.70 37.89 43.52
N TRP F 203 -41.75 37.79 42.59
CA TRP F 203 -41.35 38.99 41.86
C TRP F 203 -42.39 39.40 40.82
N LEU F 204 -42.98 38.43 40.11
CA LEU F 204 -43.84 38.76 38.98
C LEU F 204 -45.29 38.35 39.17
N LYS F 205 -45.67 37.76 40.30
CA LYS F 205 -47.08 37.76 40.65
C LYS F 205 -47.60 39.18 40.84
N GLU F 206 -46.71 40.13 41.11
CA GLU F 206 -47.11 41.51 41.34
C GLU F 206 -47.51 42.20 40.04
N LYS F 207 -46.94 41.80 38.91
CA LYS F 207 -47.12 42.47 37.63
C LYS F 207 -48.13 41.75 36.75
N SER F 208 -48.82 40.74 37.27
CA SER F 208 -49.91 40.06 36.57
C SER F 208 -49.44 39.46 35.25
N LEU F 209 -48.24 38.88 35.24
CA LEU F 209 -47.73 38.21 34.06
C LEU F 209 -47.52 36.72 34.28
N GLN F 210 -47.87 36.20 35.45
CA GLN F 210 -47.97 34.77 35.70
C GLN F 210 -49.41 34.43 36.06
N LYS F 211 -49.99 33.46 35.37
CA LYS F 211 -51.31 32.96 35.71
C LYS F 211 -51.17 31.56 36.27
N GLU F 212 -51.78 31.34 37.44
CA GLU F 212 -51.69 30.05 38.13
C GLU F 212 -52.98 29.26 37.91
N GLY F 213 -52.94 28.00 38.33
CA GLY F 213 -54.08 27.13 38.20
C GLY F 213 -53.67 25.67 38.11
N PRO F 214 -54.66 24.78 38.12
CA PRO F 214 -54.37 23.34 38.05
C PRO F 214 -54.27 22.84 36.63
N VAL F 215 -53.39 21.85 36.45
CA VAL F 215 -53.32 21.03 35.24
C VAL F 215 -53.30 19.59 35.71
N GLY F 216 -54.40 18.88 35.49
CA GLY F 216 -54.56 17.58 36.12
C GLY F 216 -54.64 17.74 37.62
N HIS F 217 -53.66 17.17 38.34
CA HIS F 217 -53.62 17.28 39.79
C HIS F 217 -52.50 18.20 40.28
N ALA F 218 -51.67 18.73 39.38
CA ALA F 218 -50.50 19.49 39.77
C ALA F 218 -50.80 20.99 39.85
N PHE F 219 -49.92 21.70 40.55
CA PHE F 219 -49.94 23.15 40.60
C PHE F 219 -49.06 23.69 39.46
N ALA F 220 -49.63 24.57 38.65
CA ALA F 220 -48.96 25.01 37.43
C ALA F 220 -48.80 26.52 37.39
N ARG F 221 -47.73 26.96 36.73
CA ARG F 221 -47.41 28.38 36.57
C ARG F 221 -47.05 28.63 35.11
N LEU F 222 -47.86 29.41 34.40
CA LEU F 222 -47.60 29.80 33.03
C LEU F 222 -47.03 31.21 33.01
N ILE F 223 -45.90 31.38 32.33
CA ILE F 223 -45.26 32.68 32.20
C ILE F 223 -44.73 32.85 30.78
N ARG F 224 -44.80 34.08 30.28
CA ARG F 224 -44.25 34.39 28.96
C ARG F 224 -42.73 34.29 29.00
N SER F 225 -42.15 33.54 28.06
CA SER F 225 -40.72 33.25 28.08
C SER F 225 -39.86 34.50 27.97
N ARG F 226 -40.45 35.67 27.74
CA ARG F 226 -39.73 36.92 27.80
C ARG F 226 -40.25 37.84 28.89
N ASP F 227 -41.26 37.39 29.65
CA ASP F 227 -41.58 38.03 30.91
C ASP F 227 -40.61 37.59 32.01
N ILE F 228 -40.05 36.39 31.88
CA ILE F 228 -39.14 35.90 32.90
C ILE F 228 -37.78 36.57 32.78
N VAL F 229 -37.32 36.83 31.55
CA VAL F 229 -36.00 37.43 31.37
C VAL F 229 -36.02 38.89 31.82
N ALA F 230 -36.96 39.67 31.29
CA ALA F 230 -37.01 41.09 31.62
C ALA F 230 -37.21 41.31 33.12
N THR F 231 -37.99 40.43 33.75
CA THR F 231 -38.19 40.54 35.20
C THR F 231 -36.95 40.08 35.96
N ALA F 232 -36.25 39.08 35.44
CA ALA F 232 -35.03 38.63 36.08
C ALA F 232 -33.94 39.69 36.01
N LEU F 233 -33.41 39.95 34.81
CA LEU F 233 -32.35 40.95 34.69
C LEU F 233 -32.81 42.34 35.11
N GLY F 234 -34.11 42.56 35.29
CA GLY F 234 -34.57 43.76 35.96
C GLY F 234 -34.19 43.81 37.43
N GLN F 235 -33.90 42.66 38.04
CA GLN F 235 -33.52 42.59 39.45
C GLN F 235 -32.02 42.40 39.63
N LEU F 236 -31.44 41.33 39.08
CA LEU F 236 -30.00 41.11 39.24
C LEU F 236 -29.16 42.25 38.69
N GLY F 237 -29.72 43.15 37.89
CA GLY F 237 -29.05 44.41 37.63
C GLY F 237 -28.84 45.21 38.89
N ARG F 238 -29.74 45.04 39.87
CA ARG F 238 -29.58 45.64 41.18
C ARG F 238 -28.62 44.83 42.06
N ASP F 239 -28.50 43.53 41.80
CA ASP F 239 -27.58 42.65 42.53
C ASP F 239 -27.40 41.33 41.78
N PRO F 240 -26.29 41.15 41.06
CA PRO F 240 -26.08 39.90 40.32
C PRO F 240 -25.99 38.67 41.20
N LEU F 241 -25.89 38.84 42.52
CA LEU F 241 -25.65 37.74 43.46
C LEU F 241 -26.90 37.40 44.28
N ILE F 242 -28.09 37.57 43.70
CA ILE F 242 -29.31 37.33 44.46
C ILE F 242 -29.77 35.87 44.37
N PHE F 243 -29.51 35.19 43.26
CA PHE F 243 -30.00 33.82 43.07
C PHE F 243 -29.30 32.81 43.95
N LEU F 244 -28.49 33.20 44.92
CA LEU F 244 -27.87 32.25 45.83
C LEU F 244 -27.80 32.87 47.21
N HIS F 245 -27.98 32.02 48.20
CA HIS F 245 -28.27 32.40 49.57
C HIS F 245 -27.03 32.97 50.25
N PRO F 246 -27.22 33.93 51.16
CA PRO F 246 -26.11 34.47 51.94
C PRO F 246 -25.37 33.34 52.65
N PRO F 247 -24.04 33.39 52.69
CA PRO F 247 -23.27 32.24 53.20
C PRO F 247 -23.58 31.85 54.63
N GLU F 248 -24.42 32.62 55.34
CA GLU F 248 -24.72 32.31 56.73
C GLU F 248 -25.54 31.02 56.88
N ALA F 249 -26.23 30.60 55.83
CA ALA F 249 -26.96 29.33 55.87
C ALA F 249 -26.09 28.13 55.56
N GLY F 250 -24.88 28.34 55.06
CA GLY F 250 -23.92 27.26 54.88
C GLY F 250 -24.30 26.22 53.85
N CYS F 251 -24.67 26.65 52.65
CA CYS F 251 -24.92 25.73 51.55
C CYS F 251 -23.60 25.38 50.88
N GLU F 252 -23.42 24.10 50.56
CA GLU F 252 -22.16 23.62 50.00
C GLU F 252 -22.03 23.85 48.51
N GLU F 253 -23.08 24.33 47.84
CA GLU F 253 -23.01 24.55 46.41
C GLU F 253 -22.94 26.02 46.02
N CYS F 254 -23.64 26.89 46.76
CA CYS F 254 -23.62 28.31 46.42
C CYS F 254 -22.30 28.98 46.84
N ASP F 255 -21.75 28.58 48.00
CA ASP F 255 -20.41 28.97 48.38
C ASP F 255 -19.42 28.71 47.24
N ALA F 256 -19.64 27.64 46.47
CA ALA F 256 -18.73 27.31 45.37
C ALA F 256 -18.87 28.30 44.23
N ALA F 257 -20.09 28.68 43.88
CA ALA F 257 -20.28 29.74 42.90
C ALA F 257 -19.73 31.07 43.41
N ARG F 258 -19.87 31.30 44.72
CA ARG F 258 -19.26 32.49 45.33
C ARG F 258 -17.76 32.51 45.12
N GLN F 259 -17.10 31.36 45.27
CA GLN F 259 -15.66 31.27 45.14
C GLN F 259 -15.17 31.60 43.74
N SER F 260 -16.02 31.44 42.73
CA SER F 260 -15.61 31.61 41.35
C SER F 260 -15.60 33.06 40.89
N ILE F 261 -16.10 33.99 41.69
CA ILE F 261 -16.14 35.40 41.31
C ILE F 261 -14.73 35.97 41.20
C11 LLL G . 17.13 -3.82 10.40
O11 LLL G . 15.71 -3.99 10.32
C21 LLL G . 17.47 -2.34 10.38
N21 LLL G . 16.89 -1.64 11.54
C31 LLL G . 16.96 -1.74 9.07
C41 LLL G . 17.53 -2.52 7.90
C51 LLL G . 17.19 -4.00 8.06
O51 LLL G . 17.76 -4.48 9.29
C61 LLL G . 17.76 -4.79 6.90
N61 LLL G . 17.69 -6.24 7.15
C12 LLL G . 13.54 -7.29 11.82
N12 LLL G . 13.08 -8.40 12.67
C22 LLL G . 14.99 -7.51 11.39
C32 LLL G . 15.42 -6.38 10.46
N32 LLL G . 16.78 -6.60 9.97
C42 LLL G . 15.30 -5.05 11.20
C52 LLL G . 13.86 -4.84 11.63
O52 LLL G . 13.75 -3.58 12.32
C62 LLL G . 13.43 -5.97 12.55
O62 LLL G . 12.07 -5.76 12.96
C13 LLL G . 12.03 -4.79 14.03
C23 LLL G . 10.77 -4.99 14.87
O23 LLL G . 10.39 -6.38 14.89
C33 LLL G . 9.64 -4.16 14.31
N33 LLL G . 8.37 -4.47 14.98
C43 LLL G . 9.97 -2.69 14.44
O43 LLL G . 9.50 -2.20 15.69
C53 LLL G . 11.49 -2.51 14.36
O53 LLL G . 12.03 -3.48 13.45
C83 LLL G . 9.33 -1.90 13.30
C93 LLL G . 7.32 -4.69 13.98
ZN ZN H . 25.48 -4.83 12.73
N1 EPE I . 6.12 -7.36 -18.49
C2 EPE I . 6.46 -7.09 -19.89
C3 EPE I . 5.18 -7.03 -20.72
N4 EPE I . 4.47 -8.31 -20.62
C5 EPE I . 4.13 -8.57 -19.21
C6 EPE I . 5.42 -8.64 -18.39
C7 EPE I . 3.24 -8.25 -21.42
C8 EPE I . 2.83 -9.66 -21.83
O8 EPE I . 1.80 -10.13 -20.95
C9 EPE I . 7.36 -7.41 -17.69
C10 EPE I . 7.26 -6.43 -16.53
S EPE I . 7.18 -7.27 -15.10
O1S EPE I . 7.31 -8.71 -15.36
O2S EPE I . 5.88 -7.00 -14.45
O3S EPE I . 8.28 -6.83 -14.20
N1 EPE J . 12.39 -4.44 -1.98
C2 EPE J . 12.30 -3.00 -1.70
C3 EPE J . 13.58 -2.55 -0.99
N4 EPE J . 13.72 -3.29 0.27
C5 EPE J . 13.81 -4.72 -0.01
C6 EPE J . 12.54 -5.18 -0.72
C7 EPE J . 14.96 -2.85 0.95
C8 EPE J . 14.69 -1.53 1.66
O8 EPE J . 14.25 -1.79 3.00
C9 EPE J . 11.15 -4.88 -2.66
C10 EPE J . 11.44 -5.09 -4.14
S EPE J . 10.07 -5.62 -4.90
O1S EPE J . 8.89 -4.92 -4.34
O2S EPE J . 9.92 -7.08 -4.69
O3S EPE J . 10.16 -5.34 -6.35
C1 GOL K . 4.62 -3.36 -2.21
O1 GOL K . 4.29 -3.32 -0.86
C2 GOL K . 5.79 -2.36 -2.43
O2 GOL K . 6.94 -2.74 -1.75
C3 GOL K . 6.01 -2.31 -3.96
O3 GOL K . 6.90 -1.28 -4.21
C1 EDO L . -9.33 -11.17 1.71
O1 EDO L . -9.95 -12.44 1.94
C2 EDO L . -8.72 -11.14 0.31
O2 EDO L . -8.14 -9.86 0.06
C1 EDO M . 26.08 -28.71 -3.43
O1 EDO M . 26.51 -29.69 -4.38
C2 EDO M . 24.57 -28.51 -3.55
O2 EDO M . 23.88 -29.69 -3.12
C1 EDO N . 0.30 -8.53 -12.01
O1 EDO N . 1.15 -9.67 -12.19
C2 EDO N . -0.70 -8.79 -10.88
O2 EDO N . -0.03 -8.82 -9.60
C1 EDO O . -0.52 -17.40 -19.90
O1 EDO O . -0.68 -17.00 -18.53
C2 EDO O . -0.87 -16.23 -20.81
O2 EDO O . -0.03 -15.12 -20.51
C1 EDO P . -7.64 -14.74 7.51
O1 EDO P . -8.04 -13.77 6.54
C2 EDO P . -7.39 -16.08 6.82
O2 EDO P . -8.50 -16.40 5.98
C1 EDO Q . 8.33 -9.49 12.43
O1 EDO Q . 9.69 -9.93 12.44
C2 EDO Q . 8.27 -8.02 12.80
O2 EDO Q . 9.07 -7.27 11.86
C1 EDO R . -5.18 -25.91 13.49
O1 EDO R . -4.92 -26.86 12.47
C2 EDO R . -6.54 -25.27 13.28
O2 EDO R . -6.89 -24.63 14.49
C1 EDO S . 18.25 -32.53 10.11
O1 EDO S . 18.83 -31.96 8.94
C2 EDO S . 17.13 -33.49 9.72
O2 EDO S . 17.63 -34.41 8.75
C1 EDO T . 31.54 -11.22 18.56
O1 EDO T . 30.52 -10.35 18.04
C2 EDO T . 31.61 -12.47 17.70
O2 EDO T . 31.57 -12.10 16.32
C1 EDO U . 2.84 -17.84 22.88
O1 EDO U . 2.53 -16.48 23.15
C2 EDO U . 3.66 -17.94 21.59
O2 EDO U . 4.92 -17.29 21.76
C1 EDO V . 17.00 -29.18 -0.02
O1 EDO V . 15.89 -28.83 -0.85
C2 EDO V . 18.26 -28.51 -0.55
O2 EDO V . 19.37 -28.89 0.25
C11 LLL W . -8.14 17.36 -1.33
O11 LLL W . -7.58 16.16 -1.88
C21 LLL W . -7.10 18.05 -0.47
N21 LLL W . -5.95 18.47 -1.28
C31 LLL W . -6.67 17.13 0.66
C41 LLL W . -7.90 16.67 1.43
C51 LLL W . -8.89 16.05 0.47
O51 LLL W . -9.28 17.02 -0.51
C61 LLL W . -10.13 15.59 1.24
N61 LLL W . -11.24 15.28 0.32
C12 LLL W . -7.36 15.07 -5.96
N12 LLL W . -7.30 15.11 -7.42
C22 LLL W . -8.65 15.70 -5.45
C32 LLL W . -8.71 15.57 -3.93
N32 LLL W . -9.97 16.11 -3.41
C42 LLL W . -7.52 16.28 -3.31
C52 LLL W . -6.23 15.65 -3.82
O52 LLL W . -5.11 16.31 -3.23
C62 LLL W . -6.17 15.77 -5.34
O62 LLL W . -4.95 15.17 -5.81
C13 LLL W . -3.88 16.10 -5.67
C23 LLL W . -2.75 15.76 -6.65
O23 LLL W . -3.29 15.18 -7.85
C33 LLL W . -1.77 14.79 -6.00
N33 LLL W . -0.79 14.31 -6.98
C43 LLL W . -1.09 15.48 -4.83
O43 LLL W . 0.11 16.14 -5.29
C53 LLL W . -2.03 16.52 -4.23
O53 LLL W . -3.38 16.03 -4.32
C83 LLL W . -0.73 14.44 -3.77
C93 LLL W . -0.81 12.85 -7.01
ZN ZN X . -13.18 24.39 -0.08
N1 EPE Y . -15.28 -12.43 8.43
C2 EPE Y . -14.55 -13.37 7.54
C3 EPE Y . -15.19 -14.74 7.65
N4 EPE Y . -15.11 -15.22 9.03
C5 EPE Y . -15.83 -14.30 9.91
C6 EPE Y . -15.20 -12.91 9.81
C7 EPE Y . -15.72 -16.56 9.12
C8 EPE Y . -17.22 -16.44 8.96
O8 EPE Y . -17.63 -17.08 7.74
C9 EPE Y . -14.66 -11.10 8.34
C10 EPE Y . -14.51 -10.71 6.87
S EPE Y . -14.51 -9.05 6.74
O1S EPE Y . -14.62 -8.45 8.09
O2S EPE Y . -15.67 -8.63 5.93
O3S EPE Y . -13.26 -8.60 6.09
N1 EPE Z . -10.67 4.61 3.75
C2 EPE Z . -9.34 4.76 4.36
C3 EPE Z . -9.23 6.14 5.01
N4 EPE Z . -9.43 7.17 3.99
C5 EPE Z . -10.76 7.03 3.39
C6 EPE Z . -10.86 5.65 2.74
C7 EPE Z . -9.32 8.50 4.62
C8 EPE Z . -9.25 9.57 3.54
O8 EPE Z . -8.14 10.44 3.80
C9 EPE Z . -10.77 3.28 3.12
C10 EPE Z . -11.32 2.28 4.13
S EPE Z . -10.92 0.74 3.64
O1S EPE Z . -11.51 0.47 2.32
O2S EPE Z . -11.45 -0.24 4.63
O3S EPE Z . -9.45 0.61 3.56
C1 GOL AA . -0.49 -3.40 -17.05
O1 GOL AA . 0.47 -3.59 -16.05
C2 GOL AA . -1.52 -4.55 -16.90
O2 GOL AA . -2.46 -4.53 -17.91
C3 GOL AA . -0.67 -5.85 -16.87
O3 GOL AA . -1.57 -6.93 -16.85
C1 EDO BA . -1.96 -1.44 -21.02
O1 EDO BA . -0.94 -0.47 -20.69
C2 EDO BA . -1.49 -2.83 -20.62
O2 EDO BA . -2.58 -3.75 -20.70
C1 EDO CA . -18.65 31.41 -6.37
O1 EDO CA . -19.86 30.95 -6.98
C2 EDO CA . -18.02 30.28 -5.58
O2 EDO CA . -19.00 29.69 -4.72
C1 EDO DA . -13.20 -16.78 -1.28
O1 EDO DA . -13.37 -15.38 -1.49
C2 EDO DA . -13.46 -17.54 -2.56
O2 EDO DA . -12.55 -17.11 -3.58
C1 EDO EA . -16.68 -16.94 -5.26
O1 EDO EA . -17.43 -18.14 -5.48
C2 EDO EA . -15.59 -16.81 -6.31
O2 EDO EA . -16.18 -16.59 -7.60
C1 EDO FA . -18.15 -13.98 -14.78
O1 EDO FA . -19.17 -13.35 -13.99
C2 EDO FA . -17.14 -12.93 -15.23
O2 EDO FA . -16.49 -12.34 -14.09
C1 EDO GA . -23.94 -10.26 -19.23
O1 EDO GA . -22.52 -10.49 -19.20
C2 EDO GA . -24.45 -10.32 -20.66
O2 EDO GA . -25.86 -10.09 -20.68
C1 EDO HA . -5.88 12.52 -9.19
O1 EDO HA . -6.79 12.53 -8.08
C2 EDO HA . -4.88 11.40 -9.03
O2 EDO HA . -4.03 11.65 -7.91
C1 EDO IA . -24.64 -1.61 -21.88
O1 EDO IA . -24.76 -0.36 -21.20
C2 EDO IA . -25.29 -2.71 -21.03
O2 EDO IA . -25.36 -3.92 -21.79
O40 PE3 JA . -30.34 8.75 2.86
C39 PE3 JA . -29.36 9.63 3.39
C38 PE3 JA . -28.68 10.31 2.25
O37 PE3 JA . -29.57 10.63 1.19
C36 PE3 JA . -28.89 10.87 -0.01
C35 PE3 JA . -27.85 11.86 0.28
O34 PE3 JA . -28.37 13.01 -0.23
C33 PE3 JA . -28.34 14.03 0.73
C32 PE3 JA . -28.84 15.26 0.04
O31 PE3 JA . -30.13 14.97 -0.45
C30 PE3 JA . -30.94 16.09 -0.27
C29 PE3 JA . -31.97 16.04 -1.35
O28 PE3 JA . -33.12 15.36 -0.92
C27 PE3 JA . -34.06 15.36 -1.97
C26 PE3 JA . -34.88 14.10 -2.04
O25 PE3 JA . -34.74 13.29 -0.87
C11 LLL KA . -25.86 -12.07 34.85
O11 LLL KA . -27.08 -11.41 34.47
C21 LLL KA . -24.81 -11.03 35.20
N21 LLL KA . -25.22 -10.22 36.35
C31 LLL KA . -24.53 -10.16 33.98
C41 LLL KA . -24.17 -11.06 32.80
C51 LLL KA . -25.27 -12.08 32.58
O51 LLL KA . -25.40 -12.89 33.76
C61 LLL KA . -24.90 -12.98 31.39
N61 LLL KA . -24.64 -12.18 30.19
C12 LLL KA . -31.07 -12.69 34.93
N12 LLL KA . -32.27 -13.44 35.34
C22 LLL KA . -30.12 -13.58 34.14
C32 LLL KA . -28.93 -12.76 33.69
N32 LLL KA . -28.01 -13.56 32.87
C42 LLL KA . -28.20 -12.18 34.90
C52 LLL KA . -29.15 -11.31 35.69
O52 LLL KA . -28.47 -10.77 36.83
C62 LLL KA . -30.35 -12.13 36.15
O62 LLL KA . -31.25 -11.29 36.89
C13 LLL KA . -30.82 -11.22 38.26
C23 LLL KA . -31.98 -10.83 39.17
O23 LLL KA . -33.22 -11.32 38.64
C33 LLL KA . -32.04 -9.32 39.29
N33 LLL KA . -33.26 -8.90 40.01
C43 LLL KA . -30.80 -8.82 40.00
O43 LLL KA . -31.03 -8.78 41.41
C53 LLL KA . -29.63 -9.76 39.70
O53 LLL KA . -29.75 -10.25 38.36
C83 LLL KA . -30.45 -7.41 39.51
C93 LLL KA . -33.98 -7.91 39.19
ZN ZN LA . -21.19 -19.89 34.10
N1 EPE MA . -26.79 -3.35 25.62
C2 EPE MA . -27.25 -4.71 25.95
C3 EPE MA . -26.81 -5.07 27.36
N4 EPE MA . -25.35 -5.02 27.45
C5 EPE MA . -24.89 -3.65 27.12
C6 EPE MA . -25.33 -3.30 25.71
C7 EPE MA . -24.93 -5.36 28.81
C8 EPE MA . -25.40 -6.77 29.15
O8 EPE MA . -24.70 -7.72 28.37
C9 EPE MA . -27.21 -3.01 24.25
C10 EPE MA . -27.67 -1.55 24.22
S EPE MA . -28.68 -1.33 22.92
O1S EPE MA . -29.71 -0.33 23.26
O2S EPE MA . -29.33 -2.61 22.57
O3S EPE MA . -27.89 -0.85 21.76
N1 EPE NA . -30.17 7.90 11.50
C2 EPE NA . -31.46 8.00 10.78
C3 EPE NA . -31.39 9.10 9.73
N4 EPE NA . -31.30 10.41 10.38
C5 EPE NA . -30.56 10.32 11.65
C6 EPE NA . -29.52 9.21 11.58
C7 EPE NA . -30.59 11.35 9.49
C8 EPE NA . -30.30 12.65 10.23
O8 EPE NA . -28.95 13.05 9.97
C9 EPE NA . -30.42 7.39 12.86
C10 EPE NA . -29.24 6.51 13.29
S EPE NA . -29.78 5.32 14.30
O1S EPE NA . -30.49 4.30 13.51
O2S EPE NA . -30.70 5.90 15.30
O3S EPE NA . -28.63 4.70 14.99
C1 GOL OA . -36.43 7.50 16.33
O1 GOL OA . -36.54 6.15 16.63
C2 GOL OA . -35.87 8.20 17.59
O2 GOL OA . -35.43 9.47 17.33
C3 GOL OA . -37.06 8.19 18.59
O3 GOL OA . -37.11 6.92 19.17
C1 EDO PA . -23.60 -15.52 16.00
O1 EDO PA . -23.34 -15.34 17.40
C2 EDO PA . -22.57 -14.74 15.19
O2 EDO PA . -22.87 -14.86 13.79
C1 EDO QA . -33.21 -1.19 -2.41
O1 EDO QA . -33.33 -0.12 -1.46
C2 EDO QA . -32.24 -0.78 -3.50
O2 EDO QA . -32.62 0.52 -3.96
C1 EDO RA . -35.54 -9.86 35.65
O1 EDO RA . -36.84 -10.35 35.33
C2 EDO RA . -34.55 -11.02 35.66
O2 EDO RA . -34.57 -11.66 34.37
C1 EDO SA . -47.98 0.22 8.57
O1 EDO SA . -47.93 -0.88 7.65
C2 EDO SA . -47.82 -0.30 10.00
O2 EDO SA . -46.91 0.54 10.72
C1 EDO TA . -58.67 -4.17 20.11
O1 EDO TA . -59.66 -4.22 21.13
C2 EDO TA . -58.19 -5.58 19.79
O2 EDO TA . -58.80 -6.04 18.59
C1 EDO UA . -53.11 6.54 23.55
O1 EDO UA . -52.84 7.84 24.09
C2 EDO UA . -54.59 6.43 23.22
O2 EDO UA . -54.88 5.10 22.77
C1 EDO VA . -22.23 -29.31 33.47
O1 EDO VA . -21.67 -28.47 34.50
C2 EDO VA . -23.02 -30.44 34.12
O2 EDO VA . -23.64 -31.23 33.08
C1 EDO WA . -31.58 -8.18 34.55
O1 EDO WA . -31.61 -6.99 35.36
C2 EDO WA . -31.34 -7.80 33.09
O2 EDO WA . -31.20 -8.98 32.30
C1 EDO XA . -40.59 -20.38 13.22
O1 EDO XA . -39.55 -19.40 13.39
C2 EDO XA . -40.17 -21.35 12.13
O2 EDO XA . -38.84 -21.80 12.39
O43 PE3 YA . -52.32 -20.61 34.55
C42 PE3 YA . -51.33 -21.50 35.07
C41 PE3 YA . -50.31 -21.82 33.98
O40 PE3 YA . -51.00 -22.44 32.88
C39 PE3 YA . -49.98 -22.70 31.92
C38 PE3 YA . -50.53 -23.37 30.68
O37 PE3 YA . -49.38 -23.55 29.89
C36 PE3 YA . -49.71 -24.25 28.69
C35 PE3 YA . -48.44 -24.39 27.88
O34 PE3 YA . -48.75 -25.11 26.69
C11 LLL ZA . 20.00 4.27 -37.62
O11 LLL ZA . 21.43 4.18 -37.71
C21 LLL ZA . 19.62 5.31 -36.58
N21 LLL ZA . 20.10 6.65 -36.97
C31 LLL ZA . 20.18 4.90 -35.23
C41 LLL ZA . 19.72 3.49 -34.91
C51 LLL ZA . 20.10 2.55 -36.04
O51 LLL ZA . 19.46 2.99 -37.25
C61 LLL ZA . 19.63 1.13 -35.71
N61 LLL ZA . 20.18 0.68 -34.43
C12 LLL ZA . 23.50 2.09 -40.74
N12 LLL ZA . 23.94 1.57 -42.04
C22 LLL ZA . 22.05 1.71 -40.46
C32 LLL ZA . 21.66 2.20 -39.08
N32 LLL ZA . 20.28 1.80 -38.76
C42 LLL ZA . 21.80 3.72 -39.02
C52 LLL ZA . 23.25 4.09 -39.30
O52 LLL ZA . 23.39 5.52 -39.23
C62 LLL ZA . 23.65 3.61 -40.67
O62 LLL ZA . 25.02 3.96 -40.93
C13 LLL ZA . 25.09 5.33 -41.37
C23 LLL ZA . 26.33 5.54 -42.24
O23 LLL ZA . 26.65 4.34 -42.96
C33 LLL ZA . 27.50 5.95 -41.37
N33 LLL ZA . 28.75 5.99 -42.15
C43 LLL ZA . 27.21 7.30 -40.73
O43 LLL ZA . 27.69 8.35 -41.59
C53 LLL ZA . 25.70 7.45 -40.53
O53 LLL ZA . 25.14 6.17 -40.20
C83 LLL ZA . 27.91 7.39 -39.37
C93 LLL ZA . 29.75 5.14 -41.50
ZN ZN AB . 11.57 5.84 -40.34
N1 EPE BB . 30.57 -10.22 -12.56
C2 EPE BB . 30.41 -9.50 -11.30
C3 EPE BB . 31.47 -9.98 -10.30
N4 EPE BB . 31.30 -11.42 -10.07
C5 EPE BB . 31.47 -12.14 -11.34
C6 EPE BB . 30.41 -11.66 -12.34
C7 EPE BB . 32.32 -11.87 -9.11
C8 EPE BB . 31.69 -12.02 -7.74
O8 EPE BB . 32.14 -13.25 -7.14
C9 EPE BB . 29.56 -9.75 -13.52
C10 EPE BB . 30.24 -9.22 -14.77
S EPE BB . 29.09 -8.69 -15.84
O1S EPE BB . 28.53 -9.85 -16.58
O2S EPE BB . 28.01 -8.00 -15.11
O3S EPE BB . 29.71 -7.75 -16.81
N1 EPE CB . 24.52 -0.34 -26.85
C2 EPE CB . 23.66 -0.56 -28.02
C3 EPE CB . 23.47 0.75 -28.77
N4 EPE CB . 22.85 1.74 -27.88
C5 EPE CB . 23.70 1.96 -26.71
C6 EPE CB . 23.89 0.65 -25.96
C7 EPE CB . 22.66 3.01 -28.60
C8 EPE CB . 21.57 2.84 -29.64
O8 EPE CB . 22.14 2.90 -30.95
C9 EPE CB . 24.70 -1.61 -26.14
C10 EPE CB . 25.86 -1.47 -25.14
S EPE CB . 26.48 -2.98 -24.82
O1S EPE CB . 25.96 -3.47 -23.53
O2S EPE CB . 26.09 -3.92 -25.90
O3S EPE CB . 27.96 -2.89 -24.76
C1 GOL DB . 43.88 -8.78 -38.91
O1 GOL DB . 42.95 -8.14 -39.72
C2 GOL DB . 43.43 -10.26 -38.82
O2 GOL DB . 43.24 -10.84 -40.06
C3 GOL DB . 44.55 -10.96 -38.00
O3 GOL DB . 45.72 -10.83 -38.74
C1 GOL EB . 10.43 -8.35 -26.05
O1 GOL EB . 10.53 -9.45 -25.21
C2 GOL EB . 10.10 -8.89 -27.47
O2 GOL EB . 8.92 -9.61 -27.50
C3 GOL EB . 10.04 -7.63 -28.38
O3 GOL EB . 11.27 -6.97 -28.24
C1 EDO FB . 31.66 0.91 -25.93
O1 EDO FB . 30.27 0.60 -25.81
C2 EDO FB . 32.39 -0.27 -26.58
O2 EDO FB . 31.91 -0.47 -27.92
C1 EDO GB . 16.76 -27.17 -32.16
O1 EDO GB . 15.79 -26.37 -31.46
C2 EDO GB . 17.61 -27.95 -31.15
O2 EDO GB . 18.17 -29.10 -31.79
C1 EDO HB . 35.75 -9.39 -18.95
O1 EDO HB . 34.81 -10.32 -19.51
C2 EDO HB . 36.93 -9.22 -19.90
O2 EDO HB . 36.47 -8.71 -21.16
C1 EDO IB . 38.86 -17.38 -18.77
O1 EDO IB . 39.09 -17.09 -20.15
C2 EDO IB . 38.12 -16.22 -18.11
O2 EDO IB . 36.87 -16.02 -18.79
C1 EDO JB . 28.66 1.25 -41.74
O1 EDO JB . 28.58 1.81 -40.42
C2 EDO JB . 27.80 -0.01 -41.81
O2 EDO JB . 26.46 0.32 -41.44
C1 EDO KB . 14.69 -28.45 -21.33
O1 EDO KB . 15.13 -27.33 -22.11
C2 EDO KB . 14.67 -28.05 -19.86
O2 EDO KB . 14.24 -29.16 -19.06
C1 EDO LB . 25.84 2.63 -36.40
O1 EDO LB . 25.76 1.20 -36.49
C2 EDO LB . 26.85 3.15 -37.40
O2 EDO LB . 27.79 4.00 -36.74
C1 EDO MB . 1.44 -11.35 -44.44
O1 EDO MB . 1.48 -10.58 -43.23
C2 EDO MB . 1.79 -12.81 -44.17
O2 EDO MB . 1.03 -13.33 -43.07
O40 PE3 NB . 8.86 -11.73 -31.09
C39 PE3 NB . 8.76 -10.37 -31.56
C38 PE3 NB . 7.31 -9.94 -31.55
O37 PE3 NB . 6.61 -10.81 -32.43
C36 PE3 NB . 5.21 -10.53 -32.42
C35 PE3 NB . 4.60 -11.57 -33.33
O34 PE3 NB . 3.16 -11.47 -33.40
C33 PE3 NB . 2.66 -12.55 -34.22
C32 PE3 NB . 3.22 -13.83 -33.59
O31 PE3 NB . 2.85 -15.06 -34.23
C30 PE3 NB . 3.63 -16.08 -33.58
C29 PE3 NB . 3.35 -17.47 -34.12
O28 PE3 NB . 4.20 -18.44 -33.49
C27 PE3 NB . 4.09 -18.50 -32.06
C26 PE3 NB . 5.10 -19.55 -31.61
O25 PE3 NB . 5.09 -19.72 -30.20
C11 LLL OB . 46.84 17.19 -20.00
O11 LLL OB . 45.89 16.15 -19.68
C21 LLL OB . 46.31 18.05 -21.13
N21 LLL OB . 45.06 18.73 -20.74
C31 LLL OB . 46.08 17.18 -22.36
C41 LLL OB . 47.37 16.43 -22.70
C51 LLL OB . 47.84 15.67 -21.48
O51 LLL OB . 48.08 16.58 -20.40
C61 LLL OB . 49.13 14.92 -21.81
N61 LLL OB . 49.62 14.16 -20.65
C12 LLL OB . 45.75 14.09 -16.01
N12 LLL OB . 45.74 13.77 -14.57
C22 LLL OB . 47.06 14.77 -16.40
C32 LLL OB . 47.06 15.02 -17.90
N32 LLL OB . 48.33 15.62 -18.34
C42 LLL OB . 45.88 15.92 -18.27
C52 LLL OB . 44.58 15.25 -17.87
O52 LLL OB . 43.48 16.10 -18.21
C62 LLL OB . 44.58 15.00 -16.37
O62 LLL OB . 43.35 14.35 -16.00
C13 LLL OB . 42.31 15.34 -15.87
C23 LLL OB . 41.22 14.84 -14.93
O23 LLL OB . 41.77 13.97 -13.92
C33 LLL OB . 40.17 14.09 -15.73
N33 LLL OB . 39.20 13.43 -14.84
C43 LLL OB . 39.47 15.04 -16.68
O43 LLL OB . 38.33 15.63 -16.03
C53 LLL OB . 40.44 16.15 -17.09
O53 LLL OB . 41.77 15.60 -17.18
C83 LLL OB . 39.01 14.29 -17.93
C93 LLL OB . 39.01 12.03 -15.25
ZN ZN PB . 52.73 24.02 -18.42
N1 EPE QB . 50.94 -6.69 -39.31
C2 EPE QB . 50.74 -6.40 -40.74
C3 EPE QB . 50.38 -7.70 -41.47
N4 EPE QB . 51.48 -8.67 -41.31
C5 EPE QB . 51.68 -8.95 -39.89
C6 EPE QB . 52.03 -7.65 -39.15
C7 EPE QB . 51.14 -9.91 -42.01
C8 EPE QB . 52.06 -10.07 -43.22
O8 EPE QB . 52.16 -8.82 -43.91
C9 EPE QB . 51.27 -5.44 -38.62
C10 EPE QB . 50.39 -5.29 -37.38
S EPE QB . 50.87 -3.95 -36.52
O1S EPE QB . 49.69 -3.34 -35.88
O2S EPE QB . 51.84 -4.36 -35.48
O3S EPE QB . 51.50 -2.98 -37.43
N1 EPE RB . 48.36 7.82 -28.55
C2 EPE RB . 47.07 8.47 -28.30
C3 EPE RB . 47.25 9.98 -28.25
N4 EPE RB . 48.20 10.32 -27.18
C5 EPE RB . 49.49 9.67 -27.43
C6 EPE RB . 49.29 8.16 -27.47
C7 EPE RB . 48.38 11.78 -27.13
C8 EPE RB . 47.05 12.47 -27.39
O8 EPE RB . 47.13 13.22 -28.61
C9 EPE RB . 48.16 6.36 -28.59
C10 EPE RB . 48.26 5.88 -30.04
S EPE RB . 48.04 4.23 -30.09
O1S EPE RB . 48.75 3.61 -28.95
O2S EPE RB . 46.59 3.92 -29.99
O3S EPE RB . 48.58 3.71 -31.36
C1 EDO SB . 37.49 -8.73 -12.53
O1 EDO SB . 38.22 -9.57 -13.43
C2 EDO SB . 37.90 -7.28 -12.75
O2 EDO SB . 37.15 -6.42 -11.88
C1 EDO TB . 56.56 6.59 -38.73
O1 EDO TB . 55.72 6.22 -37.62
C2 EDO TB . 56.82 5.35 -39.60
O2 EDO TB . 55.58 4.86 -40.12
C1 EDO UB . 53.84 -17.03 -34.17
O1 EDO UB . 53.85 -17.06 -32.74
C2 EDO UB . 52.61 -16.27 -34.64
O2 EDO UB . 52.69 -16.07 -36.06
C1 EDO VB . 42.25 10.05 -14.59
O1 EDO VB . 42.62 11.26 -15.25
C2 EDO VB . 43.28 9.76 -13.49
O2 EDO VB . 44.59 9.91 -14.03
C11 LLL WB . -28.17 20.99 41.87
O11 LLL WB . -28.37 20.29 40.63
C21 LLL WB . -27.55 20.05 42.89
N21 LLL WB . -26.23 19.59 42.44
C31 LLL WB . -28.48 18.86 43.12
C41 LLL WB . -29.86 19.36 43.51
C51 LLL WB . -30.36 20.34 42.45
O51 LLL WB . -29.45 21.45 42.36
C61 LLL WB . -31.74 20.86 42.85
N61 LLL WB . -32.24 21.84 41.87
C12 LLL WB . -28.16 21.84 36.71
N12 LLL WB . -27.86 22.69 35.54
C22 LLL WB . -28.97 22.61 37.74
C32 LLL WB . -29.32 21.68 38.89
N32 LLL WB . -30.16 22.37 39.89
C42 LLL WB . -28.05 21.17 39.54
C52 LLL WB . -27.23 20.40 38.51
O52 LLL WB . -26.03 19.92 39.11
C62 LLL WB . -26.89 21.33 37.34
O62 LLL WB . -26.12 20.61 36.37
C13 LLL WB . -24.73 20.61 36.74
C23 LLL WB . -23.87 20.35 35.52
O23 LLL WB . -24.11 21.38 34.55
C33 LLL WB . -24.23 18.99 34.92
N33 LLL WB . -23.36 18.69 33.78
C43 LLL WB . -24.11 17.93 36.00
O43 LLL WB . -22.74 17.80 36.40
C53 LLL WB . -24.95 18.32 37.20
O53 LLL WB . -24.50 19.58 37.72
C83 LLL WB . -24.60 16.59 35.45
C93 LLL WB . -24.10 17.82 32.84
ZN ZN XB . -27.44 27.62 48.13
N1 EPE YB . -54.39 4.85 34.89
C2 EPE YB . -55.08 4.03 35.89
C3 EPE YB . -55.88 2.95 35.20
N4 EPE YB . -56.88 3.57 34.30
C5 EPE YB . -56.19 4.38 33.30
C6 EPE YB . -55.39 5.47 34.00
C7 EPE YB . -57.66 2.52 33.63
C8 EPE YB . -56.74 1.36 33.27
O8 EPE YB . -57.52 0.31 32.68
C9 EPE YB . -53.62 5.90 35.56
C10 EPE YB . -52.14 5.71 35.25
S EPE YB . -51.32 7.11 35.63
O1S EPE YB . -51.97 8.26 34.97
O2S EPE YB . -51.33 7.31 37.09
O3S EPE YB . -49.92 7.00 35.16
N1 EPE ZB . -39.20 13.43 39.77
C2 EPE ZB . -38.21 12.50 40.35
C3 EPE ZB . -37.62 13.09 41.62
N4 EPE ZB . -36.96 14.36 41.31
C5 EPE ZB . -37.95 15.29 40.74
C6 EPE ZB . -38.53 14.70 39.47
C7 EPE ZB . -36.40 14.93 42.54
C8 EPE ZB . -35.35 13.98 43.10
O8 EPE ZB . -34.06 14.34 42.58
C9 EPE ZB . -39.77 12.86 38.54
C10 EPE ZB . -41.14 12.27 38.84
S EPE ZB . -41.79 11.64 37.45
O1S EPE ZB . -42.34 12.74 36.62
O2S EPE ZB . -42.86 10.69 37.80
O3S EPE ZB . -40.72 10.93 36.70
C1 EDO AC . -57.43 32.58 29.12
O1 EDO AC . -56.43 33.37 28.47
C2 EDO AC . -58.75 32.70 28.37
O2 EDO AC . -58.59 32.23 27.03
#